data_1NWU
#
_entry.id   1NWU
#
_cell.length_a   128.712
_cell.length_b   128.712
_cell.length_c   108.838
_cell.angle_alpha   90.00
_cell.angle_beta   90.00
_cell.angle_gamma   90.00
#
_symmetry.space_group_name_H-M   'P 43'
#
loop_
_entity.id
_entity.type
_entity.pdbx_description
1 polymer 'Chitinase-3 like protein 1'
2 branched 2-acetamido-2-deoxy-beta-D-glucopyranose-(1-4)-2-acetamido-2-deoxy-beta-D-glucopyranose
3 branched 2-acetamido-2-deoxy-alpha-D-glucopyranose-(1-4)-2-acetamido-2-deoxy-beta-D-glucopyranose-(1-4)-2-acetamido-2-deoxy-beta-D-glucopyranose-(1-4)-2-acetamido-2-deoxy-beta-D-glucopyranose
4 branched 2-acetamido-2-deoxy-alpha-D-glucopyranose-(1-4)-2-acetamido-2-deoxy-beta-D-glucopyranose-(1-4)-2-acetamido-2-deoxy-beta-D-glucopyranose-(1-4)-2-acetamido-2-deoxy-alpha-D-glucopyranose
5 water water
#
_entity_poly.entity_id   1
_entity_poly.type   'polypeptide(L)'
_entity_poly.pdbx_seq_one_letter_code
;YKLVCYYTSWSQYREGDGSCFPDALDRFLCTHIIYSFANISNDHIDTWEWNDVTLYGMLNTLKNRNPNLKTLLSVGGWNF
GSQRFSKIASNTQSRRTFIKSVPPFLRTHGFDGLDLAWLYPGRRDKQHFTTLIKEMKAEFIKEAQPGKKQLLLSAALSAG
KVTIDSSYDIAKISQHLDFISIMTYDFHGAWRGTTGHHSPLFRGQEDASPDRFSNTDYAVGYMLRLGAPASKLVMGIPTF
GRSFTLASSETGVGAPISGPGIPGRFTKEAGTLAYYEICDFLRGATVHRILGQQVPYATKGNQWVGYDDQESVKSKVQYL
KDRQLAGAMVWALDLDDFQGSFCGQDLRFPLTNAIKDALAAT
;
_entity_poly.pdbx_strand_id   A,B,C,D
#
loop_
_chem_comp.id
_chem_comp.type
_chem_comp.name
_chem_comp.formula
NAG D-saccharide, beta linking 2-acetamido-2-deoxy-beta-D-glucopyranose 'C8 H15 N O6'
NDG D-saccharide, alpha linking 2-acetamido-2-deoxy-alpha-D-glucopyranose 'C8 H15 N O6'
#
# COMPACT_ATOMS: atom_id res chain seq x y z
N TYR A 1 21.86 45.38 -17.04
CA TYR A 1 23.18 45.33 -16.35
C TYR A 1 23.53 43.91 -15.93
N LYS A 2 24.81 43.65 -15.71
CA LYS A 2 25.26 42.33 -15.26
C LYS A 2 25.27 42.34 -13.74
N LEU A 3 24.86 41.22 -13.15
CA LEU A 3 24.90 41.07 -11.70
C LEU A 3 25.66 39.77 -11.50
N VAL A 4 26.97 39.89 -11.36
CA VAL A 4 27.89 38.76 -11.20
C VAL A 4 28.05 38.40 -9.72
N CYS A 5 27.63 37.19 -9.37
CA CYS A 5 27.70 36.75 -7.98
C CYS A 5 28.56 35.50 -7.76
N TYR A 6 29.42 35.56 -6.75
CA TYR A 6 30.29 34.45 -6.41
C TYR A 6 29.69 33.51 -5.38
N TYR A 7 30.03 32.24 -5.51
CA TYR A 7 29.60 31.21 -4.57
C TYR A 7 30.89 30.50 -4.22
N THR A 8 31.15 30.31 -2.93
CA THR A 8 32.38 29.65 -2.49
C THR A 8 32.10 28.20 -2.11
N SER A 9 32.95 27.30 -2.57
CA SER A 9 32.80 25.87 -2.29
C SER A 9 33.05 25.48 -0.85
N TRP A 10 33.64 26.36 -0.06
CA TRP A 10 33.90 26.03 1.34
C TRP A 10 32.80 26.45 2.31
N SER A 11 31.81 27.21 1.81
CA SER A 11 30.71 27.65 2.66
C SER A 11 29.85 26.46 3.09
N GLN A 12 29.99 25.35 2.36
CA GLN A 12 29.22 24.15 2.66
C GLN A 12 29.57 23.56 4.04
N TYR A 13 30.82 23.74 4.44
CA TYR A 13 31.30 23.20 5.71
C TYR A 13 30.93 23.99 6.97
N ARG A 14 30.31 25.15 6.81
CA ARG A 14 29.95 25.95 7.97
C ARG A 14 28.84 25.32 8.81
N GLU A 15 28.99 25.42 10.13
CA GLU A 15 28.03 24.86 11.07
C GLU A 15 26.62 25.39 10.91
N GLY A 16 25.65 24.59 11.34
CA GLY A 16 24.25 24.97 11.29
C GLY A 16 23.75 25.70 10.06
N ASP A 17 23.00 26.76 10.30
CA ASP A 17 22.43 27.57 9.23
C ASP A 17 23.47 28.26 8.38
N GLY A 18 24.74 28.15 8.78
CA GLY A 18 25.81 28.76 8.03
C GLY A 18 26.14 27.97 6.77
N SER A 19 25.88 26.67 6.80
CA SER A 19 26.17 25.81 5.66
C SER A 19 25.37 26.25 4.44
N CYS A 20 26.06 26.46 3.34
CA CYS A 20 25.41 26.89 2.11
C CYS A 20 25.80 26.01 0.93
N PHE A 21 24.79 25.45 0.26
CA PHE A 21 25.02 24.61 -0.92
C PHE A 21 24.36 25.32 -2.09
N PRO A 22 24.85 25.09 -3.32
CA PRO A 22 24.32 25.70 -4.53
C PRO A 22 22.80 25.68 -4.67
N ASP A 23 22.16 24.60 -4.24
CA ASP A 23 20.72 24.48 -4.34
C ASP A 23 19.97 25.50 -3.48
N ALA A 24 20.67 26.14 -2.56
CA ALA A 24 20.05 27.13 -1.71
C ALA A 24 20.06 28.51 -2.37
N LEU A 25 20.61 28.60 -3.58
CA LEU A 25 20.69 29.86 -4.32
C LEU A 25 19.45 30.13 -5.17
N ASP A 26 19.10 31.42 -5.27
CA ASP A 26 17.94 31.85 -6.06
C ASP A 26 18.38 31.96 -7.52
N ARG A 27 17.87 31.07 -8.37
CA ARG A 27 18.24 31.06 -9.78
C ARG A 27 17.93 32.33 -10.55
N PHE A 28 17.04 33.17 -10.03
CA PHE A 28 16.68 34.40 -10.72
C PHE A 28 17.35 35.65 -10.13
N LEU A 29 18.14 35.46 -9.08
CA LEU A 29 18.81 36.57 -8.41
C LEU A 29 19.89 37.29 -9.25
N CYS A 30 20.84 36.54 -9.77
CA CYS A 30 21.96 37.09 -10.56
C CYS A 30 21.88 36.75 -12.05
N THR A 31 22.70 37.42 -12.85
CA THR A 31 22.75 37.13 -14.28
C THR A 31 23.91 36.16 -14.52
N HIS A 32 24.87 36.15 -13.59
CA HIS A 32 26.04 35.27 -13.67
C HIS A 32 26.40 34.77 -12.27
N ILE A 33 26.62 33.46 -12.13
CA ILE A 33 27.05 32.93 -10.85
C ILE A 33 28.40 32.30 -11.09
N ILE A 34 29.38 32.66 -10.27
CA ILE A 34 30.71 32.11 -10.44
C ILE A 34 31.08 31.19 -9.30
N TYR A 35 31.50 29.97 -9.64
CA TYR A 35 31.89 28.97 -8.66
C TYR A 35 33.36 29.18 -8.29
N SER A 36 33.65 29.26 -7.00
CA SER A 36 35.01 29.47 -6.49
C SER A 36 35.41 28.40 -5.49
N PHE A 37 36.57 27.76 -5.68
CA PHE A 37 37.49 27.99 -6.80
C PHE A 37 37.93 26.65 -7.38
N ALA A 38 38.45 26.67 -8.60
CA ALA A 38 38.96 25.47 -9.24
C ALA A 38 40.46 25.49 -8.95
N ASN A 39 41.09 24.31 -8.96
CA ASN A 39 42.52 24.23 -8.71
C ASN A 39 43.24 23.99 -10.04
N ILE A 40 44.57 23.90 -9.99
CA ILE A 40 45.38 23.61 -11.17
C ILE A 40 46.41 22.57 -10.78
N SER A 41 46.27 21.36 -11.30
CA SER A 41 47.20 20.25 -11.02
C SER A 41 47.79 19.70 -12.30
N ASN A 42 49.11 19.51 -12.29
CA ASN A 42 49.82 19.00 -13.45
C ASN A 42 49.53 19.89 -14.65
N ASP A 43 49.39 21.18 -14.37
CA ASP A 43 49.12 22.16 -15.40
C ASP A 43 47.74 22.00 -16.03
N HIS A 44 46.86 21.28 -15.35
CA HIS A 44 45.49 21.08 -15.82
C HIS A 44 44.53 21.71 -14.82
N ILE A 45 43.43 22.29 -15.31
CA ILE A 45 42.44 22.84 -14.40
C ILE A 45 41.81 21.59 -13.79
N ASP A 46 41.48 21.64 -12.50
CA ASP A 46 40.91 20.47 -11.85
C ASP A 46 40.05 20.86 -10.66
N THR A 47 39.29 19.91 -10.13
CA THR A 47 38.43 20.18 -8.98
C THR A 47 39.28 20.47 -7.75
N TRP A 48 38.66 21.07 -6.74
CA TRP A 48 39.35 21.43 -5.51
C TRP A 48 38.78 20.61 -4.36
N GLU A 49 37.48 20.72 -4.18
CA GLU A 49 36.78 20.00 -3.12
C GLU A 49 36.45 18.58 -3.58
N TRP A 50 36.35 17.67 -2.63
CA TRP A 50 36.07 16.27 -2.93
C TRP A 50 34.74 16.10 -3.67
N ASN A 51 33.76 16.94 -3.36
CA ASN A 51 32.44 16.84 -3.98
C ASN A 51 32.10 17.92 -5.01
N ASP A 52 33.11 18.59 -5.55
CA ASP A 52 32.85 19.65 -6.54
C ASP A 52 31.98 19.20 -7.70
N VAL A 53 32.26 18.02 -8.28
CA VAL A 53 31.46 17.55 -9.41
C VAL A 53 29.98 17.62 -9.05
N THR A 54 29.64 17.17 -7.84
CA THR A 54 28.26 17.20 -7.39
C THR A 54 27.76 18.64 -7.27
N LEU A 55 28.54 19.48 -6.58
CA LEU A 55 28.14 20.88 -6.41
C LEU A 55 28.06 21.61 -7.75
N TYR A 56 28.94 21.25 -8.69
CA TYR A 56 28.91 21.87 -10.02
C TYR A 56 27.53 21.64 -10.61
N GLY A 57 27.08 20.38 -10.52
CA GLY A 57 25.79 20.01 -11.06
C GLY A 57 24.67 20.73 -10.33
N MET A 58 24.81 20.84 -9.01
CA MET A 58 23.82 21.51 -8.18
C MET A 58 23.68 22.96 -8.64
N LEU A 59 24.81 23.60 -8.96
CA LEU A 59 24.79 24.98 -9.41
C LEU A 59 24.20 25.10 -10.81
N ASN A 60 24.70 24.28 -11.73
CA ASN A 60 24.23 24.33 -13.10
C ASN A 60 22.77 23.91 -13.30
N THR A 61 22.22 23.17 -12.33
CA THR A 61 20.82 22.75 -12.40
C THR A 61 19.93 24.00 -12.37
N LEU A 62 20.40 25.05 -11.71
CA LEU A 62 19.66 26.29 -11.61
C LEU A 62 19.32 26.88 -12.97
N LYS A 63 20.09 26.52 -13.98
CA LYS A 63 19.86 27.04 -15.33
C LYS A 63 18.64 26.42 -16.03
N ASN A 64 18.12 25.32 -15.50
CA ASN A 64 16.99 24.64 -16.13
C ASN A 64 15.73 25.49 -16.17
N ARG A 65 15.44 26.19 -15.08
CA ARG A 65 14.24 27.03 -15.03
C ARG A 65 14.55 28.48 -15.36
N ASN A 66 15.83 28.78 -15.57
CA ASN A 66 16.27 30.12 -15.90
C ASN A 66 17.35 30.05 -16.97
N PRO A 67 16.95 29.79 -18.22
CA PRO A 67 17.85 29.68 -19.38
C PRO A 67 18.82 30.85 -19.61
N ASN A 68 18.48 32.03 -19.12
CA ASN A 68 19.35 33.20 -19.29
C ASN A 68 20.51 33.25 -18.30
N LEU A 69 20.41 32.48 -17.21
CA LEU A 69 21.45 32.45 -16.21
C LEU A 69 22.76 31.88 -16.76
N LYS A 70 23.85 32.62 -16.59
CA LYS A 70 25.15 32.15 -17.05
C LYS A 70 25.97 31.70 -15.85
N THR A 71 26.85 30.74 -16.05
CA THR A 71 27.67 30.22 -14.98
C THR A 71 29.15 30.18 -15.39
N LEU A 72 30.03 30.45 -14.43
CA LEU A 72 31.46 30.42 -14.70
C LEU A 72 32.19 29.75 -13.55
N LEU A 73 33.37 29.24 -13.85
CA LEU A 73 34.19 28.58 -12.85
C LEU A 73 35.42 29.45 -12.65
N SER A 74 35.68 29.84 -11.41
CA SER A 74 36.82 30.68 -11.13
C SER A 74 38.04 29.87 -10.70
N VAL A 75 39.18 30.19 -11.26
CA VAL A 75 40.41 29.50 -10.91
C VAL A 75 41.35 30.47 -10.21
N GLY A 76 41.85 30.05 -9.06
CA GLY A 76 42.75 30.90 -8.29
C GLY A 76 42.23 31.18 -6.90
N GLY A 77 42.06 32.46 -6.56
CA GLY A 77 41.59 32.80 -5.24
C GLY A 77 42.74 33.13 -4.32
N TRP A 78 42.46 33.85 -3.25
CA TRP A 78 43.48 34.26 -2.30
C TRP A 78 44.35 33.11 -1.75
N ASN A 79 43.74 31.96 -1.49
CA ASN A 79 44.49 30.83 -0.94
C ASN A 79 45.10 29.92 -2.02
N PHE A 80 45.27 30.44 -3.22
CA PHE A 80 45.85 29.63 -4.29
C PHE A 80 47.37 29.75 -4.29
N GLY A 81 47.86 30.98 -4.19
CA GLY A 81 49.29 31.20 -4.19
C GLY A 81 49.79 31.70 -5.53
N SER A 82 49.95 33.01 -5.64
CA SER A 82 50.42 33.64 -6.87
C SER A 82 51.64 32.91 -7.44
N GLN A 83 52.46 32.35 -6.56
CA GLN A 83 53.66 31.63 -6.96
C GLN A 83 53.35 30.51 -7.94
N ARG A 84 52.42 29.63 -7.57
CA ARG A 84 52.05 28.51 -8.43
C ARG A 84 51.50 29.02 -9.76
N PHE A 85 50.60 30.00 -9.69
CA PHE A 85 50.00 30.58 -10.89
C PHE A 85 51.08 31.14 -11.82
N SER A 86 52.08 31.78 -11.22
CA SER A 86 53.18 32.37 -11.98
C SER A 86 53.95 31.32 -12.79
N LYS A 87 54.36 30.25 -12.13
CA LYS A 87 55.10 29.18 -12.80
C LYS A 87 54.37 28.63 -14.01
N ILE A 88 53.05 28.51 -13.90
CA ILE A 88 52.24 28.00 -14.99
C ILE A 88 52.11 28.98 -16.15
N ALA A 89 51.87 30.24 -15.82
CA ALA A 89 51.70 31.27 -16.84
C ALA A 89 53.02 31.70 -17.51
N SER A 90 54.12 31.59 -16.80
CA SER A 90 55.42 31.98 -17.35
C SER A 90 56.01 30.91 -18.26
N ASN A 91 55.75 29.65 -17.92
CA ASN A 91 56.26 28.53 -18.71
C ASN A 91 55.39 28.31 -19.94
N THR A 92 55.99 28.43 -21.12
CA THR A 92 55.28 28.27 -22.38
C THR A 92 54.55 26.93 -22.53
N GLN A 93 55.15 25.85 -22.06
CA GLN A 93 54.52 24.53 -22.16
C GLN A 93 53.35 24.38 -21.18
N SER A 94 53.58 24.78 -19.93
CA SER A 94 52.54 24.70 -18.90
C SER A 94 51.34 25.57 -19.26
N ARG A 95 51.59 26.74 -19.82
CA ARG A 95 50.52 27.64 -20.20
C ARG A 95 49.62 27.00 -21.24
N ARG A 96 50.24 26.31 -22.21
CA ARG A 96 49.50 25.64 -23.27
C ARG A 96 48.64 24.52 -22.70
N THR A 97 49.27 23.67 -21.89
CA THR A 97 48.57 22.55 -21.27
C THR A 97 47.34 23.06 -20.50
N PHE A 98 47.56 24.09 -19.69
CA PHE A 98 46.47 24.66 -18.91
C PHE A 98 45.35 25.16 -19.79
N ILE A 99 45.69 26.02 -20.75
CA ILE A 99 44.70 26.58 -21.66
C ILE A 99 43.91 25.51 -22.40
N LYS A 100 44.61 24.51 -22.94
CA LYS A 100 43.98 23.43 -23.67
C LYS A 100 43.01 22.64 -22.79
N SER A 101 43.36 22.44 -21.53
CA SER A 101 42.52 21.69 -20.62
C SER A 101 41.25 22.41 -20.15
N VAL A 102 41.17 23.73 -20.32
CA VAL A 102 39.99 24.45 -19.84
C VAL A 102 38.66 24.18 -20.55
N PRO A 103 38.60 24.38 -21.88
CA PRO A 103 37.35 24.13 -22.60
C PRO A 103 36.71 22.75 -22.33
N PRO A 104 37.49 21.67 -22.45
CA PRO A 104 36.92 20.34 -22.20
C PRO A 104 36.31 20.25 -20.80
N PHE A 105 37.05 20.74 -19.82
CA PHE A 105 36.61 20.72 -18.43
C PHE A 105 35.31 21.49 -18.20
N LEU A 106 35.20 22.68 -18.79
CA LEU A 106 34.00 23.51 -18.63
C LEU A 106 32.77 22.90 -19.33
N ARG A 107 32.96 22.36 -20.53
CA ARG A 107 31.85 21.74 -21.26
C ARG A 107 31.42 20.48 -20.53
N THR A 108 32.41 19.73 -20.04
CA THR A 108 32.13 18.49 -19.33
C THR A 108 31.31 18.72 -18.07
N HIS A 109 31.50 19.85 -17.41
CA HIS A 109 30.76 20.12 -16.19
C HIS A 109 29.66 21.16 -16.28
N GLY A 110 29.31 21.56 -17.50
CA GLY A 110 28.22 22.50 -17.68
C GLY A 110 28.42 23.98 -17.42
N PHE A 111 29.68 24.45 -17.48
CA PHE A 111 29.98 25.86 -17.24
C PHE A 111 29.98 26.67 -18.54
N ASP A 112 29.62 27.95 -18.44
CA ASP A 112 29.57 28.83 -19.59
C ASP A 112 30.85 29.65 -19.80
N GLY A 113 31.81 29.52 -18.88
CA GLY A 113 33.04 30.28 -19.02
C GLY A 113 34.00 30.14 -17.85
N LEU A 114 35.12 30.85 -17.96
CA LEU A 114 36.16 30.84 -16.94
C LEU A 114 36.44 32.21 -16.34
N ASP A 115 36.65 32.26 -15.03
CA ASP A 115 36.98 33.51 -14.35
C ASP A 115 38.38 33.33 -13.80
N LEU A 116 39.30 34.22 -14.20
CA LEU A 116 40.68 34.16 -13.72
C LEU A 116 40.81 35.01 -12.48
N ALA A 117 41.20 34.36 -11.38
CA ALA A 117 41.38 35.07 -10.11
C ALA A 117 42.81 34.84 -9.62
N TRP A 118 43.77 35.38 -10.36
CA TRP A 118 45.17 35.27 -10.01
C TRP A 118 45.48 36.44 -9.09
N LEU A 119 45.57 36.18 -7.79
CA LEU A 119 45.83 37.24 -6.82
C LEU A 119 47.22 37.15 -6.18
N TYR A 120 48.21 37.83 -6.76
CA TYR A 120 48.03 38.64 -7.96
C TYR A 120 49.32 38.55 -8.76
N PRO A 121 49.27 38.89 -10.05
CA PRO A 121 50.50 38.83 -10.84
C PRO A 121 51.50 39.75 -10.17
N GLY A 122 52.79 39.53 -10.38
CA GLY A 122 53.76 40.41 -9.77
C GLY A 122 54.19 41.41 -10.83
N ARG A 123 55.14 42.27 -10.51
CA ARG A 123 55.63 43.23 -11.50
C ARG A 123 56.26 42.36 -12.58
N ARG A 124 56.77 41.21 -12.14
CA ARG A 124 57.41 40.25 -13.02
C ARG A 124 56.46 39.43 -13.88
N ASP A 125 55.18 39.37 -13.51
CA ASP A 125 54.21 38.59 -14.28
C ASP A 125 53.22 39.41 -15.08
N LYS A 126 53.37 40.72 -15.06
CA LYS A 126 52.47 41.60 -15.78
C LYS A 126 52.23 41.17 -17.23
N GLN A 127 53.32 40.97 -17.97
CA GLN A 127 53.20 40.54 -19.36
C GLN A 127 52.65 39.13 -19.50
N HIS A 128 53.09 38.24 -18.62
CA HIS A 128 52.61 36.87 -18.65
C HIS A 128 51.10 36.83 -18.48
N PHE A 129 50.59 37.67 -17.56
CA PHE A 129 49.16 37.73 -17.30
C PHE A 129 48.45 38.10 -18.60
N THR A 130 48.99 39.10 -19.29
CA THR A 130 48.43 39.54 -20.56
C THR A 130 48.41 38.41 -21.59
N THR A 131 49.53 37.71 -21.70
CA THR A 131 49.66 36.61 -22.65
C THR A 131 48.65 35.51 -22.31
N LEU A 132 48.57 35.16 -21.03
CA LEU A 132 47.66 34.12 -20.57
C LEU A 132 46.22 34.44 -21.00
N ILE A 133 45.78 35.67 -20.71
CA ILE A 133 44.43 36.11 -21.07
C ILE A 133 44.23 36.13 -22.58
N LYS A 134 45.24 36.61 -23.31
CA LYS A 134 45.17 36.69 -24.76
C LYS A 134 45.03 35.31 -25.41
N GLU A 135 45.88 34.37 -24.98
CA GLU A 135 45.85 33.03 -25.52
C GLU A 135 44.66 32.20 -25.08
N MET A 136 44.18 32.42 -23.86
CA MET A 136 43.03 31.67 -23.35
C MET A 136 41.80 32.04 -24.18
N LYS A 137 41.68 33.33 -24.48
CA LYS A 137 40.56 33.83 -25.29
C LYS A 137 40.67 33.24 -26.69
N ALA A 138 41.89 33.10 -27.19
CA ALA A 138 42.11 32.53 -28.52
C ALA A 138 41.54 31.12 -28.55
N GLU A 139 41.92 30.32 -27.55
CA GLU A 139 41.46 28.94 -27.43
C GLU A 139 39.92 28.89 -27.38
N PHE A 140 39.32 29.76 -26.58
CA PHE A 140 37.85 29.79 -26.47
C PHE A 140 37.20 30.08 -27.83
N ILE A 141 37.78 31.01 -28.58
CA ILE A 141 37.24 31.37 -29.90
C ILE A 141 37.35 30.16 -30.83
N LYS A 142 38.50 29.49 -30.78
CA LYS A 142 38.77 28.33 -31.60
C LYS A 142 37.77 27.21 -31.27
N GLU A 143 37.66 26.87 -29.98
CA GLU A 143 36.75 25.82 -29.52
C GLU A 143 35.31 26.03 -29.98
N ALA A 144 34.91 27.27 -30.19
CA ALA A 144 33.54 27.56 -30.62
C ALA A 144 33.43 27.90 -32.10
N GLN A 145 34.58 27.97 -32.78
CA GLN A 145 34.61 28.31 -34.21
C GLN A 145 33.56 27.58 -35.04
N PRO A 146 33.35 26.27 -34.81
CA PRO A 146 32.35 25.52 -35.58
C PRO A 146 30.93 26.08 -35.48
N GLY A 147 30.61 26.74 -34.36
CA GLY A 147 29.29 27.32 -34.20
C GLY A 147 28.69 27.20 -32.81
N LYS A 148 29.53 26.93 -31.81
CA LYS A 148 29.07 26.80 -30.44
C LYS A 148 28.86 28.17 -29.80
N LYS A 149 28.25 28.17 -28.63
CA LYS A 149 28.06 29.39 -27.87
C LYS A 149 29.43 29.57 -27.19
N GLN A 150 30.20 30.53 -27.68
CA GLN A 150 31.54 30.78 -27.17
C GLN A 150 31.65 30.90 -25.65
N LEU A 151 32.67 30.27 -25.08
CA LEU A 151 32.87 30.31 -23.65
C LEU A 151 33.24 31.73 -23.24
N LEU A 152 32.79 32.13 -22.05
CA LEU A 152 33.09 33.48 -21.55
C LEU A 152 34.40 33.51 -20.77
N LEU A 153 35.10 34.63 -20.82
CA LEU A 153 36.36 34.81 -20.08
C LEU A 153 36.33 36.11 -19.30
N SER A 154 36.47 36.01 -17.99
CA SER A 154 36.46 37.17 -17.12
C SER A 154 37.67 37.11 -16.20
N ALA A 155 37.86 38.17 -15.41
CA ALA A 155 38.96 38.25 -14.47
C ALA A 155 38.56 39.11 -13.29
N ALA A 156 38.95 38.65 -12.09
CA ALA A 156 38.68 39.38 -10.87
C ALA A 156 40.00 40.13 -10.62
N LEU A 157 39.96 41.47 -10.64
CA LEU A 157 41.18 42.25 -10.46
C LEU A 157 41.21 43.05 -9.17
N SER A 158 42.42 43.28 -8.66
CA SER A 158 42.60 44.05 -7.45
C SER A 158 42.14 45.48 -7.67
N ALA A 159 41.64 46.11 -6.62
CA ALA A 159 41.21 47.50 -6.72
C ALA A 159 42.28 48.41 -6.11
N GLY A 160 43.39 47.81 -5.67
CA GLY A 160 44.48 48.57 -5.08
C GLY A 160 45.41 49.17 -6.12
N LYS A 161 45.60 50.49 -6.05
CA LYS A 161 46.46 51.19 -7.00
C LYS A 161 47.85 50.58 -7.17
N VAL A 162 48.50 50.26 -6.07
CA VAL A 162 49.84 49.68 -6.14
C VAL A 162 49.85 48.38 -6.96
N THR A 163 48.91 47.49 -6.65
CA THR A 163 48.80 46.23 -7.36
C THR A 163 48.44 46.44 -8.83
N ILE A 164 47.49 47.33 -9.07
CA ILE A 164 47.08 47.63 -10.44
C ILE A 164 48.27 48.12 -11.26
N ASP A 165 49.04 49.06 -10.71
CA ASP A 165 50.19 49.60 -11.44
C ASP A 165 51.29 48.59 -11.72
N SER A 166 51.50 47.65 -10.80
CA SER A 166 52.56 46.68 -11.01
C SER A 166 52.15 45.37 -11.68
N SER A 167 50.88 45.01 -11.57
CA SER A 167 50.42 43.74 -12.13
C SER A 167 49.63 43.72 -13.44
N TYR A 168 48.83 44.74 -13.69
CA TYR A 168 47.99 44.73 -14.88
C TYR A 168 48.28 45.73 -16.00
N ASP A 169 48.03 45.28 -17.22
CA ASP A 169 48.16 46.12 -18.40
C ASP A 169 46.70 46.23 -18.82
N ILE A 170 45.96 47.04 -18.07
CA ILE A 170 44.52 47.25 -18.28
C ILE A 170 44.08 47.39 -19.73
N ALA A 171 44.71 48.31 -20.47
CA ALA A 171 44.33 48.54 -21.86
C ALA A 171 44.38 47.27 -22.70
N LYS A 172 45.47 46.52 -22.57
CA LYS A 172 45.64 45.30 -23.34
C LYS A 172 44.67 44.17 -23.00
N ILE A 173 44.57 43.82 -21.72
CA ILE A 173 43.68 42.73 -21.31
C ILE A 173 42.20 43.02 -21.45
N SER A 174 41.83 44.30 -21.38
CA SER A 174 40.44 44.70 -21.50
C SER A 174 39.84 44.28 -22.85
N GLN A 175 40.68 44.22 -23.87
CA GLN A 175 40.22 43.84 -25.20
C GLN A 175 39.81 42.36 -25.27
N HIS A 176 40.56 41.51 -24.59
CA HIS A 176 40.30 40.08 -24.62
C HIS A 176 39.27 39.54 -23.62
N LEU A 177 39.07 40.26 -22.52
CA LEU A 177 38.12 39.83 -21.50
C LEU A 177 36.68 40.22 -21.84
N ASP A 178 35.73 39.38 -21.47
CA ASP A 178 34.33 39.68 -21.73
C ASP A 178 33.86 40.66 -20.66
N PHE A 179 34.52 40.62 -19.50
CA PHE A 179 34.23 41.55 -18.43
C PHE A 179 35.22 41.45 -17.30
N ILE A 180 35.42 42.57 -16.61
CA ILE A 180 36.35 42.65 -15.50
C ILE A 180 35.62 42.94 -14.22
N SER A 181 35.89 42.17 -13.18
CA SER A 181 35.28 42.43 -11.89
C SER A 181 36.36 43.11 -11.05
N ILE A 182 36.13 44.37 -10.68
CA ILE A 182 37.12 45.06 -9.85
C ILE A 182 36.73 44.86 -8.40
N MET A 183 37.66 44.33 -7.61
CA MET A 183 37.39 44.03 -6.20
C MET A 183 37.52 45.25 -5.30
N THR A 184 36.53 46.13 -5.38
CA THR A 184 36.48 47.36 -4.61
C THR A 184 36.02 47.19 -3.15
N TYR A 185 36.86 46.50 -2.38
CA TYR A 185 36.67 46.24 -0.96
C TYR A 185 38.03 45.83 -0.42
N ASP A 186 38.11 45.44 0.86
CA ASP A 186 39.40 45.08 1.47
C ASP A 186 40.39 46.26 1.38
N PHE A 187 39.86 47.48 1.45
CA PHE A 187 40.68 48.69 1.37
C PHE A 187 41.37 49.07 2.70
N HIS A 188 40.97 48.46 3.82
CA HIS A 188 41.56 48.85 5.11
C HIS A 188 41.85 47.67 6.06
N GLY A 189 43.08 47.16 6.03
CA GLY A 189 43.45 46.05 6.89
C GLY A 189 43.65 46.41 8.35
N ALA A 190 43.56 45.41 9.23
CA ALA A 190 43.73 45.63 10.66
C ALA A 190 45.17 46.09 10.92
N TRP A 191 46.07 45.71 10.01
CA TRP A 191 47.48 46.07 10.16
C TRP A 191 47.67 47.59 10.25
N ARG A 192 46.79 48.33 9.57
CA ARG A 192 46.88 49.78 9.57
C ARG A 192 46.81 50.34 10.99
N GLY A 193 46.43 49.50 11.94
CA GLY A 193 46.40 49.93 13.33
C GLY A 193 45.31 50.87 13.78
N THR A 194 44.35 51.17 12.91
CA THR A 194 43.25 52.06 13.26
C THR A 194 41.97 51.52 12.62
N THR A 195 40.82 52.00 13.08
CA THR A 195 39.58 51.56 12.47
C THR A 195 39.44 52.25 11.12
N GLY A 196 38.84 51.58 10.16
CA GLY A 196 38.66 52.15 8.84
C GLY A 196 37.69 51.27 8.10
N HIS A 197 36.83 51.85 7.26
CA HIS A 197 35.87 51.06 6.52
C HIS A 197 36.60 50.44 5.34
N HIS A 198 36.42 49.13 5.14
CA HIS A 198 37.14 48.45 4.06
C HIS A 198 36.52 48.63 2.67
N SER A 199 35.38 49.27 2.58
CA SER A 199 34.76 49.44 1.26
C SER A 199 33.97 50.74 1.14
N PRO A 200 34.64 51.89 1.37
CA PRO A 200 33.93 53.16 1.26
C PRO A 200 33.68 53.47 -0.21
N LEU A 201 32.59 54.16 -0.50
CA LEU A 201 32.28 54.51 -1.88
C LEU A 201 33.19 55.67 -2.34
N PHE A 202 33.34 56.69 -1.50
CA PHE A 202 34.20 57.84 -1.81
C PHE A 202 35.24 57.99 -0.72
N ARG A 203 36.26 58.80 -0.96
CA ARG A 203 37.30 59.02 0.03
C ARG A 203 36.76 59.61 1.34
N GLY A 204 35.84 60.57 1.23
CA GLY A 204 35.29 61.18 2.44
C GLY A 204 36.21 62.22 3.06
N GLN A 205 36.00 62.51 4.36
CA GLN A 205 36.80 63.51 5.06
C GLN A 205 38.27 63.41 4.68
N GLU A 206 38.76 64.42 3.95
CA GLU A 206 40.13 64.41 3.48
C GLU A 206 41.12 64.26 4.63
N ASP A 207 40.71 64.70 5.81
CA ASP A 207 41.51 64.65 7.03
C ASP A 207 41.73 63.24 7.58
N ALA A 208 40.67 62.44 7.52
CA ALA A 208 40.67 61.10 8.09
C ALA A 208 41.03 59.91 7.19
N SER A 209 41.55 60.17 5.99
CA SER A 209 41.88 59.05 5.12
C SER A 209 43.38 58.77 5.15
N PRO A 210 43.76 57.53 5.43
CA PRO A 210 45.18 57.19 5.47
C PRO A 210 45.77 57.31 4.08
N ASP A 211 44.90 57.27 3.08
CA ASP A 211 45.34 57.34 1.70
C ASP A 211 44.18 57.72 0.77
N ARG A 212 44.47 58.52 -0.25
CA ARG A 212 43.44 58.95 -1.19
C ARG A 212 42.96 57.89 -2.20
N PHE A 213 43.77 56.87 -2.43
CA PHE A 213 43.43 55.82 -3.40
C PHE A 213 42.58 54.66 -2.88
N SER A 214 42.51 54.52 -1.56
CA SER A 214 41.78 53.42 -0.94
C SER A 214 40.27 53.54 -0.82
N ASN A 215 39.60 53.70 -1.96
CA ASN A 215 38.15 53.82 -1.97
C ASN A 215 37.59 53.38 -3.31
N THR A 216 36.32 52.99 -3.32
CA THR A 216 35.71 52.52 -4.55
C THR A 216 35.81 53.50 -5.71
N ASP A 217 35.37 54.74 -5.48
CA ASP A 217 35.40 55.77 -6.51
C ASP A 217 36.73 55.93 -7.19
N TYR A 218 37.81 56.03 -6.42
CA TYR A 218 39.12 56.19 -7.05
C TYR A 218 39.49 55.01 -7.95
N ALA A 219 39.25 53.79 -7.46
CA ALA A 219 39.58 52.59 -8.23
C ALA A 219 38.82 52.51 -9.55
N VAL A 220 37.52 52.80 -9.50
CA VAL A 220 36.73 52.74 -10.73
C VAL A 220 37.26 53.75 -11.72
N GLY A 221 37.38 55.00 -11.28
CA GLY A 221 37.88 56.05 -12.16
C GLY A 221 39.23 55.72 -12.70
N TYR A 222 40.14 55.28 -11.84
CA TYR A 222 41.47 54.96 -12.28
C TYR A 222 41.48 53.90 -13.38
N MET A 223 40.74 52.82 -13.16
CA MET A 223 40.72 51.76 -14.15
C MET A 223 40.13 52.25 -15.48
N LEU A 224 39.06 53.04 -15.41
CA LEU A 224 38.43 53.58 -16.61
C LEU A 224 39.47 54.36 -17.41
N ARG A 225 40.17 55.28 -16.75
CA ARG A 225 41.16 56.07 -17.45
C ARG A 225 42.37 55.28 -17.91
N LEU A 226 42.58 54.09 -17.35
CA LEU A 226 43.71 53.25 -17.78
C LEU A 226 43.30 52.50 -19.04
N GLY A 227 42.02 52.59 -19.41
CA GLY A 227 41.59 51.93 -20.64
C GLY A 227 40.61 50.77 -20.55
N ALA A 228 40.00 50.56 -19.38
CA ALA A 228 39.01 49.51 -19.27
C ALA A 228 37.67 50.14 -19.68
N PRO A 229 37.03 49.59 -20.73
CA PRO A 229 35.75 50.15 -21.18
C PRO A 229 34.69 50.02 -20.08
N ALA A 230 33.93 51.09 -19.87
CA ALA A 230 32.89 51.09 -18.86
C ALA A 230 31.92 49.93 -19.06
N SER A 231 31.69 49.59 -20.33
CA SER A 231 30.77 48.51 -20.69
C SER A 231 31.28 47.14 -20.30
N LYS A 232 32.55 47.06 -19.91
CA LYS A 232 33.14 45.80 -19.50
C LYS A 232 33.55 45.78 -18.04
N LEU A 233 33.29 46.87 -17.34
CA LEU A 233 33.67 46.95 -15.93
C LEU A 233 32.51 46.68 -15.00
N VAL A 234 32.70 45.70 -14.12
CA VAL A 234 31.69 45.31 -13.14
C VAL A 234 32.28 45.68 -11.78
N MET A 235 31.52 46.44 -11.00
CA MET A 235 31.98 46.93 -9.70
C MET A 235 31.69 46.00 -8.52
N GLY A 236 32.74 45.62 -7.80
CA GLY A 236 32.57 44.73 -6.68
C GLY A 236 31.96 45.36 -5.45
N ILE A 237 31.01 44.65 -4.84
CA ILE A 237 30.34 45.11 -3.64
C ILE A 237 30.37 43.93 -2.69
N PRO A 238 30.87 44.13 -1.45
CA PRO A 238 30.97 43.07 -0.45
C PRO A 238 29.71 42.84 0.38
N THR A 239 29.43 41.58 0.70
CA THR A 239 28.30 41.24 1.56
C THR A 239 28.88 40.82 2.91
N PHE A 240 30.12 41.20 3.15
CA PHE A 240 30.79 40.90 4.42
C PHE A 240 31.45 42.17 4.93
N GLY A 241 31.73 42.20 6.22
CA GLY A 241 32.38 43.37 6.79
C GLY A 241 33.74 43.01 7.33
N ARG A 242 34.57 44.03 7.58
CA ARG A 242 35.89 43.84 8.14
C ARG A 242 35.79 44.42 9.55
N SER A 243 36.13 43.61 10.55
CA SER A 243 36.03 43.98 11.95
C SER A 243 37.36 44.23 12.65
N PHE A 244 37.29 44.97 13.76
CA PHE A 244 38.47 45.31 14.55
C PHE A 244 38.08 45.25 16.02
N THR A 245 39.07 45.02 16.87
CA THR A 245 38.86 45.03 18.32
C THR A 245 39.37 46.41 18.76
N LEU A 246 38.50 47.22 19.36
CA LEU A 246 38.87 48.56 19.81
C LEU A 246 39.82 48.55 21.00
N ALA A 247 40.71 49.54 21.08
CA ALA A 247 41.66 49.61 22.18
C ALA A 247 41.33 50.67 23.22
N SER A 248 40.27 51.45 23.00
CA SER A 248 39.91 52.50 23.94
C SER A 248 38.42 52.82 23.83
N SER A 249 38.02 53.94 24.42
CA SER A 249 36.63 54.35 24.38
C SER A 249 36.26 54.98 23.04
N GLU A 250 37.27 55.31 22.23
CA GLU A 250 37.03 55.92 20.91
C GLU A 250 36.45 54.89 19.95
N THR A 251 35.35 55.26 19.29
CA THR A 251 34.66 54.38 18.36
C THR A 251 34.47 54.92 16.94
N GLY A 252 35.09 56.06 16.63
CA GLY A 252 34.94 56.63 15.30
C GLY A 252 35.94 56.10 14.30
N VAL A 253 35.89 56.65 13.08
CA VAL A 253 36.80 56.26 12.03
C VAL A 253 38.21 56.67 12.47
N GLY A 254 39.17 55.75 12.37
CA GLY A 254 40.52 56.10 12.77
C GLY A 254 40.83 55.88 14.24
N ALA A 255 39.91 55.25 14.96
CA ALA A 255 40.12 54.98 16.38
C ALA A 255 41.18 53.89 16.58
N PRO A 256 41.86 53.88 17.74
CA PRO A 256 42.89 52.90 18.05
C PRO A 256 42.30 51.48 18.14
N ILE A 257 43.02 50.49 17.64
CA ILE A 257 42.58 49.10 17.70
C ILE A 257 43.73 48.23 18.20
N SER A 258 43.40 47.06 18.73
CA SER A 258 44.41 46.14 19.23
C SER A 258 44.63 44.97 18.25
N GLY A 259 43.80 44.91 17.22
CA GLY A 259 43.91 43.85 16.23
C GLY A 259 42.58 43.59 15.54
N PRO A 260 42.44 42.48 14.80
CA PRO A 260 41.19 42.17 14.12
C PRO A 260 40.05 41.89 15.10
N GLY A 261 38.81 41.91 14.60
CA GLY A 261 37.67 41.67 15.46
C GLY A 261 37.52 40.21 15.85
N ILE A 262 36.66 39.95 16.84
CA ILE A 262 36.41 38.60 17.31
C ILE A 262 35.74 37.82 16.17
N PRO A 263 36.20 36.58 15.91
CA PRO A 263 35.65 35.72 14.86
C PRO A 263 34.13 35.55 14.93
N GLY A 264 33.48 35.50 13.77
CA GLY A 264 32.03 35.30 13.75
C GLY A 264 31.69 33.87 14.13
N ARG A 265 30.49 33.62 14.62
CA ARG A 265 30.08 32.29 15.04
C ARG A 265 30.14 31.25 13.92
N PHE A 266 29.74 31.66 12.72
CA PHE A 266 29.73 30.77 11.56
C PHE A 266 30.93 30.86 10.63
N THR A 267 31.43 32.07 10.38
CA THR A 267 32.57 32.20 9.47
C THR A 267 33.89 31.90 10.16
N LYS A 268 33.93 32.05 11.48
CA LYS A 268 35.12 31.74 12.27
C LYS A 268 36.44 32.24 11.69
N GLU A 269 36.53 33.52 11.38
CA GLU A 269 37.76 34.10 10.85
C GLU A 269 37.91 35.51 11.41
N ALA A 270 38.86 35.67 12.32
CA ALA A 270 39.10 36.97 12.93
C ALA A 270 39.21 38.07 11.86
N GLY A 271 38.51 39.17 12.06
CA GLY A 271 38.57 40.27 11.12
C GLY A 271 37.51 40.22 10.03
N THR A 272 36.69 39.18 10.03
CA THR A 272 35.63 39.01 9.05
C THR A 272 34.30 38.65 9.70
N LEU A 273 33.21 39.17 9.14
CA LEU A 273 31.85 38.86 9.62
C LEU A 273 30.97 38.84 8.39
N ALA A 274 30.19 37.79 8.23
CA ALA A 274 29.27 37.69 7.11
C ALA A 274 28.12 38.66 7.43
N TYR A 275 27.39 39.08 6.41
CA TYR A 275 26.28 39.99 6.67
C TYR A 275 25.26 39.41 7.65
N TYR A 276 24.98 38.10 7.55
CA TYR A 276 24.00 37.53 8.47
C TYR A 276 24.54 37.58 9.90
N GLU A 277 25.85 37.47 10.06
CA GLU A 277 26.45 37.54 11.39
C GLU A 277 26.39 39.00 11.89
N ILE A 278 26.51 39.95 10.96
CA ILE A 278 26.47 41.35 11.30
C ILE A 278 25.07 41.71 11.81
N CYS A 279 24.04 41.15 11.17
CA CYS A 279 22.67 41.40 11.58
C CYS A 279 22.45 40.99 13.04
N ASP A 280 23.15 39.95 13.49
CA ASP A 280 23.05 39.52 14.87
C ASP A 280 23.78 40.57 15.71
N PHE A 281 25.00 40.89 15.28
CA PHE A 281 25.85 41.89 15.94
C PHE A 281 25.09 43.20 16.15
N LEU A 282 24.31 43.58 15.15
CA LEU A 282 23.56 44.82 15.21
C LEU A 282 22.60 44.93 16.38
N ARG A 283 22.17 43.79 16.92
CA ARG A 283 21.26 43.80 18.06
C ARG A 283 21.99 44.37 19.27
N GLY A 284 21.60 45.59 19.66
CA GLY A 284 22.21 46.25 20.79
C GLY A 284 23.44 47.06 20.41
N ALA A 285 23.66 47.19 19.10
CA ALA A 285 24.81 47.94 18.61
C ALA A 285 24.41 49.32 18.10
N THR A 286 25.40 50.17 17.90
CA THR A 286 25.15 51.50 17.38
C THR A 286 25.68 51.55 15.96
N VAL A 287 24.84 52.00 15.03
CA VAL A 287 25.21 52.10 13.63
C VAL A 287 25.41 53.56 13.24
N HIS A 288 26.53 53.83 12.57
CA HIS A 288 26.86 55.17 12.13
C HIS A 288 27.08 55.24 10.63
N ARG A 289 26.52 56.26 10.01
CA ARG A 289 26.66 56.46 8.58
C ARG A 289 27.88 57.36 8.39
N ILE A 290 28.91 56.87 7.71
CA ILE A 290 30.08 57.69 7.49
C ILE A 290 29.77 58.68 6.38
N LEU A 291 29.67 59.96 6.75
CA LEU A 291 29.39 61.02 5.78
C LEU A 291 30.57 61.11 4.83
N GLY A 292 30.30 61.28 3.55
CA GLY A 292 31.41 61.37 2.63
C GLY A 292 31.77 60.02 2.06
N GLN A 293 31.74 58.97 2.87
CA GLN A 293 32.07 57.64 2.36
C GLN A 293 30.81 56.87 1.96
N GLN A 294 29.66 57.29 2.48
CA GLN A 294 28.37 56.70 2.16
C GLN A 294 28.19 55.25 2.62
N VAL A 295 28.91 54.84 3.65
CA VAL A 295 28.78 53.46 4.14
C VAL A 295 28.70 53.44 5.65
N PRO A 296 28.14 52.37 6.21
CA PRO A 296 28.02 52.27 7.67
C PRO A 296 29.05 51.41 8.38
N TYR A 297 29.20 51.68 9.66
CA TYR A 297 30.04 50.85 10.50
C TYR A 297 29.17 50.68 11.73
N ALA A 298 29.37 49.60 12.45
CA ALA A 298 28.59 49.35 13.64
C ALA A 298 29.58 49.09 14.74
N THR A 299 29.27 49.51 15.96
CA THR A 299 30.18 49.28 17.06
C THR A 299 29.39 48.88 18.30
N LYS A 300 29.96 47.99 19.10
CA LYS A 300 29.32 47.51 20.31
C LYS A 300 30.43 46.96 21.18
N GLY A 301 30.54 47.46 22.40
CA GLY A 301 31.61 47.00 23.28
C GLY A 301 32.94 47.30 22.61
N ASN A 302 33.89 46.36 22.71
CA ASN A 302 35.19 46.57 22.10
C ASN A 302 35.27 46.08 20.65
N GLN A 303 34.12 46.01 19.98
CA GLN A 303 34.06 45.54 18.59
C GLN A 303 33.60 46.64 17.66
N TRP A 304 34.12 46.63 16.45
CA TRP A 304 33.83 47.64 15.42
C TRP A 304 33.89 46.94 14.06
N VAL A 305 32.89 47.15 13.21
CA VAL A 305 32.89 46.53 11.91
C VAL A 305 32.34 47.44 10.81
N GLY A 306 33.10 47.56 9.72
CA GLY A 306 32.67 48.35 8.58
C GLY A 306 32.05 47.40 7.57
N TYR A 307 30.84 47.70 7.09
CA TYR A 307 30.16 46.83 6.15
C TYR A 307 29.21 47.60 5.25
N ASP A 308 28.45 46.85 4.44
CA ASP A 308 27.47 47.41 3.51
C ASP A 308 26.06 46.91 3.83
N ASP A 309 25.07 47.79 3.75
CA ASP A 309 23.70 47.37 4.00
C ASP A 309 22.83 47.78 2.82
N GLN A 310 21.53 47.51 2.92
CA GLN A 310 20.61 47.84 1.81
C GLN A 310 20.79 49.26 1.33
N GLU A 311 20.87 50.20 2.27
CA GLU A 311 21.01 51.60 1.90
C GLU A 311 22.30 51.89 1.18
N SER A 312 23.43 51.37 1.67
CA SER A 312 24.69 51.66 1.01
C SER A 312 24.84 50.97 -0.36
N VAL A 313 24.36 49.73 -0.50
CA VAL A 313 24.50 49.07 -1.80
C VAL A 313 23.67 49.82 -2.83
N LYS A 314 22.56 50.40 -2.40
CA LYS A 314 21.70 51.17 -3.29
C LYS A 314 22.50 52.36 -3.83
N SER A 315 23.19 53.07 -2.94
CA SER A 315 24.01 54.22 -3.33
C SER A 315 25.11 53.77 -4.28
N LYS A 316 25.74 52.64 -3.97
CA LYS A 316 26.82 52.14 -4.83
C LYS A 316 26.29 51.81 -6.23
N VAL A 317 25.10 51.23 -6.29
CA VAL A 317 24.52 50.91 -7.60
C VAL A 317 24.23 52.21 -8.34
N GLN A 318 23.69 53.21 -7.62
CA GLN A 318 23.40 54.49 -8.24
C GLN A 318 24.67 55.03 -8.86
N TYR A 319 25.78 54.86 -8.14
CA TYR A 319 27.09 55.31 -8.62
C TYR A 319 27.56 54.60 -9.88
N LEU A 320 27.44 53.28 -9.91
CA LEU A 320 27.89 52.53 -11.09
C LEU A 320 26.99 52.83 -12.30
N LYS A 321 25.71 53.07 -12.06
CA LYS A 321 24.83 53.39 -13.17
C LYS A 321 25.19 54.77 -13.73
N ASP A 322 25.49 55.72 -12.84
CA ASP A 322 25.86 57.07 -13.28
C ASP A 322 27.16 57.02 -14.08
N ARG A 323 27.98 56.00 -13.81
CA ARG A 323 29.26 55.82 -14.51
C ARG A 323 29.08 54.91 -15.74
N GLN A 324 27.87 54.45 -15.96
CA GLN A 324 27.58 53.57 -17.09
C GLN A 324 28.46 52.32 -17.10
N LEU A 325 28.64 51.68 -15.94
CA LEU A 325 29.44 50.47 -15.85
C LEU A 325 28.57 49.28 -16.26
N ALA A 326 29.19 48.14 -16.52
CA ALA A 326 28.47 46.94 -16.94
C ALA A 326 27.54 46.39 -15.87
N GLY A 327 27.81 46.73 -14.62
CA GLY A 327 26.98 46.24 -13.54
C GLY A 327 27.78 46.07 -12.25
N ALA A 328 27.29 45.19 -11.39
CA ALA A 328 27.92 44.94 -10.10
C ALA A 328 28.31 43.47 -9.90
N MET A 329 29.34 43.28 -9.07
CA MET A 329 29.80 41.96 -8.72
C MET A 329 29.63 41.85 -7.21
N VAL A 330 29.22 40.68 -6.76
CA VAL A 330 28.98 40.45 -5.35
C VAL A 330 29.82 39.33 -4.77
N TRP A 331 30.51 39.64 -3.68
CA TRP A 331 31.29 38.64 -2.97
C TRP A 331 30.82 38.67 -1.52
N ALA A 332 30.07 37.67 -1.11
CA ALA A 332 29.69 36.53 -1.94
C ALA A 332 28.26 36.11 -1.54
N LEU A 333 27.61 35.33 -2.39
CA LEU A 333 26.25 34.88 -2.12
C LEU A 333 26.09 34.24 -0.75
N ASP A 334 27.05 33.41 -0.36
CA ASP A 334 26.98 32.71 0.92
C ASP A 334 27.29 33.57 2.14
N LEU A 335 27.62 34.84 1.93
CA LEU A 335 27.92 35.73 3.05
C LEU A 335 26.75 36.67 3.28
N ASP A 336 25.84 36.70 2.30
CA ASP A 336 24.63 37.51 2.39
C ASP A 336 23.74 36.63 3.30
N ASP A 337 22.57 37.13 3.71
CA ASP A 337 21.67 36.32 4.55
C ASP A 337 20.88 35.42 3.60
N PHE A 338 21.50 34.35 3.13
CA PHE A 338 20.83 33.45 2.19
C PHE A 338 19.66 32.69 2.84
N GLN A 339 19.74 32.46 4.14
CA GLN A 339 18.67 31.78 4.86
C GLN A 339 17.49 32.73 4.99
N GLY A 340 17.79 34.01 5.12
CA GLY A 340 16.76 35.02 5.25
C GLY A 340 16.17 35.08 6.65
N SER A 341 16.80 34.39 7.59
CA SER A 341 16.30 34.35 8.95
C SER A 341 17.09 35.18 9.98
N PHE A 342 18.26 35.66 9.61
CA PHE A 342 19.07 36.42 10.56
C PHE A 342 18.74 37.91 10.64
N CYS A 343 18.45 38.51 9.49
CA CYS A 343 18.17 39.94 9.46
C CYS A 343 16.67 40.23 9.54
N GLY A 344 15.90 39.22 9.89
CA GLY A 344 14.47 39.39 9.97
C GLY A 344 13.90 39.64 8.59
N GLN A 345 12.66 40.07 8.51
CA GLN A 345 12.00 40.35 7.24
C GLN A 345 11.79 39.07 6.44
N ASP A 346 12.43 37.99 6.88
CA ASP A 346 12.31 36.70 6.21
C ASP A 346 12.76 36.74 4.76
N LEU A 347 13.26 37.89 4.32
CA LEU A 347 13.71 38.05 2.95
C LEU A 347 15.09 37.40 2.75
N ARG A 348 15.20 36.53 1.75
CA ARG A 348 16.46 35.87 1.46
C ARG A 348 17.35 36.75 0.59
N PHE A 349 18.66 36.65 0.81
CA PHE A 349 19.64 37.46 0.07
C PHE A 349 19.23 38.94 0.05
N PRO A 350 19.00 39.53 1.24
CA PRO A 350 18.60 40.94 1.31
C PRO A 350 19.54 41.92 0.62
N LEU A 351 20.84 41.77 0.80
CA LEU A 351 21.78 42.70 0.15
C LEU A 351 21.84 42.52 -1.35
N THR A 352 21.86 41.28 -1.81
CA THR A 352 21.93 41.02 -3.25
C THR A 352 20.63 41.41 -3.95
N ASN A 353 19.49 41.24 -3.29
CA ASN A 353 18.20 41.62 -3.89
C ASN A 353 18.12 43.15 -3.92
N ALA A 354 18.67 43.79 -2.90
CA ALA A 354 18.67 45.26 -2.85
C ALA A 354 19.43 45.76 -4.07
N ILE A 355 20.53 45.08 -4.39
CA ILE A 355 21.36 45.46 -5.55
C ILE A 355 20.62 45.21 -6.86
N LYS A 356 19.93 44.08 -6.94
CA LYS A 356 19.18 43.72 -8.12
C LYS A 356 18.07 44.75 -8.37
N ASP A 357 17.28 45.03 -7.34
CA ASP A 357 16.19 45.99 -7.46
C ASP A 357 16.71 47.37 -7.86
N ALA A 358 17.85 47.76 -7.31
CA ALA A 358 18.43 49.06 -7.64
C ALA A 358 18.89 49.13 -9.08
N LEU A 359 19.40 48.00 -9.60
CA LEU A 359 19.88 47.96 -10.99
C LEU A 359 18.71 48.08 -11.96
N ALA A 360 17.55 47.56 -11.58
CA ALA A 360 16.37 47.61 -12.44
C ALA A 360 15.57 48.91 -12.25
N ALA A 361 15.78 49.58 -11.12
CA ALA A 361 15.07 50.81 -10.81
C ALA A 361 15.31 51.95 -11.81
N THR A 362 14.49 52.99 -11.68
CA THR A 362 14.56 54.18 -12.53
C THR A 362 14.14 53.88 -13.97
N TYR B 1 -17.66 34.04 -13.09
CA TYR B 1 -18.56 32.86 -13.08
C TYR B 1 -18.08 31.80 -12.10
N LYS B 2 -18.98 30.91 -11.68
CA LYS B 2 -18.62 29.82 -10.79
C LYS B 2 -18.24 28.61 -11.64
N LEU B 3 -17.20 27.90 -11.19
CA LEU B 3 -16.77 26.70 -11.88
C LEU B 3 -16.74 25.65 -10.76
N VAL B 4 -17.88 24.99 -10.57
CA VAL B 4 -18.07 23.97 -9.54
C VAL B 4 -17.64 22.60 -10.07
N CYS B 5 -16.64 22.01 -9.41
CA CYS B 5 -16.12 20.72 -9.81
C CYS B 5 -16.18 19.64 -8.73
N TYR B 6 -16.68 18.47 -9.11
CA TYR B 6 -16.80 17.34 -8.20
C TYR B 6 -15.57 16.44 -8.21
N TYR B 7 -15.29 15.87 -7.04
CA TYR B 7 -14.19 14.92 -6.89
C TYR B 7 -14.85 13.75 -6.16
N THR B 8 -14.65 12.54 -6.67
CA THR B 8 -15.24 11.36 -6.06
C THR B 8 -14.22 10.60 -5.22
N SER B 9 -14.64 10.19 -4.02
CA SER B 9 -13.77 9.48 -3.10
C SER B 9 -13.41 8.07 -3.54
N TRP B 10 -14.12 7.52 -4.52
CA TRP B 10 -13.81 6.17 -4.96
C TRP B 10 -12.82 6.11 -6.13
N SER B 11 -12.48 7.27 -6.70
CA SER B 11 -11.53 7.30 -7.82
C SER B 11 -10.14 6.89 -7.33
N GLN B 12 -9.92 6.94 -6.03
CA GLN B 12 -8.63 6.60 -5.45
C GLN B 12 -8.28 5.13 -5.66
N TYR B 13 -9.30 4.27 -5.71
CA TYR B 13 -9.12 2.83 -5.87
C TYR B 13 -8.84 2.34 -7.28
N ARG B 14 -8.90 3.22 -8.26
CA ARG B 14 -8.67 2.81 -9.64
C ARG B 14 -7.22 2.42 -9.91
N GLU B 15 -7.05 1.36 -10.70
CA GLU B 15 -5.72 0.86 -11.03
C GLU B 15 -4.83 1.86 -11.74
N GLY B 16 -3.52 1.66 -11.60
CA GLY B 16 -2.52 2.50 -12.22
C GLY B 16 -2.79 3.99 -12.25
N ASP B 17 -2.58 4.59 -13.42
CA ASP B 17 -2.77 6.03 -13.60
C ASP B 17 -4.21 6.48 -13.39
N GLY B 18 -5.10 5.52 -13.19
CA GLY B 18 -6.50 5.85 -12.97
C GLY B 18 -6.73 6.36 -11.56
N SER B 19 -5.90 5.92 -10.62
CA SER B 19 -6.03 6.34 -9.24
C SER B 19 -5.89 7.85 -9.10
N CYS B 20 -6.88 8.48 -8.47
CA CYS B 20 -6.85 9.92 -8.30
C CYS B 20 -7.09 10.32 -6.85
N PHE B 21 -6.16 11.10 -6.30
CA PHE B 21 -6.26 11.58 -4.93
C PHE B 21 -6.37 13.09 -5.00
N PRO B 22 -6.98 13.72 -3.98
CA PRO B 22 -7.15 15.18 -3.93
C PRO B 22 -5.91 16.01 -4.24
N ASP B 23 -4.74 15.53 -3.82
CA ASP B 23 -3.50 16.26 -4.04
C ASP B 23 -3.12 16.33 -5.52
N ALA B 24 -3.77 15.54 -6.35
CA ALA B 24 -3.48 15.55 -7.78
C ALA B 24 -4.31 16.62 -8.49
N LEU B 25 -5.13 17.34 -7.72
CA LEU B 25 -5.99 18.39 -8.28
C LEU B 25 -5.31 19.76 -8.35
N ASP B 26 -5.64 20.52 -9.39
CA ASP B 26 -5.09 21.86 -9.59
C ASP B 26 -5.90 22.86 -8.76
N ARG B 27 -5.28 23.40 -7.71
CA ARG B 27 -5.95 24.34 -6.81
C ARG B 27 -6.50 25.60 -7.46
N PHE B 28 -6.00 25.93 -8.66
CA PHE B 28 -6.47 27.13 -9.34
C PHE B 28 -7.47 26.87 -10.47
N LEU B 29 -7.77 25.59 -10.71
CA LEU B 29 -8.68 25.19 -11.78
C LEU B 29 -10.13 25.62 -11.58
N CYS B 30 -10.72 25.27 -10.44
CA CYS B 30 -12.12 25.59 -10.15
C CYS B 30 -12.29 26.66 -9.08
N THR B 31 -13.51 27.16 -8.93
CA THR B 31 -13.80 28.16 -7.90
C THR B 31 -14.39 27.41 -6.70
N HIS B 32 -14.94 26.23 -6.96
CA HIS B 32 -15.52 25.38 -5.90
C HIS B 32 -15.22 23.91 -6.20
N ILE B 33 -14.76 23.18 -5.19
CA ILE B 33 -14.52 21.75 -5.38
C ILE B 33 -15.42 21.06 -4.37
N ILE B 34 -16.20 20.09 -4.84
CA ILE B 34 -17.13 19.39 -3.98
C ILE B 34 -16.70 17.93 -3.81
N TYR B 35 -16.58 17.51 -2.56
CA TYR B 35 -16.17 16.15 -2.22
C TYR B 35 -17.40 15.25 -2.20
N SER B 36 -17.33 14.13 -2.93
CA SER B 36 -18.44 13.18 -3.02
C SER B 36 -18.01 11.77 -2.61
N PHE B 37 -18.73 11.12 -1.70
CA PHE B 37 -19.92 11.65 -1.04
C PHE B 37 -19.80 11.37 0.45
N ALA B 38 -20.58 12.08 1.26
CA ALA B 38 -20.61 11.86 2.70
C ALA B 38 -21.82 10.94 2.94
N ASN B 39 -21.79 10.19 4.02
CA ASN B 39 -22.89 9.28 4.33
C ASN B 39 -23.73 9.88 5.45
N ILE B 40 -24.79 9.18 5.83
CA ILE B 40 -25.65 9.61 6.93
C ILE B 40 -25.93 8.39 7.80
N SER B 41 -25.38 8.39 9.02
CA SER B 41 -25.56 7.30 9.97
C SER B 41 -26.15 7.79 11.27
N ASN B 42 -27.16 7.09 11.76
CA ASN B 42 -27.83 7.46 13.00
C ASN B 42 -28.32 8.89 12.90
N ASP B 43 -28.74 9.25 11.69
CA ASP B 43 -29.25 10.59 11.42
C ASP B 43 -28.19 11.67 11.53
N HIS B 44 -26.92 11.25 11.49
CA HIS B 44 -25.79 12.19 11.56
C HIS B 44 -25.00 12.12 10.25
N ILE B 45 -24.50 13.26 9.79
CA ILE B 45 -23.68 13.24 8.58
C ILE B 45 -22.38 12.56 9.06
N ASP B 46 -21.80 11.71 8.21
CA ASP B 46 -20.60 11.00 8.61
C ASP B 46 -19.75 10.62 7.41
N THR B 47 -18.51 10.18 7.67
CA THR B 47 -17.61 9.80 6.60
C THR B 47 -18.13 8.55 5.90
N TRP B 48 -17.63 8.30 4.70
CA TRP B 48 -18.04 7.15 3.91
C TRP B 48 -16.88 6.17 3.77
N GLU B 49 -15.78 6.70 3.23
CA GLU B 49 -14.58 5.91 3.02
C GLU B 49 -13.76 5.86 4.31
N TRP B 50 -13.00 4.78 4.47
CA TRP B 50 -12.17 4.60 5.66
C TRP B 50 -11.17 5.74 5.86
N ASN B 51 -10.67 6.30 4.77
CA ASN B 51 -9.67 7.37 4.84
C ASN B 51 -10.18 8.77 4.48
N ASP B 52 -11.48 8.99 4.53
CA ASP B 52 -12.03 10.30 4.19
C ASP B 52 -11.39 11.47 4.96
N VAL B 53 -11.22 11.31 6.27
CA VAL B 53 -10.63 12.38 7.06
C VAL B 53 -9.32 12.82 6.43
N THR B 54 -8.51 11.86 6.01
CA THR B 54 -7.23 12.16 5.38
C THR B 54 -7.46 12.88 4.04
N LEU B 55 -8.33 12.33 3.20
CA LEU B 55 -8.59 12.93 1.90
C LEU B 55 -9.24 14.31 2.06
N TYR B 56 -10.07 14.49 3.10
CA TYR B 56 -10.70 15.79 3.35
C TYR B 56 -9.58 16.82 3.49
N GLY B 57 -8.59 16.47 4.32
CA GLY B 57 -7.46 17.35 4.55
C GLY B 57 -6.66 17.59 3.29
N MET B 58 -6.49 16.53 2.51
CA MET B 58 -5.74 16.62 1.26
C MET B 58 -6.43 17.62 0.34
N LEU B 59 -7.76 17.59 0.31
CA LEU B 59 -8.51 18.51 -0.53
C LEU B 59 -8.45 19.93 -0.01
N ASN B 60 -8.72 20.09 1.29
CA ASN B 60 -8.72 21.41 1.89
C ASN B 60 -7.34 22.08 1.95
N THR B 61 -6.28 21.30 1.85
CA THR B 61 -4.93 21.85 1.85
C THR B 61 -4.75 22.75 0.63
N LEU B 62 -5.47 22.42 -0.44
CA LEU B 62 -5.39 23.18 -1.68
C LEU B 62 -5.75 24.65 -1.48
N LYS B 63 -6.51 24.93 -0.42
CA LYS B 63 -6.91 26.31 -0.14
C LYS B 63 -5.79 27.20 0.43
N ASN B 64 -4.69 26.57 0.87
CA ASN B 64 -3.58 27.32 1.44
C ASN B 64 -2.93 28.30 0.46
N ARG B 65 -2.72 27.86 -0.77
CA ARG B 65 -2.08 28.73 -1.75
C ARG B 65 -3.12 29.43 -2.64
N ASN B 66 -4.40 29.10 -2.43
CA ASN B 66 -5.49 29.71 -3.19
C ASN B 66 -6.66 29.99 -2.25
N PRO B 67 -6.53 31.06 -1.45
CA PRO B 67 -7.54 31.50 -0.48
C PRO B 67 -8.96 31.68 -1.00
N ASN B 68 -9.10 31.92 -2.30
CA ASN B 68 -10.42 32.12 -2.89
C ASN B 68 -11.16 30.82 -3.18
N LEU B 69 -10.43 29.71 -3.22
CA LEU B 69 -11.03 28.41 -3.48
C LEU B 69 -12.01 28.01 -2.37
N LYS B 70 -13.22 27.64 -2.76
CA LYS B 70 -14.22 27.20 -1.79
C LYS B 70 -14.37 25.70 -1.91
N THR B 71 -14.72 25.06 -0.80
CA THR B 71 -14.89 23.63 -0.77
C THR B 71 -16.21 23.23 -0.12
N LEU B 72 -16.84 22.16 -0.63
CA LEU B 72 -18.09 21.69 -0.07
C LEU B 72 -18.08 20.18 -0.01
N LEU B 73 -18.90 19.64 0.86
CA LEU B 73 -19.02 18.20 1.05
C LEU B 73 -20.42 17.83 0.57
N SER B 74 -20.50 16.90 -0.37
CA SER B 74 -21.79 16.47 -0.90
C SER B 74 -22.30 15.22 -0.19
N VAL B 75 -23.57 15.25 0.19
CA VAL B 75 -24.17 14.12 0.85
C VAL B 75 -25.22 13.50 -0.05
N GLY B 76 -25.14 12.20 -0.25
CA GLY B 76 -26.08 11.51 -1.10
C GLY B 76 -25.41 10.78 -2.24
N GLY B 77 -25.79 11.11 -3.47
CA GLY B 77 -25.20 10.43 -4.61
C GLY B 77 -26.09 9.29 -5.08
N TRP B 78 -25.91 8.88 -6.32
CA TRP B 78 -26.71 7.81 -6.90
C TRP B 78 -26.73 6.51 -6.08
N ASN B 79 -25.61 6.12 -5.49
CA ASN B 79 -25.57 4.89 -4.69
C ASN B 79 -25.95 5.07 -3.23
N PHE B 80 -26.65 6.16 -2.91
CA PHE B 80 -27.05 6.39 -1.53
C PHE B 80 -28.38 5.71 -1.22
N GLY B 81 -29.35 5.90 -2.12
CA GLY B 81 -30.66 5.30 -1.92
C GLY B 81 -31.67 6.32 -1.43
N SER B 82 -32.45 6.87 -2.36
CA SER B 82 -33.46 7.86 -2.04
C SER B 82 -34.30 7.44 -0.83
N GLN B 83 -34.48 6.14 -0.67
CA GLN B 83 -35.26 5.59 0.43
C GLN B 83 -34.75 6.07 1.78
N ARG B 84 -33.46 5.87 2.03
CA ARG B 84 -32.85 6.27 3.28
C ARG B 84 -32.98 7.77 3.49
N PHE B 85 -32.66 8.54 2.45
CA PHE B 85 -32.74 9.99 2.51
C PHE B 85 -34.16 10.44 2.85
N SER B 86 -35.15 9.74 2.31
CA SER B 86 -36.55 10.06 2.55
C SER B 86 -36.92 9.92 4.02
N LYS B 87 -36.59 8.77 4.61
CA LYS B 87 -36.90 8.53 6.02
C LYS B 87 -36.35 9.61 6.93
N ILE B 88 -35.15 10.10 6.61
CA ILE B 88 -34.51 11.12 7.41
C ILE B 88 -35.18 12.48 7.25
N ALA B 89 -35.48 12.85 6.01
CA ALA B 89 -36.10 14.14 5.74
C ALA B 89 -37.58 14.23 6.11
N SER B 90 -38.28 13.09 6.09
CA SER B 90 -39.70 13.08 6.43
C SER B 90 -39.93 13.08 7.94
N ASN B 91 -39.03 12.42 8.67
CA ASN B 91 -39.13 12.35 10.13
C ASN B 91 -38.62 13.64 10.77
N THR B 92 -39.50 14.33 11.48
CA THR B 92 -39.16 15.59 12.13
C THR B 92 -37.95 15.52 13.07
N GLN B 93 -37.82 14.42 13.81
CA GLN B 93 -36.70 14.29 14.73
C GLN B 93 -35.40 14.01 14.00
N SER B 94 -35.44 13.08 13.05
CA SER B 94 -34.26 12.72 12.26
C SER B 94 -33.74 13.92 11.47
N ARG B 95 -34.66 14.72 10.93
CA ARG B 95 -34.28 15.89 10.15
C ARG B 95 -33.50 16.88 11.01
N ARG B 96 -33.96 17.07 12.25
CA ARG B 96 -33.30 17.99 13.17
C ARG B 96 -31.90 17.48 13.52
N THR B 97 -31.81 16.22 13.89
CA THR B 97 -30.54 15.60 14.24
C THR B 97 -29.53 15.78 13.11
N PHE B 98 -29.97 15.46 11.89
CA PHE B 98 -29.13 15.59 10.71
C PHE B 98 -28.65 17.02 10.51
N ILE B 99 -29.60 17.95 10.47
CA ILE B 99 -29.27 19.36 10.27
C ILE B 99 -28.30 19.88 11.34
N LYS B 100 -28.58 19.58 12.60
CA LYS B 100 -27.73 20.02 13.69
C LYS B 100 -26.30 19.47 13.57
N SER B 101 -26.18 18.25 13.10
CA SER B 101 -24.87 17.60 12.96
C SER B 101 -24.01 18.12 11.80
N VAL B 102 -24.61 18.83 10.85
CA VAL B 102 -23.83 19.29 9.71
C VAL B 102 -22.78 20.37 9.98
N PRO B 103 -23.18 21.53 10.54
CA PRO B 103 -22.19 22.58 10.81
C PRO B 103 -20.93 22.12 11.58
N PRO B 104 -21.11 21.41 12.70
CA PRO B 104 -19.94 20.95 13.45
C PRO B 104 -19.02 20.11 12.58
N PHE B 105 -19.62 19.19 11.83
CA PHE B 105 -18.86 18.30 10.96
C PHE B 105 -18.06 19.02 9.88
N LEU B 106 -18.68 20.02 9.24
CA LEU B 106 -18.01 20.79 8.20
C LEU B 106 -16.88 21.67 8.75
N ARG B 107 -17.12 22.32 9.90
CA ARG B 107 -16.10 23.18 10.51
C ARG B 107 -14.94 22.31 10.99
N THR B 108 -15.28 21.15 11.55
CA THR B 108 -14.27 20.22 12.05
C THR B 108 -13.35 19.72 10.96
N HIS B 109 -13.87 19.56 9.75
CA HIS B 109 -13.05 19.06 8.65
C HIS B 109 -12.63 20.07 7.59
N GLY B 110 -12.86 21.34 7.86
CA GLY B 110 -12.44 22.39 6.94
C GLY B 110 -13.24 22.67 5.68
N PHE B 111 -14.53 22.32 5.70
CA PHE B 111 -15.39 22.55 4.53
C PHE B 111 -16.11 23.89 4.62
N ASP B 112 -16.37 24.50 3.46
CA ASP B 112 -17.06 25.79 3.40
C ASP B 112 -18.58 25.67 3.22
N GLY B 113 -19.07 24.45 3.04
CA GLY B 113 -20.51 24.27 2.85
C GLY B 113 -20.93 22.86 2.55
N LEU B 114 -22.24 22.68 2.36
CA LEU B 114 -22.83 21.38 2.07
C LEU B 114 -23.55 21.33 0.71
N ASP B 115 -23.41 20.23 0.01
CA ASP B 115 -24.08 20.03 -1.28
C ASP B 115 -25.04 18.86 -1.09
N LEU B 116 -26.34 19.12 -1.30
CA LEU B 116 -27.34 18.07 -1.16
C LEU B 116 -27.52 17.35 -2.50
N ALA B 117 -27.25 16.05 -2.51
CA ALA B 117 -27.39 15.25 -3.71
C ALA B 117 -28.36 14.09 -3.45
N TRP B 118 -29.62 14.45 -3.22
CA TRP B 118 -30.66 13.46 -2.95
C TRP B 118 -31.22 13.07 -4.31
N LEU B 119 -30.84 11.89 -4.80
CA LEU B 119 -31.28 11.42 -6.11
C LEU B 119 -32.24 10.24 -6.04
N TYR B 120 -33.55 10.50 -6.00
CA TYR B 120 -34.10 11.85 -6.00
C TYR B 120 -35.35 11.84 -5.14
N PRO B 121 -35.82 13.01 -4.69
CA PRO B 121 -37.03 13.03 -3.88
C PRO B 121 -38.14 12.39 -4.72
N GLY B 122 -39.16 11.87 -4.08
CA GLY B 122 -40.24 11.27 -4.87
C GLY B 122 -41.33 12.32 -4.96
N ARG B 123 -42.47 11.95 -5.56
CA ARG B 123 -43.58 12.89 -5.63
C ARG B 123 -43.98 13.09 -4.17
N ARG B 124 -43.77 12.05 -3.38
CA ARG B 124 -44.10 12.04 -1.96
C ARG B 124 -43.13 12.85 -1.08
N ASP B 125 -41.94 13.13 -1.58
CA ASP B 125 -40.95 13.88 -0.79
C ASP B 125 -40.71 15.31 -1.24
N LYS B 126 -41.45 15.74 -2.26
CA LYS B 126 -41.30 17.09 -2.79
C LYS B 126 -41.29 18.17 -1.70
N GLN B 127 -42.29 18.14 -0.83
CA GLN B 127 -42.37 19.12 0.24
C GLN B 127 -41.28 18.93 1.29
N HIS B 128 -40.98 17.68 1.61
CA HIS B 128 -39.95 17.37 2.59
C HIS B 128 -38.62 17.93 2.10
N PHE B 129 -38.36 17.79 0.81
CA PHE B 129 -37.12 18.29 0.24
C PHE B 129 -37.03 19.80 0.49
N THR B 130 -38.15 20.48 0.24
CA THR B 130 -38.22 21.92 0.44
C THR B 130 -37.95 22.28 1.90
N THR B 131 -38.59 21.56 2.81
CA THR B 131 -38.43 21.80 4.24
C THR B 131 -36.98 21.58 4.66
N LEU B 132 -36.40 20.47 4.20
CA LEU B 132 -35.01 20.13 4.52
C LEU B 132 -34.08 21.27 4.12
N ILE B 133 -34.21 21.74 2.89
CA ILE B 133 -33.38 22.83 2.39
C ILE B 133 -33.62 24.12 3.16
N LYS B 134 -34.88 24.41 3.44
CA LYS B 134 -35.26 25.60 4.18
C LYS B 134 -34.66 25.64 5.60
N GLU B 135 -34.81 24.52 6.31
CA GLU B 135 -34.31 24.43 7.67
C GLU B 135 -32.78 24.32 7.76
N MET B 136 -32.17 23.67 6.79
CA MET B 136 -30.71 23.52 6.79
C MET B 136 -30.09 24.90 6.63
N LYS B 137 -30.68 25.70 5.75
CA LYS B 137 -30.17 27.05 5.52
C LYS B 137 -30.35 27.88 6.80
N ALA B 138 -31.45 27.64 7.50
CA ALA B 138 -31.72 28.35 8.74
C ALA B 138 -30.57 28.06 9.71
N GLU B 139 -30.27 26.78 9.90
CA GLU B 139 -29.19 26.36 10.79
C GLU B 139 -27.87 27.02 10.40
N PHE B 140 -27.56 27.04 9.11
CA PHE B 140 -26.32 27.65 8.66
C PHE B 140 -26.26 29.15 9.01
N ILE B 141 -27.38 29.84 8.85
CA ILE B 141 -27.44 31.27 9.16
C ILE B 141 -27.23 31.47 10.66
N LYS B 142 -27.86 30.61 11.45
CA LYS B 142 -27.76 30.65 12.90
C LYS B 142 -26.30 30.43 13.33
N GLU B 143 -25.71 29.34 12.85
CA GLU B 143 -24.34 28.98 13.18
C GLU B 143 -23.32 30.09 12.90
N ALA B 144 -23.64 30.96 11.94
CA ALA B 144 -22.73 32.05 11.59
C ALA B 144 -23.20 33.40 12.13
N GLN B 145 -24.38 33.42 12.75
CA GLN B 145 -24.94 34.66 13.30
C GLN B 145 -23.93 35.52 14.06
N PRO B 146 -23.09 34.90 14.90
CA PRO B 146 -22.10 35.68 15.66
C PRO B 146 -21.15 36.51 14.79
N GLY B 147 -20.88 36.04 13.57
CA GLY B 147 -19.99 36.78 12.69
C GLY B 147 -19.07 35.92 11.83
N LYS B 148 -19.39 34.64 11.71
CA LYS B 148 -18.58 33.72 10.91
C LYS B 148 -18.88 33.87 9.43
N LYS B 149 -18.05 33.21 8.61
CA LYS B 149 -18.27 33.21 7.17
C LYS B 149 -19.31 32.11 7.02
N GLN B 150 -20.55 32.52 6.74
CA GLN B 150 -21.65 31.57 6.60
C GLN B 150 -21.39 30.37 5.69
N LEU B 151 -21.80 29.20 6.14
CA LEU B 151 -21.61 27.98 5.36
C LEU B 151 -22.48 28.07 4.10
N LEU B 152 -21.98 27.51 3.00
CA LEU B 152 -22.72 27.52 1.75
C LEU B 152 -23.63 26.30 1.63
N LEU B 153 -24.77 26.47 0.96
CA LEU B 153 -25.70 25.37 0.74
C LEU B 153 -26.07 25.29 -0.73
N SER B 154 -25.79 24.14 -1.35
CA SER B 154 -26.11 23.92 -2.75
C SER B 154 -26.86 22.62 -2.90
N ALA B 155 -27.28 22.33 -4.13
CA ALA B 155 -28.00 21.10 -4.42
C ALA B 155 -27.79 20.69 -5.87
N ALA B 156 -27.55 19.40 -6.08
CA ALA B 156 -27.38 18.85 -7.42
C ALA B 156 -28.77 18.34 -7.79
N LEU B 157 -29.35 18.90 -8.85
CA LEU B 157 -30.69 18.50 -9.24
C LEU B 157 -30.77 17.79 -10.59
N SER B 158 -31.75 16.91 -10.72
CA SER B 158 -31.95 16.17 -11.95
C SER B 158 -32.30 17.15 -13.08
N ALA B 159 -31.91 16.80 -14.30
CA ALA B 159 -32.20 17.63 -15.46
C ALA B 159 -33.38 17.02 -16.23
N GLY B 160 -33.92 15.92 -15.70
CA GLY B 160 -35.03 15.26 -16.35
C GLY B 160 -36.37 15.88 -16.00
N LYS B 161 -37.13 16.25 -17.04
CA LYS B 161 -38.43 16.87 -16.83
C LYS B 161 -39.35 16.11 -15.88
N VAL B 162 -39.47 14.81 -16.06
CA VAL B 162 -40.34 14.01 -15.22
C VAL B 162 -39.95 14.13 -13.75
N THR B 163 -38.66 13.96 -13.45
CA THR B 163 -38.17 14.05 -12.08
C THR B 163 -38.36 15.46 -11.53
N ILE B 164 -38.06 16.46 -12.35
CA ILE B 164 -38.18 17.85 -11.93
C ILE B 164 -39.64 18.15 -11.55
N ASP B 165 -40.58 17.73 -12.38
CA ASP B 165 -42.00 17.99 -12.10
C ASP B 165 -42.52 17.28 -10.85
N SER B 166 -42.04 16.08 -10.57
CA SER B 166 -42.52 15.35 -9.41
C SER B 166 -41.72 15.55 -8.11
N SER B 167 -40.45 15.92 -8.23
CA SER B 167 -39.61 16.06 -7.04
C SER B 167 -39.30 17.45 -6.51
N TYR B 168 -39.16 18.44 -7.39
CA TYR B 168 -38.77 19.76 -6.93
C TYR B 168 -39.78 20.91 -7.01
N ASP B 169 -39.68 21.81 -6.04
CA ASP B 169 -40.49 23.01 -6.01
C ASP B 169 -39.43 24.07 -6.24
N ILE B 170 -38.98 24.15 -7.49
CA ILE B 170 -37.93 25.06 -7.91
C ILE B 170 -38.02 26.47 -7.34
N ALA B 171 -39.17 27.12 -7.47
CA ALA B 171 -39.34 28.49 -6.98
C ALA B 171 -39.01 28.62 -5.50
N LYS B 172 -39.53 27.70 -4.69
CA LYS B 172 -39.31 27.74 -3.25
C LYS B 172 -37.86 27.46 -2.82
N ILE B 173 -37.28 26.36 -3.28
CA ILE B 173 -35.92 26.02 -2.87
C ILE B 173 -34.85 26.95 -3.42
N SER B 174 -35.13 27.59 -4.56
CA SER B 174 -34.16 28.50 -5.17
C SER B 174 -33.82 29.68 -4.26
N GLN B 175 -34.77 30.05 -3.41
CA GLN B 175 -34.57 31.16 -2.48
C GLN B 175 -33.55 30.84 -1.40
N HIS B 176 -33.59 29.60 -0.90
CA HIS B 176 -32.70 29.16 0.17
C HIS B 176 -31.31 28.65 -0.24
N LEU B 177 -31.20 28.18 -1.47
CA LEU B 177 -29.92 27.65 -1.96
C LEU B 177 -28.99 28.75 -2.46
N ASP B 178 -27.69 28.57 -2.23
CA ASP B 178 -26.73 29.57 -2.70
C ASP B 178 -26.53 29.32 -4.20
N PHE B 179 -26.75 28.09 -4.63
CA PHE B 179 -26.65 27.76 -6.05
C PHE B 179 -27.12 26.36 -6.34
N ILE B 180 -27.65 26.18 -7.55
CA ILE B 180 -28.17 24.90 -7.99
C ILE B 180 -27.35 24.35 -9.15
N SER B 181 -26.95 23.10 -9.03
CA SER B 181 -26.22 22.47 -10.11
C SER B 181 -27.21 21.57 -10.84
N ILE B 182 -27.52 21.90 -12.08
CA ILE B 182 -28.46 21.06 -12.85
C ILE B 182 -27.64 20.02 -13.62
N MET B 183 -27.94 18.76 -13.38
CA MET B 183 -27.21 17.65 -14.00
C MET B 183 -27.64 17.37 -15.44
N THR B 184 -27.27 18.26 -16.34
CA THR B 184 -27.59 18.17 -17.76
C THR B 184 -26.75 17.17 -18.54
N TYR B 185 -26.94 15.89 -18.22
CA TYR B 185 -26.26 14.77 -18.87
C TYR B 185 -27.06 13.52 -18.50
N ASP B 186 -26.59 12.33 -18.87
CA ASP B 186 -27.35 11.10 -18.60
C ASP B 186 -28.75 11.18 -19.24
N PHE B 187 -28.87 11.89 -20.36
CA PHE B 187 -30.15 12.04 -21.04
C PHE B 187 -30.55 10.86 -21.92
N HIS B 188 -29.58 10.02 -22.27
CA HIS B 188 -29.85 8.88 -23.12
C HIS B 188 -29.08 7.73 -22.50
N GLY B 189 -29.61 6.52 -22.67
CA GLY B 189 -28.96 5.35 -22.12
C GLY B 189 -29.28 4.09 -22.89
N ALA B 190 -28.49 3.05 -22.63
CA ALA B 190 -28.65 1.76 -23.29
C ALA B 190 -30.07 1.22 -23.30
N TRP B 191 -30.85 1.53 -22.28
CA TRP B 191 -32.21 1.01 -22.24
C TRP B 191 -33.08 1.43 -23.42
N ARG B 192 -32.78 2.57 -24.03
CA ARG B 192 -33.58 3.06 -25.15
C ARG B 192 -33.41 2.20 -26.40
N GLY B 193 -32.36 1.38 -26.43
CA GLY B 193 -32.16 0.50 -27.56
C GLY B 193 -31.51 1.04 -28.81
N THR B 194 -31.10 2.31 -28.77
CA THR B 194 -30.46 2.95 -29.91
C THR B 194 -29.33 3.85 -29.43
N THR B 195 -28.45 4.23 -30.34
CA THR B 195 -27.36 5.13 -29.95
C THR B 195 -27.96 6.52 -29.77
N GLY B 196 -27.41 7.26 -28.82
CA GLY B 196 -27.88 8.60 -28.57
C GLY B 196 -26.88 9.29 -27.68
N HIS B 197 -26.67 10.59 -27.88
CA HIS B 197 -25.71 11.31 -27.06
C HIS B 197 -26.40 11.61 -25.73
N HIS B 198 -25.71 11.34 -24.63
CA HIS B 198 -26.31 11.55 -23.31
C HIS B 198 -26.28 12.99 -22.81
N SER B 199 -25.60 13.88 -23.52
CA SER B 199 -25.53 15.27 -23.06
C SER B 199 -25.51 16.27 -24.23
N PRO B 200 -26.53 16.24 -25.10
CA PRO B 200 -26.55 17.18 -26.22
C PRO B 200 -26.89 18.56 -25.69
N LEU B 201 -26.39 19.60 -26.33
CA LEU B 201 -26.68 20.96 -25.90
C LEU B 201 -28.10 21.34 -26.34
N PHE B 202 -28.43 21.05 -27.59
CA PHE B 202 -29.77 21.34 -28.12
C PHE B 202 -30.41 20.04 -28.63
N ARG B 203 -31.71 20.08 -28.90
CA ARG B 203 -32.40 18.89 -29.39
C ARG B 203 -31.84 18.38 -30.72
N GLY B 204 -31.53 19.29 -31.63
CA GLY B 204 -30.99 18.88 -32.92
C GLY B 204 -32.06 18.37 -33.88
N GLN B 205 -31.64 17.57 -34.87
CA GLN B 205 -32.57 17.05 -35.88
C GLN B 205 -33.85 16.58 -35.23
N GLU B 206 -34.93 17.31 -35.47
CA GLU B 206 -36.22 17.00 -34.89
C GLU B 206 -36.63 15.53 -35.07
N ASP B 207 -36.10 14.90 -36.11
CA ASP B 207 -36.38 13.50 -36.45
C ASP B 207 -35.57 12.42 -35.76
N ALA B 208 -34.33 12.76 -35.40
CA ALA B 208 -33.43 11.79 -34.79
C ALA B 208 -33.47 11.63 -33.28
N SER B 209 -34.46 12.23 -32.63
CA SER B 209 -34.55 12.12 -31.17
C SER B 209 -35.92 11.69 -30.70
N PRO B 210 -35.96 10.78 -29.72
CA PRO B 210 -37.22 10.27 -29.17
C PRO B 210 -37.97 11.34 -28.39
N ASP B 211 -37.27 11.92 -27.43
CA ASP B 211 -37.83 12.93 -26.55
C ASP B 211 -37.60 14.37 -26.99
N ARG B 212 -38.44 15.27 -26.50
CA ARG B 212 -38.33 16.70 -26.80
C ARG B 212 -37.49 17.36 -25.71
N PHE B 213 -37.60 16.81 -24.51
CA PHE B 213 -36.94 17.32 -23.33
C PHE B 213 -35.53 16.84 -22.98
N SER B 214 -35.09 15.73 -23.56
CA SER B 214 -33.79 15.17 -23.21
C SER B 214 -32.53 15.85 -23.76
N ASN B 215 -32.37 17.13 -23.43
CA ASN B 215 -31.20 17.87 -23.86
C ASN B 215 -30.93 19.03 -22.91
N THR B 216 -29.69 19.48 -22.85
CA THR B 216 -29.30 20.56 -21.96
C THR B 216 -30.18 21.81 -22.11
N ASP B 217 -30.28 22.32 -23.33
CA ASP B 217 -31.06 23.53 -23.58
C ASP B 217 -32.47 23.48 -23.01
N TYR B 218 -33.20 22.40 -23.25
CA TYR B 218 -34.56 22.31 -22.72
C TYR B 218 -34.60 22.38 -21.20
N ALA B 219 -33.71 21.64 -20.54
CA ALA B 219 -33.67 21.60 -19.08
C ALA B 219 -33.38 22.97 -18.46
N VAL B 220 -32.41 23.68 -19.01
CA VAL B 220 -32.05 25.00 -18.49
C VAL B 220 -33.25 25.94 -18.66
N GLY B 221 -33.78 26.02 -19.87
CA GLY B 221 -34.92 26.88 -20.12
C GLY B 221 -36.07 26.52 -19.21
N TYR B 222 -36.31 25.23 -19.02
CA TYR B 222 -37.41 24.78 -18.19
C TYR B 222 -37.29 25.16 -16.72
N MET B 223 -36.10 24.97 -16.15
CA MET B 223 -35.93 25.30 -14.75
C MET B 223 -36.00 26.82 -14.53
N LEU B 224 -35.54 27.59 -15.50
CA LEU B 224 -35.58 29.06 -15.42
C LEU B 224 -37.05 29.47 -15.42
N ARG B 225 -37.87 28.70 -16.12
CA ARG B 225 -39.31 28.96 -16.20
C ARG B 225 -40.00 28.61 -14.90
N LEU B 226 -39.42 27.69 -14.15
CA LEU B 226 -40.01 27.29 -12.88
C LEU B 226 -39.62 28.24 -11.74
N GLY B 227 -38.85 29.27 -12.07
CA GLY B 227 -38.44 30.24 -11.08
C GLY B 227 -36.99 30.24 -10.61
N ALA B 228 -36.18 29.28 -11.04
CA ALA B 228 -34.80 29.26 -10.60
C ALA B 228 -34.08 30.46 -11.17
N PRO B 229 -33.57 31.35 -10.32
CA PRO B 229 -32.86 32.53 -10.81
C PRO B 229 -31.62 32.14 -11.60
N ALA B 230 -31.42 32.78 -12.75
CA ALA B 230 -30.25 32.47 -13.57
C ALA B 230 -28.96 32.64 -12.80
N SER B 231 -28.95 33.61 -11.88
CA SER B 231 -27.77 33.89 -11.06
C SER B 231 -27.47 32.77 -10.06
N LYS B 232 -28.40 31.84 -9.91
CA LYS B 232 -28.22 30.72 -8.98
C LYS B 232 -28.15 29.37 -9.70
N LEU B 233 -28.23 29.39 -11.02
CA LEU B 233 -28.21 28.16 -11.77
C LEU B 233 -26.84 27.86 -12.37
N VAL B 234 -26.31 26.68 -12.04
CA VAL B 234 -25.01 26.24 -12.54
C VAL B 234 -25.31 25.06 -13.46
N MET B 235 -24.80 25.12 -14.68
CA MET B 235 -25.06 24.10 -15.69
C MET B 235 -24.06 22.93 -15.70
N GLY B 236 -24.58 21.72 -15.52
CA GLY B 236 -23.72 20.55 -15.52
C GLY B 236 -23.15 20.13 -16.87
N ILE B 237 -21.86 19.84 -16.88
CA ILE B 237 -21.16 19.41 -18.07
C ILE B 237 -20.38 18.17 -17.68
N PRO B 238 -20.56 17.06 -18.40
CA PRO B 238 -19.87 15.80 -18.10
C PRO B 238 -18.48 15.66 -18.69
N THR B 239 -17.59 15.00 -17.95
CA THR B 239 -16.24 14.75 -18.44
C THR B 239 -16.15 13.26 -18.73
N PHE B 240 -17.31 12.63 -18.88
CA PHE B 240 -17.38 11.21 -19.19
C PHE B 240 -18.38 11.00 -20.31
N GLY B 241 -18.28 9.87 -21.00
CA GLY B 241 -19.21 9.60 -22.07
C GLY B 241 -20.05 8.39 -21.76
N ARG B 242 -21.14 8.21 -22.49
CA ARG B 242 -22.02 7.06 -22.32
C ARG B 242 -21.83 6.25 -23.61
N SER B 243 -21.47 4.98 -23.43
CA SER B 243 -21.16 4.08 -24.54
C SER B 243 -22.20 3.00 -24.81
N PHE B 244 -22.18 2.49 -26.04
CA PHE B 244 -23.10 1.45 -26.46
C PHE B 244 -22.34 0.46 -27.33
N THR B 245 -22.85 -0.77 -27.38
CA THR B 245 -22.27 -1.78 -28.27
C THR B 245 -23.21 -1.82 -29.49
N LEU B 246 -22.69 -1.53 -30.67
CA LEU B 246 -23.49 -1.51 -31.89
C LEU B 246 -23.95 -2.91 -32.32
N ALA B 247 -25.14 -3.00 -32.91
CA ALA B 247 -25.67 -4.28 -33.36
C ALA B 247 -25.61 -4.48 -34.87
N SER B 248 -25.13 -3.49 -35.60
CA SER B 248 -25.06 -3.59 -37.05
C SER B 248 -23.98 -2.67 -37.61
N SER B 249 -23.99 -2.51 -38.93
CA SER B 249 -23.01 -1.64 -39.57
C SER B 249 -23.38 -0.16 -39.40
N GLU B 250 -24.59 0.12 -38.95
CA GLU B 250 -25.04 1.49 -38.74
C GLU B 250 -24.36 2.12 -37.54
N THR B 251 -23.80 3.31 -37.74
CA THR B 251 -23.05 4.00 -36.69
C THR B 251 -23.53 5.41 -36.37
N GLY B 252 -24.67 5.81 -36.93
CA GLY B 252 -25.17 7.15 -36.67
C GLY B 252 -26.05 7.25 -35.43
N VAL B 253 -26.58 8.44 -35.20
CA VAL B 253 -27.46 8.67 -34.06
C VAL B 253 -28.72 7.82 -34.28
N GLY B 254 -29.13 7.07 -33.26
CA GLY B 254 -30.31 6.25 -33.42
C GLY B 254 -30.07 4.86 -34.00
N ALA B 255 -28.80 4.48 -34.14
CA ALA B 255 -28.46 3.17 -34.67
C ALA B 255 -28.80 2.06 -33.67
N PRO B 256 -29.05 0.84 -34.17
CA PRO B 256 -29.37 -0.32 -33.30
C PRO B 256 -28.20 -0.67 -32.39
N ILE B 257 -28.51 -1.05 -31.15
CA ILE B 257 -27.48 -1.43 -30.20
C ILE B 257 -27.89 -2.73 -29.52
N SER B 258 -26.92 -3.45 -28.97
CA SER B 258 -27.20 -4.71 -28.29
C SER B 258 -27.11 -4.53 -26.77
N GLY B 259 -26.66 -3.35 -26.33
CA GLY B 259 -26.54 -3.07 -24.92
C GLY B 259 -25.48 -2.01 -24.65
N PRO B 260 -25.06 -1.83 -23.39
CA PRO B 260 -24.05 -0.82 -23.07
C PRO B 260 -22.68 -1.15 -23.68
N GLY B 261 -21.81 -0.15 -23.71
CA GLY B 261 -20.49 -0.36 -24.29
C GLY B 261 -19.59 -1.20 -23.40
N ILE B 262 -18.48 -1.66 -23.96
CA ILE B 262 -17.50 -2.46 -23.23
C ILE B 262 -16.88 -1.56 -22.14
N PRO B 263 -16.76 -2.09 -20.91
CA PRO B 263 -16.20 -1.35 -19.77
C PRO B 263 -14.82 -0.75 -20.05
N GLY B 264 -14.56 0.43 -19.49
CA GLY B 264 -13.27 1.06 -19.69
C GLY B 264 -12.22 0.33 -18.87
N ARG B 265 -10.96 0.44 -19.27
CA ARG B 265 -9.88 -0.25 -18.55
C ARG B 265 -9.76 0.20 -17.09
N PHE B 266 -9.94 1.48 -16.83
CA PHE B 266 -9.82 2.02 -15.48
C PHE B 266 -11.14 2.22 -14.73
N THR B 267 -12.19 2.67 -15.41
CA THR B 267 -13.46 2.88 -14.72
C THR B 267 -14.24 1.58 -14.54
N LYS B 268 -13.99 0.61 -15.40
CA LYS B 268 -14.64 -0.71 -15.31
C LYS B 268 -16.14 -0.70 -15.05
N GLU B 269 -16.89 0.03 -15.87
CA GLU B 269 -18.34 0.10 -15.72
C GLU B 269 -18.96 0.16 -17.10
N ALA B 270 -19.62 -0.93 -17.50
CA ALA B 270 -20.24 -0.99 -18.82
C ALA B 270 -21.13 0.23 -19.05
N GLY B 271 -20.99 0.87 -20.21
CA GLY B 271 -21.81 2.02 -20.51
C GLY B 271 -21.18 3.36 -20.15
N THR B 272 -20.01 3.32 -19.54
CA THR B 272 -19.29 4.51 -19.11
C THR B 272 -17.83 4.49 -19.52
N LEU B 273 -17.31 5.66 -19.88
CA LEU B 273 -15.91 5.81 -20.24
C LEU B 273 -15.48 7.18 -19.74
N ALA B 274 -14.36 7.25 -19.03
CA ALA B 274 -13.85 8.53 -18.54
C ALA B 274 -13.25 9.22 -19.75
N TYR B 275 -13.11 10.54 -19.69
CA TYR B 275 -12.53 11.24 -20.83
C TYR B 275 -11.15 10.72 -21.20
N TYR B 276 -10.33 10.41 -20.20
CA TYR B 276 -8.99 9.92 -20.51
C TYR B 276 -9.07 8.57 -21.21
N GLU B 277 -10.10 7.78 -20.88
CA GLU B 277 -10.27 6.49 -21.54
C GLU B 277 -10.75 6.71 -22.98
N ILE B 278 -11.55 7.76 -23.16
CA ILE B 278 -12.06 8.09 -24.49
C ILE B 278 -10.91 8.51 -25.40
N CYS B 279 -9.96 9.27 -24.85
CA CYS B 279 -8.81 9.72 -25.63
C CYS B 279 -8.03 8.51 -26.18
N ASP B 280 -8.02 7.41 -25.44
CA ASP B 280 -7.35 6.20 -25.90
C ASP B 280 -8.21 5.63 -27.02
N PHE B 281 -9.51 5.53 -26.74
CA PHE B 281 -10.50 5.00 -27.68
C PHE B 281 -10.41 5.73 -29.01
N LEU B 282 -10.21 7.03 -28.95
CA LEU B 282 -10.13 7.85 -30.15
C LEU B 282 -9.05 7.42 -31.12
N ARG B 283 -8.02 6.75 -30.63
CA ARG B 283 -6.94 6.30 -31.51
C ARG B 283 -7.49 5.25 -32.47
N GLY B 284 -7.62 5.64 -33.73
CA GLY B 284 -8.12 4.72 -34.74
C GLY B 284 -9.63 4.77 -34.87
N ALA B 285 -10.25 5.73 -34.18
CA ALA B 285 -11.69 5.86 -34.21
C ALA B 285 -12.13 7.03 -35.09
N THR B 286 -13.41 7.05 -35.43
CA THR B 286 -13.95 8.12 -36.24
C THR B 286 -14.82 9.00 -35.34
N VAL B 287 -14.58 10.30 -35.39
CA VAL B 287 -15.34 11.25 -34.58
C VAL B 287 -16.28 12.05 -35.44
N HIS B 288 -17.54 12.15 -35.01
CA HIS B 288 -18.55 12.88 -35.75
C HIS B 288 -19.19 13.97 -34.90
N ARG B 289 -19.34 15.14 -35.50
CA ARG B 289 -19.95 16.27 -34.82
C ARG B 289 -21.44 16.19 -35.12
N ILE B 290 -22.26 16.04 -34.09
CA ILE B 290 -23.69 15.97 -34.32
C ILE B 290 -24.21 17.39 -34.56
N LEU B 291 -24.59 17.69 -35.81
CA LEU B 291 -25.11 19.00 -36.15
C LEU B 291 -26.40 19.20 -35.39
N GLY B 292 -26.62 20.38 -34.86
CA GLY B 292 -27.85 20.60 -34.14
C GLY B 292 -27.69 20.34 -32.66
N GLN B 293 -26.97 19.29 -32.29
CA GLN B 293 -26.77 19.00 -30.87
C GLN B 293 -25.46 19.60 -30.37
N GLN B 294 -24.55 19.92 -31.30
CA GLN B 294 -23.27 20.55 -30.97
C GLN B 294 -22.31 19.68 -30.13
N VAL B 295 -22.46 18.37 -30.20
CA VAL B 295 -21.59 17.49 -29.43
C VAL B 295 -21.10 16.34 -30.28
N PRO B 296 -19.97 15.73 -29.89
CA PRO B 296 -19.43 14.61 -30.66
C PRO B 296 -19.69 13.21 -30.12
N TYR B 297 -19.58 12.25 -31.02
CA TYR B 297 -19.68 10.86 -30.65
C TYR B 297 -18.54 10.26 -31.43
N ALA B 298 -17.98 9.18 -30.92
CA ALA B 298 -16.88 8.52 -31.59
C ALA B 298 -17.30 7.07 -31.74
N THR B 299 -16.89 6.44 -32.83
CA THR B 299 -17.26 5.06 -33.04
C THR B 299 -16.07 4.31 -33.62
N LYS B 300 -15.91 3.05 -33.23
CA LYS B 300 -14.81 2.22 -33.70
C LYS B 300 -15.27 0.79 -33.49
N GLY B 301 -15.24 -0.01 -34.55
CA GLY B 301 -15.70 -1.38 -34.41
C GLY B 301 -17.14 -1.36 -33.93
N ASN B 302 -17.49 -2.29 -33.05
CA ASN B 302 -18.86 -2.35 -32.53
C ASN B 302 -19.09 -1.46 -31.30
N GLN B 303 -18.28 -0.42 -31.16
CA GLN B 303 -18.38 0.50 -30.02
C GLN B 303 -18.75 1.92 -30.47
N TRP B 304 -19.54 2.58 -29.64
CA TRP B 304 -20.02 3.93 -29.93
C TRP B 304 -20.14 4.68 -28.60
N VAL B 305 -19.63 5.90 -28.54
CA VAL B 305 -19.71 6.68 -27.32
C VAL B 305 -19.96 8.16 -27.55
N GLY B 306 -20.94 8.69 -26.83
CA GLY B 306 -21.26 10.11 -26.93
C GLY B 306 -20.58 10.79 -25.75
N TYR B 307 -19.86 11.88 -26.01
CA TYR B 307 -19.13 12.58 -24.96
C TYR B 307 -18.92 14.05 -25.30
N ASP B 308 -18.16 14.74 -24.44
CA ASP B 308 -17.85 16.16 -24.60
C ASP B 308 -16.34 16.36 -24.74
N ASP B 309 -15.93 17.26 -25.65
CA ASP B 309 -14.51 17.55 -25.80
C ASP B 309 -14.29 19.05 -25.68
N GLN B 310 -13.04 19.48 -25.84
CA GLN B 310 -12.73 20.90 -25.72
C GLN B 310 -13.66 21.78 -26.52
N GLU B 311 -13.91 21.39 -27.77
CA GLU B 311 -14.78 22.17 -28.63
C GLU B 311 -16.22 22.24 -28.14
N SER B 312 -16.77 21.11 -27.72
CA SER B 312 -18.17 21.15 -27.24
C SER B 312 -18.34 21.86 -25.90
N VAL B 313 -17.40 21.69 -24.97
CA VAL B 313 -17.57 22.38 -23.67
C VAL B 313 -17.49 23.90 -23.88
N LYS B 314 -16.71 24.32 -24.87
CA LYS B 314 -16.58 25.74 -25.19
C LYS B 314 -17.96 26.26 -25.62
N SER B 315 -18.63 25.52 -26.51
CA SER B 315 -19.96 25.90 -26.99
C SER B 315 -20.94 25.94 -25.83
N LYS B 316 -20.89 24.94 -24.96
CA LYS B 316 -21.80 24.89 -23.82
C LYS B 316 -21.56 26.09 -22.89
N VAL B 317 -20.31 26.48 -22.71
CA VAL B 317 -20.02 27.63 -21.86
C VAL B 317 -20.59 28.88 -22.55
N GLN B 318 -20.40 28.98 -23.86
CA GLN B 318 -20.92 30.13 -24.61
C GLN B 318 -22.40 30.23 -24.36
N TYR B 319 -23.07 29.08 -24.34
CA TYR B 319 -24.51 29.00 -24.12
C TYR B 319 -24.92 29.47 -22.74
N LEU B 320 -24.23 29.00 -21.71
CA LEU B 320 -24.58 29.39 -20.35
C LEU B 320 -24.31 30.88 -20.13
N LYS B 321 -23.26 31.41 -20.74
CA LYS B 321 -22.97 32.83 -20.60
C LYS B 321 -24.07 33.66 -21.28
N ASP B 322 -24.50 33.21 -22.47
CA ASP B 322 -25.56 33.92 -23.17
C ASP B 322 -26.86 33.89 -22.36
N ARG B 323 -26.99 32.89 -21.51
CA ARG B 323 -28.17 32.75 -20.65
C ARG B 323 -27.95 33.42 -19.30
N GLN B 324 -26.77 33.97 -19.10
CA GLN B 324 -26.44 34.65 -17.85
C GLN B 324 -26.63 33.72 -16.63
N LEU B 325 -26.14 32.48 -16.74
CA LEU B 325 -26.24 31.53 -15.64
C LEU B 325 -25.06 31.77 -14.70
N ALA B 326 -25.14 31.21 -13.49
CA ALA B 326 -24.09 31.40 -12.48
C ALA B 326 -22.76 30.80 -12.90
N GLY B 327 -22.81 29.83 -13.80
CA GLY B 327 -21.59 29.19 -14.24
C GLY B 327 -21.82 27.75 -14.63
N ALA B 328 -20.75 26.95 -14.56
CA ALA B 328 -20.81 25.55 -14.92
C ALA B 328 -20.41 24.61 -13.79
N MET B 329 -20.95 23.40 -13.84
CA MET B 329 -20.64 22.36 -12.87
C MET B 329 -20.02 21.23 -13.69
N VAL B 330 -19.01 20.59 -13.12
CA VAL B 330 -18.31 19.51 -13.78
C VAL B 330 -18.33 18.21 -13.00
N TRP B 331 -18.76 17.14 -13.68
CA TRP B 331 -18.78 15.81 -13.09
C TRP B 331 -18.01 14.93 -14.05
N ALA B 332 -16.79 14.53 -13.71
CA ALA B 332 -16.16 14.90 -12.43
C ALA B 332 -14.67 15.09 -12.66
N LEU B 333 -13.99 15.77 -11.74
CA LEU B 333 -12.57 16.03 -11.87
C LEU B 333 -11.76 14.79 -12.19
N ASP B 334 -12.07 13.69 -11.51
CA ASP B 334 -11.35 12.44 -11.70
C ASP B 334 -11.69 11.68 -12.98
N LEU B 335 -12.59 12.21 -13.80
CA LEU B 335 -12.93 11.54 -15.05
C LEU B 335 -12.32 12.31 -16.21
N ASP B 336 -11.84 13.50 -15.91
CA ASP B 336 -11.16 14.34 -16.90
C ASP B 336 -9.76 13.72 -16.95
N ASP B 337 -8.90 14.15 -17.87
CA ASP B 337 -7.54 13.61 -17.92
C ASP B 337 -6.71 14.36 -16.88
N PHE B 338 -6.88 14.00 -15.61
CA PHE B 338 -6.15 14.68 -14.54
C PHE B 338 -4.63 14.42 -14.60
N GLN B 339 -4.24 13.26 -15.13
CA GLN B 339 -2.83 12.93 -15.27
C GLN B 339 -2.24 13.79 -16.37
N GLY B 340 -3.05 14.06 -17.39
CA GLY B 340 -2.60 14.87 -18.51
C GLY B 340 -1.76 14.09 -19.49
N SER B 341 -1.70 12.78 -19.31
CA SER B 341 -0.89 11.94 -20.18
C SER B 341 -1.65 11.10 -21.21
N PHE B 342 -2.97 11.01 -21.09
CA PHE B 342 -3.75 10.21 -22.02
C PHE B 342 -4.15 10.89 -23.32
N CYS B 343 -4.49 12.17 -23.22
CA CYS B 343 -4.92 12.92 -24.40
C CYS B 343 -3.77 13.68 -25.06
N GLY B 344 -2.55 13.37 -24.64
CA GLY B 344 -1.40 14.06 -25.19
C GLY B 344 -1.41 15.51 -24.73
N GLN B 345 -0.58 16.34 -25.35
CA GLN B 345 -0.51 17.76 -25.01
C GLN B 345 0.03 17.96 -23.60
N ASP B 346 0.11 16.87 -22.84
CA ASP B 346 0.62 16.92 -21.48
C ASP B 346 -0.18 17.85 -20.57
N LEU B 347 -1.23 18.44 -21.13
CA LEU B 347 -2.07 19.35 -20.36
C LEU B 347 -2.98 18.58 -19.40
N ARG B 348 -2.95 18.96 -18.12
CA ARG B 348 -3.78 18.31 -17.12
C ARG B 348 -5.18 18.91 -17.12
N PHE B 349 -6.18 18.07 -16.84
CA PHE B 349 -7.57 18.50 -16.80
C PHE B 349 -7.93 19.32 -18.05
N PRO B 350 -7.69 18.75 -19.25
CA PRO B 350 -7.99 19.45 -20.51
C PRO B 350 -9.42 19.96 -20.66
N LEU B 351 -10.40 19.14 -20.31
CA LEU B 351 -11.79 19.58 -20.44
C LEU B 351 -12.15 20.66 -19.46
N THR B 352 -11.74 20.48 -18.20
CA THR B 352 -12.07 21.47 -17.18
C THR B 352 -11.35 22.80 -17.40
N ASN B 353 -10.13 22.75 -17.94
CA ASN B 353 -9.39 23.98 -18.21
C ASN B 353 -10.03 24.68 -19.42
N ALA B 354 -10.52 23.88 -20.37
CA ALA B 354 -11.18 24.43 -21.55
C ALA B 354 -12.39 25.23 -21.07
N ILE B 355 -13.10 24.68 -20.09
CA ILE B 355 -14.28 25.33 -19.53
C ILE B 355 -13.90 26.61 -18.78
N LYS B 356 -12.82 26.54 -18.02
CA LYS B 356 -12.34 27.67 -17.23
C LYS B 356 -11.96 28.81 -18.18
N ASP B 357 -11.13 28.50 -19.17
CA ASP B 357 -10.68 29.50 -20.14
C ASP B 357 -11.87 30.13 -20.87
N ALA B 358 -12.87 29.32 -21.19
CA ALA B 358 -14.05 29.80 -21.90
C ALA B 358 -14.87 30.75 -21.02
N LEU B 359 -14.93 30.46 -19.73
CA LEU B 359 -15.69 31.29 -18.79
C LEU B 359 -15.03 32.67 -18.63
N ALA B 360 -13.71 32.70 -18.73
CA ALA B 360 -12.97 33.95 -18.56
C ALA B 360 -12.84 34.71 -19.89
N ALA B 361 -13.02 34.00 -21.00
CA ALA B 361 -12.90 34.61 -22.33
C ALA B 361 -13.91 35.73 -22.61
N THR B 362 -13.67 36.45 -23.70
CA THR B 362 -14.52 37.56 -24.13
C THR B 362 -14.41 38.77 -23.19
N TYR C 1 11.23 -34.27 -9.75
CA TYR C 1 10.12 -33.90 -10.67
C TYR C 1 8.76 -34.08 -9.99
N LYS C 2 7.74 -33.40 -10.51
CA LYS C 2 6.40 -33.52 -9.99
C LYS C 2 5.69 -34.64 -10.74
N LEU C 3 4.90 -35.43 -10.02
CA LEU C 3 4.11 -36.48 -10.64
C LEU C 3 2.70 -36.22 -10.14
N VAL C 4 1.96 -35.43 -10.92
CA VAL C 4 0.59 -35.01 -10.59
C VAL C 4 -0.41 -36.01 -11.15
N CYS C 5 -1.17 -36.63 -10.24
CA CYS C 5 -2.13 -37.65 -10.62
C CYS C 5 -3.57 -37.33 -10.20
N TYR C 6 -4.49 -37.49 -11.15
CA TYR C 6 -5.91 -37.24 -10.92
C TYR C 6 -6.67 -38.47 -10.44
N TYR C 7 -7.67 -38.24 -9.61
CA TYR C 7 -8.54 -39.29 -9.11
C TYR C 7 -9.94 -38.74 -9.36
N THR C 8 -10.80 -39.53 -9.97
CA THR C 8 -12.15 -39.08 -10.27
C THR C 8 -13.15 -39.65 -9.27
N SER C 9 -14.04 -38.80 -8.80
CA SER C 9 -15.04 -39.19 -7.82
C SER C 9 -16.13 -40.13 -8.36
N TRP C 10 -16.22 -40.26 -9.68
CA TRP C 10 -17.24 -41.14 -10.24
C TRP C 10 -16.74 -42.57 -10.49
N SER C 11 -15.44 -42.80 -10.35
CA SER C 11 -14.90 -44.13 -10.57
C SER C 11 -15.41 -45.09 -9.49
N GLN C 12 -15.91 -44.55 -8.39
CA GLN C 12 -16.42 -45.36 -7.29
C GLN C 12 -17.65 -46.18 -7.70
N TYR C 13 -18.44 -45.64 -8.62
CA TYR C 13 -19.66 -46.30 -9.08
C TYR C 13 -19.48 -47.42 -10.09
N ARG C 14 -18.27 -47.64 -10.57
CA ARG C 14 -18.04 -48.69 -11.56
C ARG C 14 -18.22 -50.10 -10.99
N GLU C 15 -18.84 -50.97 -11.78
CA GLU C 15 -19.10 -52.35 -11.38
C GLU C 15 -17.85 -53.13 -11.04
N GLY C 16 -18.03 -54.15 -10.19
CA GLY C 16 -16.96 -55.03 -9.77
C GLY C 16 -15.61 -54.40 -9.49
N ASP C 17 -14.56 -55.02 -10.03
CA ASP C 17 -13.20 -54.55 -9.83
C ASP C 17 -12.94 -53.17 -10.42
N GLY C 18 -13.93 -52.63 -11.12
CA GLY C 18 -13.78 -51.32 -11.70
C GLY C 18 -13.93 -50.22 -10.66
N SER C 19 -14.69 -50.50 -9.61
CA SER C 19 -14.92 -49.52 -8.55
C SER C 19 -13.61 -49.13 -7.90
N CYS C 20 -13.36 -47.82 -7.83
CA CYS C 20 -12.12 -47.32 -7.25
C CYS C 20 -12.40 -46.24 -6.20
N PHE C 21 -11.90 -46.46 -4.99
CA PHE C 21 -12.04 -45.49 -3.90
C PHE C 21 -10.64 -45.02 -3.53
N PRO C 22 -10.53 -43.79 -2.99
CA PRO C 22 -9.24 -43.20 -2.60
C PRO C 22 -8.31 -44.11 -1.81
N ASP C 23 -8.89 -44.94 -0.93
CA ASP C 23 -8.08 -45.83 -0.11
C ASP C 23 -7.35 -46.90 -0.92
N ALA C 24 -7.75 -47.06 -2.18
CA ALA C 24 -7.11 -48.05 -3.04
C ALA C 24 -5.88 -47.46 -3.73
N LEU C 25 -5.59 -46.19 -3.45
CA LEU C 25 -4.45 -45.51 -4.04
C LEU C 25 -3.14 -45.67 -3.25
N ASP C 26 -2.03 -45.76 -3.97
CA ASP C 26 -0.71 -45.90 -3.36
C ASP C 26 -0.21 -44.53 -2.93
N ARG C 27 -0.13 -44.30 -1.62
CA ARG C 27 0.30 -43.01 -1.09
C ARG C 27 1.70 -42.55 -1.50
N PHE C 28 2.53 -43.49 -1.96
CA PHE C 28 3.89 -43.14 -2.36
C PHE C 28 4.08 -43.04 -3.88
N LEU C 29 3.02 -43.32 -4.64
CA LEU C 29 3.07 -43.28 -6.10
C LEU C 29 3.31 -41.89 -6.70
N CYS C 30 2.49 -40.91 -6.33
CA CYS C 30 2.59 -39.56 -6.88
C CYS C 30 3.08 -38.53 -5.88
N THR C 31 3.44 -37.34 -6.35
CA THR C 31 3.87 -36.27 -5.47
C THR C 31 2.66 -35.38 -5.19
N HIS C 32 1.68 -35.43 -6.09
CA HIS C 32 0.43 -34.65 -5.96
C HIS C 32 -0.76 -35.47 -6.45
N ILE C 33 -1.83 -35.51 -5.67
CA ILE C 33 -3.02 -36.22 -6.10
C ILE C 33 -4.13 -35.17 -6.14
N ILE C 34 -4.82 -35.10 -7.26
CA ILE C 34 -5.88 -34.12 -7.43
C ILE C 34 -7.25 -34.79 -7.49
N TYR C 35 -8.15 -34.33 -6.61
CA TYR C 35 -9.49 -34.87 -6.55
C TYR C 35 -10.38 -34.15 -7.57
N SER C 36 -11.08 -34.91 -8.40
CA SER C 36 -11.94 -34.37 -9.45
C SER C 36 -13.37 -34.91 -9.33
N PHE C 37 -14.38 -34.04 -9.31
CA PHE C 37 -14.24 -32.58 -9.38
C PHE C 37 -15.13 -31.95 -8.31
N ALA C 38 -14.85 -30.69 -7.98
CA ALA C 38 -15.68 -29.95 -7.03
C ALA C 38 -16.66 -29.14 -7.88
N ASN C 39 -17.81 -28.80 -7.32
CA ASN C 39 -18.81 -28.04 -8.05
C ASN C 39 -18.78 -26.60 -7.56
N ILE C 40 -19.62 -25.76 -8.16
CA ILE C 40 -19.74 -24.36 -7.76
C ILE C 40 -21.23 -24.03 -7.67
N SER C 41 -21.72 -23.82 -6.44
CA SER C 41 -23.13 -23.49 -6.21
C SER C 41 -23.26 -22.16 -5.46
N ASN C 42 -24.15 -21.31 -5.94
CA ASN C 42 -24.38 -20.01 -5.33
C ASN C 42 -23.06 -19.25 -5.27
N ASP C 43 -22.24 -19.46 -6.28
CA ASP C 43 -20.94 -18.81 -6.37
C ASP C 43 -19.97 -19.28 -5.29
N HIS C 44 -20.26 -20.43 -4.69
CA HIS C 44 -19.40 -21.00 -3.66
C HIS C 44 -18.88 -22.35 -4.15
N ILE C 45 -17.63 -22.67 -3.82
CA ILE C 45 -17.09 -23.97 -4.21
C ILE C 45 -17.85 -24.93 -3.30
N ASP C 46 -18.22 -26.10 -3.82
CA ASP C 46 -18.99 -27.05 -3.01
C ASP C 46 -18.76 -28.48 -3.47
N THR C 47 -19.21 -29.44 -2.67
CA THR C 47 -19.06 -30.85 -3.03
C THR C 47 -19.91 -31.16 -4.24
N TRP C 48 -19.63 -32.30 -4.88
CA TRP C 48 -20.35 -32.73 -6.06
C TRP C 48 -21.10 -34.02 -5.76
N GLU C 49 -20.35 -35.02 -5.33
CA GLU C 49 -20.92 -36.31 -4.99
C GLU C 49 -21.48 -36.29 -3.57
N TRP C 50 -22.49 -37.11 -3.32
CA TRP C 50 -23.12 -37.17 -2.01
C TRP C 50 -22.14 -37.51 -0.89
N ASN C 51 -21.15 -38.36 -1.21
CA ASN C 51 -20.16 -38.77 -0.21
C ASN C 51 -18.77 -38.16 -0.34
N ASP C 52 -18.64 -37.03 -1.04
CA ASP C 52 -17.34 -36.41 -1.20
C ASP C 52 -16.60 -36.16 0.11
N VAL C 53 -17.27 -35.61 1.12
CA VAL C 53 -16.62 -35.34 2.40
C VAL C 53 -15.89 -36.60 2.86
N THR C 54 -16.56 -37.75 2.76
CA THR C 54 -15.95 -39.00 3.17
C THR C 54 -14.74 -39.34 2.29
N LEU C 55 -14.93 -39.27 0.97
CA LEU C 55 -13.84 -39.58 0.05
C LEU C 55 -12.68 -38.58 0.21
N TYR C 56 -13.00 -37.32 0.52
CA TYR C 56 -11.97 -36.31 0.72
C TYR C 56 -11.05 -36.82 1.83
N GLY C 57 -11.68 -37.25 2.92
CA GLY C 57 -10.93 -37.75 4.06
C GLY C 57 -10.15 -39.00 3.71
N MET C 58 -10.76 -39.87 2.92
CA MET C 58 -10.11 -41.10 2.50
C MET C 58 -8.84 -40.77 1.71
N LEU C 59 -8.91 -39.73 0.88
CA LEU C 59 -7.75 -39.32 0.09
C LEU C 59 -6.69 -38.67 0.97
N ASN C 60 -7.12 -37.72 1.78
CA ASN C 60 -6.18 -37.01 2.64
C ASN C 60 -5.53 -37.86 3.73
N THR C 61 -6.16 -38.99 4.06
CA THR C 61 -5.60 -39.90 5.06
C THR C 61 -4.26 -40.43 4.56
N LEU C 62 -4.13 -40.53 3.24
CA LEU C 62 -2.91 -41.03 2.62
C LEU C 62 -1.69 -40.20 3.01
N LYS C 63 -1.91 -38.96 3.41
CA LYS C 63 -0.82 -38.09 3.80
C LYS C 63 -0.21 -38.41 5.17
N ASN C 64 -0.90 -39.23 5.97
CA ASN C 64 -0.41 -39.58 7.30
C ASN C 64 0.91 -40.33 7.30
N ARG C 65 1.04 -41.29 6.39
CA ARG C 65 2.28 -42.06 6.33
C ARG C 65 3.24 -41.51 5.28
N ASN C 66 2.80 -40.48 4.55
CA ASN C 66 3.63 -39.85 3.52
C ASN C 66 3.44 -38.35 3.58
N PRO C 67 4.06 -37.70 4.58
CA PRO C 67 4.00 -36.25 4.81
C PRO C 67 4.32 -35.35 3.60
N ASN C 68 5.10 -35.87 2.65
CA ASN C 68 5.47 -35.09 1.47
C ASN C 68 4.37 -35.04 0.40
N LEU C 69 3.42 -35.96 0.48
CA LEU C 69 2.33 -36.01 -0.49
C LEU C 69 1.46 -34.76 -0.41
N LYS C 70 1.24 -34.12 -1.55
CA LYS C 70 0.38 -32.94 -1.59
C LYS C 70 -0.94 -33.32 -2.23
N THR C 71 -2.00 -32.63 -1.84
CA THR C 71 -3.32 -32.91 -2.38
C THR C 71 -4.00 -31.63 -2.84
N LEU C 72 -4.77 -31.72 -3.93
CA LEU C 72 -5.49 -30.58 -4.45
C LEU C 72 -6.90 -31.00 -4.86
N LEU C 73 -7.80 -30.03 -4.89
CA LEU C 73 -9.17 -30.25 -5.28
C LEU C 73 -9.38 -29.51 -6.60
N SER C 74 -9.83 -30.24 -7.62
CA SER C 74 -10.04 -29.63 -8.93
C SER C 74 -11.48 -29.19 -9.13
N VAL C 75 -11.66 -27.98 -9.62
CA VAL C 75 -13.01 -27.47 -9.85
C VAL C 75 -13.21 -27.31 -11.34
N GLY C 76 -14.31 -27.86 -11.84
CA GLY C 76 -14.60 -27.77 -13.26
C GLY C 76 -14.76 -29.14 -13.90
N GLY C 77 -13.96 -29.40 -14.93
CA GLY C 77 -14.06 -30.68 -15.60
C GLY C 77 -14.93 -30.57 -16.84
N TRP C 78 -14.75 -31.50 -17.76
CA TRP C 78 -15.51 -31.50 -19.01
C TRP C 78 -17.03 -31.41 -18.84
N ASN C 79 -17.58 -32.09 -17.84
CA ASN C 79 -19.03 -32.05 -17.62
C ASN C 79 -19.51 -30.92 -16.73
N PHE C 80 -18.71 -29.87 -16.59
CA PHE C 80 -19.10 -28.75 -15.75
C PHE C 80 -19.90 -27.72 -16.56
N GLY C 81 -19.38 -27.39 -17.74
CA GLY C 81 -20.07 -26.43 -18.58
C GLY C 81 -19.40 -25.06 -18.52
N SER C 82 -18.55 -24.78 -19.51
CA SER C 82 -17.84 -23.52 -19.58
C SER C 82 -18.76 -22.33 -19.35
N GLN C 83 -20.02 -22.48 -19.75
CA GLN C 83 -21.02 -21.43 -19.60
C GLN C 83 -21.15 -20.98 -18.14
N ARG C 84 -21.38 -21.93 -17.25
CA ARG C 84 -21.52 -21.62 -15.83
C ARG C 84 -20.25 -20.96 -15.28
N PHE C 85 -19.11 -21.54 -15.61
CA PHE C 85 -17.82 -21.02 -15.17
C PHE C 85 -17.64 -19.58 -15.64
N SER C 86 -18.06 -19.31 -16.86
CA SER C 86 -17.94 -17.97 -17.44
C SER C 86 -18.72 -16.93 -16.63
N LYS C 87 -19.99 -17.22 -16.36
CA LYS C 87 -20.83 -16.28 -15.61
C LYS C 87 -20.22 -15.92 -14.26
N ILE C 88 -19.59 -16.89 -13.62
CA ILE C 88 -18.97 -16.66 -12.32
C ILE C 88 -17.71 -15.82 -12.42
N ALA C 89 -16.86 -16.14 -13.39
CA ALA C 89 -15.60 -15.42 -13.57
C ALA C 89 -15.76 -14.02 -14.18
N SER C 90 -16.81 -13.82 -14.97
CA SER C 90 -17.03 -12.52 -15.59
C SER C 90 -17.68 -11.51 -14.63
N ASN C 91 -18.54 -12.03 -13.76
CA ASN C 91 -19.23 -11.18 -12.79
C ASN C 91 -18.32 -10.86 -11.61
N THR C 92 -18.04 -9.58 -11.42
CA THR C 92 -17.16 -9.12 -10.34
C THR C 92 -17.56 -9.59 -8.94
N GLN C 93 -18.86 -9.62 -8.66
CA GLN C 93 -19.34 -10.05 -7.35
C GLN C 93 -19.21 -11.57 -7.18
N SER C 94 -19.66 -12.31 -8.18
CA SER C 94 -19.59 -13.76 -8.14
C SER C 94 -18.15 -14.26 -8.03
N ARG C 95 -17.24 -13.58 -8.74
CA ARG C 95 -15.83 -13.97 -8.70
C ARG C 95 -15.28 -13.83 -7.29
N ARG C 96 -15.64 -12.74 -6.61
CA ARG C 96 -15.18 -12.50 -5.24
C ARG C 96 -15.73 -13.57 -4.30
N THR C 97 -17.03 -13.81 -4.37
CA THR C 97 -17.67 -14.81 -3.53
C THR C 97 -16.97 -16.16 -3.69
N PHE C 98 -16.76 -16.57 -4.94
CA PHE C 98 -16.11 -17.83 -5.24
C PHE C 98 -14.70 -17.89 -4.64
N ILE C 99 -13.89 -16.90 -4.96
CA ILE C 99 -12.53 -16.84 -4.47
C ILE C 99 -12.47 -16.90 -2.94
N LYS C 100 -13.31 -16.10 -2.29
CA LYS C 100 -13.33 -16.04 -0.83
C LYS C 100 -13.71 -17.38 -0.21
N SER C 101 -14.62 -18.10 -0.88
CA SER C 101 -15.07 -19.39 -0.36
C SER C 101 -14.06 -20.55 -0.52
N VAL C 102 -13.05 -20.38 -1.36
CA VAL C 102 -12.09 -21.47 -1.57
C VAL C 102 -11.19 -21.84 -0.39
N PRO C 103 -10.42 -20.89 0.13
CA PRO C 103 -9.53 -21.21 1.26
C PRO C 103 -10.21 -21.93 2.44
N PRO C 104 -11.35 -21.39 2.93
CA PRO C 104 -12.03 -22.05 4.05
C PRO C 104 -12.38 -23.49 3.72
N PHE C 105 -12.91 -23.69 2.52
CA PHE C 105 -13.32 -25.02 2.07
C PHE C 105 -12.16 -26.01 2.00
N LEU C 106 -11.02 -25.57 1.46
CA LEU C 106 -9.84 -26.44 1.35
C LEU C 106 -9.23 -26.78 2.73
N ARG C 107 -9.13 -25.78 3.61
CA ARG C 107 -8.58 -26.02 4.95
C ARG C 107 -9.53 -26.94 5.72
N THR C 108 -10.83 -26.70 5.55
CA THR C 108 -11.84 -27.49 6.25
C THR C 108 -11.79 -28.96 5.86
N HIS C 109 -11.43 -29.26 4.61
CA HIS C 109 -11.39 -30.65 4.17
C HIS C 109 -10.01 -31.25 3.98
N GLY C 110 -8.98 -30.54 4.43
CA GLY C 110 -7.62 -31.05 4.35
C GLY C 110 -6.87 -31.01 3.02
N PHE C 111 -7.24 -30.10 2.14
CA PHE C 111 -6.57 -29.99 0.84
C PHE C 111 -5.44 -28.97 0.87
N ASP C 112 -4.40 -29.21 0.06
CA ASP C 112 -3.25 -28.32 0.00
C ASP C 112 -3.34 -27.24 -1.10
N GLY C 113 -4.38 -27.31 -1.92
CA GLY C 113 -4.52 -26.33 -2.97
C GLY C 113 -5.70 -26.56 -3.89
N LEU C 114 -5.83 -25.70 -4.89
CA LEU C 114 -6.91 -25.76 -5.87
C LEU C 114 -6.40 -25.93 -7.32
N ASP C 115 -7.10 -26.75 -8.09
CA ASP C 115 -6.75 -26.96 -9.49
C ASP C 115 -7.93 -26.43 -10.31
N LEU C 116 -7.67 -25.45 -11.18
CA LEU C 116 -8.72 -24.90 -12.02
C LEU C 116 -8.81 -25.68 -13.31
N ALA C 117 -9.97 -26.28 -13.56
CA ALA C 117 -10.19 -27.05 -14.78
C ALA C 117 -11.38 -26.48 -15.54
N TRP C 118 -11.21 -25.26 -16.03
CA TRP C 118 -12.26 -24.58 -16.78
C TRP C 118 -12.07 -24.99 -18.23
N LEU C 119 -12.91 -25.90 -18.72
CA LEU C 119 -12.79 -26.38 -20.09
C LEU C 119 -13.93 -25.93 -21.01
N TYR C 120 -13.78 -24.80 -21.69
CA TYR C 120 -12.57 -23.97 -21.59
C TYR C 120 -13.01 -22.52 -21.75
N PRO C 121 -12.14 -21.58 -21.34
CA PRO C 121 -12.54 -20.18 -21.49
C PRO C 121 -12.80 -19.94 -22.97
N GLY C 122 -13.60 -18.93 -23.30
CA GLY C 122 -13.83 -18.68 -24.70
C GLY C 122 -12.92 -17.54 -25.11
N ARG C 123 -13.02 -17.09 -26.36
CA ARG C 123 -12.21 -15.97 -26.79
C ARG C 123 -12.67 -14.80 -25.92
N ARG C 124 -13.94 -14.86 -25.53
CA ARG C 124 -14.57 -13.85 -24.71
C ARG C 124 -14.19 -13.91 -23.22
N ASP C 125 -13.65 -15.04 -22.76
CA ASP C 125 -13.28 -15.16 -21.36
C ASP C 125 -11.78 -15.18 -21.09
N LYS C 126 -10.99 -15.01 -22.14
CA LYS C 126 -9.54 -15.02 -22.02
C LYS C 126 -9.03 -14.13 -20.88
N GLN C 127 -9.47 -12.87 -20.88
CA GLN C 127 -9.03 -11.94 -19.84
C GLN C 127 -9.61 -12.30 -18.47
N HIS C 128 -10.87 -12.72 -18.46
CA HIS C 128 -11.52 -13.11 -17.21
C HIS C 128 -10.74 -14.26 -16.56
N PHE C 129 -10.31 -15.21 -17.37
CA PHE C 129 -9.54 -16.35 -16.88
C PHE C 129 -8.30 -15.82 -16.19
N THR C 130 -7.63 -14.89 -16.83
CA THR C 130 -6.41 -14.29 -16.27
C THR C 130 -6.70 -13.62 -14.92
N THR C 131 -7.77 -12.84 -14.89
CA THR C 131 -8.16 -12.14 -13.67
C THR C 131 -8.48 -13.12 -12.55
N LEU C 132 -9.26 -14.14 -12.88
CA LEU C 132 -9.64 -15.17 -11.91
C LEU C 132 -8.40 -15.79 -11.26
N ILE C 133 -7.45 -16.22 -12.10
CA ILE C 133 -6.21 -16.82 -11.61
C ILE C 133 -5.39 -15.83 -10.79
N LYS C 134 -5.31 -14.59 -11.27
CA LYS C 134 -4.55 -13.55 -10.59
C LYS C 134 -5.11 -13.26 -9.20
N GLU C 135 -6.42 -13.08 -9.11
CA GLU C 135 -7.06 -12.78 -7.84
C GLU C 135 -7.14 -13.96 -6.88
N MET C 136 -7.29 -15.16 -7.42
CA MET C 136 -7.36 -16.37 -6.58
C MET C 136 -6.01 -16.53 -5.87
N LYS C 137 -4.93 -16.31 -6.61
CA LYS C 137 -3.59 -16.43 -6.06
C LYS C 137 -3.41 -15.37 -4.97
N ALA C 138 -3.98 -14.18 -5.21
CA ALA C 138 -3.88 -13.09 -4.24
C ALA C 138 -4.49 -13.54 -2.92
N GLU C 139 -5.71 -14.08 -3.00
CA GLU C 139 -6.42 -14.57 -1.83
C GLU C 139 -5.59 -15.63 -1.10
N PHE C 140 -5.02 -16.58 -1.85
CA PHE C 140 -4.21 -17.62 -1.23
C PHE C 140 -3.02 -17.03 -0.47
N ILE C 141 -2.38 -16.03 -1.06
CA ILE C 141 -1.23 -15.39 -0.43
C ILE C 141 -1.67 -14.70 0.87
N LYS C 142 -2.81 -14.02 0.78
CA LYS C 142 -3.38 -13.32 1.93
C LYS C 142 -3.70 -14.30 3.05
N GLU C 143 -4.45 -15.35 2.72
CA GLU C 143 -4.85 -16.38 3.69
C GLU C 143 -3.67 -16.99 4.44
N ALA C 144 -2.50 -17.00 3.82
CA ALA C 144 -1.34 -17.58 4.47
C ALA C 144 -0.36 -16.53 5.01
N GLN C 145 -0.66 -15.26 4.74
CA GLN C 145 0.20 -14.15 5.19
C GLN C 145 0.70 -14.30 6.63
N PRO C 146 -0.18 -14.69 7.56
CA PRO C 146 0.24 -14.84 8.96
C PRO C 146 1.39 -15.83 9.17
N GLY C 147 1.51 -16.82 8.29
CA GLY C 147 2.58 -17.79 8.42
C GLY C 147 2.22 -19.22 8.09
N LYS C 148 1.10 -19.41 7.41
CA LYS C 148 0.66 -20.75 7.04
C LYS C 148 1.39 -21.26 5.81
N LYS C 149 1.21 -22.55 5.52
CA LYS C 149 1.80 -23.16 4.35
C LYS C 149 0.83 -22.73 3.25
N GLN C 150 1.24 -21.78 2.42
CA GLN C 150 0.40 -21.25 1.35
C GLN C 150 -0.27 -22.31 0.48
N LEU C 151 -1.55 -22.08 0.18
CA LEU C 151 -2.29 -23.01 -0.65
C LEU C 151 -1.73 -22.98 -2.06
N LEU C 152 -1.74 -24.12 -2.74
CA LEU C 152 -1.23 -24.21 -4.11
C LEU C 152 -2.33 -23.91 -5.13
N LEU C 153 -1.95 -23.33 -6.27
CA LEU C 153 -2.88 -23.03 -7.35
C LEU C 153 -2.35 -23.55 -8.68
N SER C 154 -3.10 -24.45 -9.29
CA SER C 154 -2.70 -25.01 -10.57
C SER C 154 -3.85 -24.89 -11.55
N ALA C 155 -3.60 -25.29 -12.79
CA ALA C 155 -4.62 -25.23 -13.83
C ALA C 155 -4.37 -26.31 -14.88
N ALA C 156 -5.43 -26.97 -15.29
CA ALA C 156 -5.36 -28.00 -16.33
C ALA C 156 -5.73 -27.27 -17.61
N LEU C 157 -4.78 -27.18 -18.55
CA LEU C 157 -5.04 -26.45 -19.79
C LEU C 157 -5.11 -27.33 -21.03
N SER C 158 -5.90 -26.89 -22.00
CA SER C 158 -6.04 -27.61 -23.26
C SER C 158 -4.70 -27.66 -23.98
N ALA C 159 -4.47 -28.73 -24.73
CA ALA C 159 -3.24 -28.88 -25.49
C ALA C 159 -3.51 -28.54 -26.96
N GLY C 160 -4.76 -28.16 -27.26
CA GLY C 160 -5.13 -27.82 -28.62
C GLY C 160 -4.77 -26.39 -28.99
N LYS C 161 -4.04 -26.23 -30.09
CA LYS C 161 -3.61 -24.90 -30.53
C LYS C 161 -4.74 -23.89 -30.65
N VAL C 162 -5.85 -24.28 -31.26
CA VAL C 162 -6.97 -23.38 -31.43
C VAL C 162 -7.46 -22.86 -30.08
N THR C 163 -7.70 -23.77 -29.14
CA THR C 163 -8.17 -23.38 -27.81
C THR C 163 -7.14 -22.53 -27.10
N ILE C 164 -5.87 -22.93 -27.19
CA ILE C 164 -4.81 -22.17 -26.54
C ILE C 164 -4.78 -20.73 -27.04
N ASP C 165 -4.85 -20.56 -28.35
CA ASP C 165 -4.79 -19.22 -28.94
C ASP C 165 -5.98 -18.34 -28.57
N SER C 166 -7.16 -18.93 -28.47
CA SER C 166 -8.34 -18.13 -28.13
C SER C 166 -8.66 -18.00 -26.64
N SER C 167 -8.24 -18.96 -25.83
CA SER C 167 -8.57 -18.95 -24.40
C SER C 167 -7.54 -18.51 -23.38
N TYR C 168 -6.27 -18.78 -23.63
CA TYR C 168 -5.25 -18.46 -22.64
C TYR C 168 -4.23 -17.38 -22.96
N ASP C 169 -3.83 -16.66 -21.92
CA ASP C 169 -2.78 -15.65 -22.01
C ASP C 169 -1.68 -16.31 -21.19
N ILE C 170 -1.05 -17.32 -21.80
CA ILE C 170 0.00 -18.09 -21.18
C ILE C 170 1.03 -17.31 -20.37
N ALA C 171 1.62 -16.28 -20.97
CA ALA C 171 2.63 -15.49 -20.30
C ALA C 171 2.14 -14.90 -18.98
N LYS C 172 0.93 -14.34 -19.01
CA LYS C 172 0.37 -13.73 -17.81
C LYS C 172 0.00 -14.70 -16.69
N ILE C 173 -0.78 -15.74 -17.01
CA ILE C 173 -1.19 -16.69 -15.99
C ILE C 173 -0.07 -17.56 -15.45
N SER C 174 0.98 -17.78 -16.24
CA SER C 174 2.11 -18.59 -15.81
C SER C 174 2.80 -18.02 -14.57
N GLN C 175 2.73 -16.71 -14.42
CA GLN C 175 3.34 -16.05 -13.28
C GLN C 175 2.62 -16.37 -11.96
N HIS C 176 1.30 -16.42 -12.02
CA HIS C 176 0.49 -16.68 -10.83
C HIS C 176 0.26 -18.14 -10.45
N LEU C 177 0.36 -19.05 -11.42
CA LEU C 177 0.15 -20.47 -11.16
C LEU C 177 1.40 -21.15 -10.60
N ASP C 178 1.21 -22.11 -9.69
CA ASP C 178 2.34 -22.84 -9.15
C ASP C 178 2.77 -23.89 -10.17
N PHE C 179 1.84 -24.29 -11.01
CA PHE C 179 2.14 -25.23 -12.09
C PHE C 179 0.99 -25.42 -13.04
N ILE C 180 1.32 -25.71 -14.28
CA ILE C 180 0.33 -25.91 -15.34
C ILE C 180 0.36 -27.34 -15.85
N SER C 181 -0.80 -27.96 -15.91
CA SER C 181 -0.87 -29.32 -16.44
C SER C 181 -1.41 -29.19 -17.86
N ILE C 182 -0.60 -29.51 -18.86
CA ILE C 182 -1.07 -29.43 -20.24
C ILE C 182 -1.65 -30.78 -20.61
N MET C 183 -2.92 -30.79 -21.03
CA MET C 183 -3.61 -32.02 -21.38
C MET C 183 -3.27 -32.54 -22.78
N THR C 184 -2.05 -33.07 -22.92
CA THR C 184 -1.55 -33.60 -24.18
C THR C 184 -2.09 -34.99 -24.55
N TYR C 185 -3.39 -35.04 -24.82
CA TYR C 185 -4.08 -36.24 -25.24
C TYR C 185 -5.41 -35.77 -25.85
N ASP C 186 -6.29 -36.68 -26.22
CA ASP C 186 -7.56 -36.30 -26.87
C ASP C 186 -7.28 -35.52 -28.15
N PHE C 187 -6.18 -35.83 -28.82
CA PHE C 187 -5.80 -35.13 -30.06
C PHE C 187 -6.52 -35.63 -31.30
N HIS C 188 -7.14 -36.79 -31.20
CA HIS C 188 -7.86 -37.37 -32.31
C HIS C 188 -9.04 -38.11 -31.66
N GLY C 189 -9.98 -38.53 -32.48
CA GLY C 189 -11.15 -39.22 -31.98
C GLY C 189 -12.13 -39.47 -33.11
N ALA C 190 -13.06 -40.39 -32.88
CA ALA C 190 -14.06 -40.80 -33.86
C ALA C 190 -14.61 -39.67 -34.73
N TRP C 191 -14.78 -38.48 -34.15
CA TRP C 191 -15.34 -37.39 -34.92
C TRP C 191 -14.58 -37.06 -36.22
N ARG C 192 -13.30 -37.43 -36.30
CA ARG C 192 -12.51 -37.14 -37.49
C ARG C 192 -12.72 -38.10 -38.66
N GLY C 193 -13.47 -39.18 -38.42
CA GLY C 193 -13.76 -40.13 -39.47
C GLY C 193 -12.71 -41.16 -39.84
N THR C 194 -11.56 -41.10 -39.18
CA THR C 194 -10.49 -42.06 -39.45
C THR C 194 -9.82 -42.46 -38.13
N THR C 195 -9.04 -43.54 -38.17
CA THR C 195 -8.35 -43.95 -36.95
C THR C 195 -7.19 -43.00 -36.76
N GLY C 196 -6.88 -42.72 -35.50
CA GLY C 196 -5.77 -41.83 -35.19
C GLY C 196 -5.46 -41.98 -33.72
N HIS C 197 -4.20 -41.89 -33.35
CA HIS C 197 -3.82 -42.03 -31.96
C HIS C 197 -4.12 -40.69 -31.28
N HIS C 198 -4.82 -40.73 -30.16
CA HIS C 198 -5.18 -39.49 -29.46
C HIS C 198 -4.07 -38.85 -28.62
N SER C 199 -2.92 -39.52 -28.49
CA SER C 199 -1.85 -38.93 -27.70
C SER C 199 -0.46 -39.29 -28.23
N PRO C 200 -0.19 -38.96 -29.50
CA PRO C 200 1.14 -39.28 -30.05
C PRO C 200 2.15 -38.32 -29.45
N LEU C 201 3.39 -38.76 -29.30
CA LEU C 201 4.44 -37.92 -28.74
C LEU C 201 4.91 -36.92 -29.80
N PHE C 202 5.13 -37.39 -31.03
CA PHE C 202 5.57 -36.52 -32.13
C PHE C 202 4.56 -36.64 -33.28
N ARG C 203 4.65 -35.74 -34.25
CA ARG C 203 3.74 -35.78 -35.38
C ARG C 203 3.84 -37.08 -36.19
N GLY C 204 5.06 -37.57 -36.41
CA GLY C 204 5.23 -38.79 -37.18
C GLY C 204 5.12 -38.57 -38.69
N GLN C 205 4.82 -39.65 -39.41
CA GLN C 205 4.72 -39.60 -40.87
C GLN C 205 4.00 -38.35 -41.34
N GLU C 206 4.78 -37.45 -41.94
CA GLU C 206 4.31 -36.15 -42.45
C GLU C 206 3.08 -36.29 -43.34
N ASP C 207 3.03 -37.43 -44.01
CA ASP C 207 1.96 -37.81 -44.95
C ASP C 207 0.63 -38.23 -44.33
N ALA C 208 0.69 -38.76 -43.12
CA ALA C 208 -0.49 -39.30 -42.45
C ALA C 208 -1.20 -38.47 -41.39
N SER C 209 -0.81 -37.22 -41.20
CA SER C 209 -1.49 -36.40 -40.21
C SER C 209 -2.02 -35.16 -40.91
N PRO C 210 -3.34 -34.99 -40.93
CA PRO C 210 -3.94 -33.82 -41.58
C PRO C 210 -3.34 -32.55 -40.99
N ASP C 211 -3.33 -32.50 -39.66
CA ASP C 211 -2.79 -31.35 -38.96
C ASP C 211 -1.39 -31.60 -38.44
N ARG C 212 -0.66 -30.52 -38.20
CA ARG C 212 0.71 -30.59 -37.70
C ARG C 212 0.79 -30.30 -36.20
N PHE C 213 -0.31 -29.77 -35.66
CA PHE C 213 -0.37 -29.37 -34.26
C PHE C 213 -0.95 -30.40 -33.28
N SER C 214 -1.56 -31.46 -33.79
CA SER C 214 -2.19 -32.46 -32.93
C SER C 214 -1.28 -33.54 -32.36
N ASN C 215 -0.28 -33.14 -31.58
CA ASN C 215 0.62 -34.09 -30.95
C ASN C 215 1.26 -33.46 -29.73
N THR C 216 1.70 -34.29 -28.79
CA THR C 216 2.29 -33.80 -27.55
C THR C 216 3.45 -32.84 -27.78
N ASP C 217 4.44 -33.24 -28.58
CA ASP C 217 5.59 -32.40 -28.84
C ASP C 217 5.26 -30.99 -29.29
N TYR C 218 4.35 -30.86 -30.26
CA TYR C 218 4.02 -29.51 -30.72
C TYR C 218 3.42 -28.64 -29.60
N ALA C 219 2.50 -29.22 -28.83
CA ALA C 219 1.83 -28.48 -27.76
C ALA C 219 2.81 -28.01 -26.69
N VAL C 220 3.73 -28.87 -26.28
CA VAL C 220 4.70 -28.50 -25.27
C VAL C 220 5.56 -27.35 -25.79
N GLY C 221 6.14 -27.55 -26.98
CA GLY C 221 6.97 -26.51 -27.57
C GLY C 221 6.19 -25.22 -27.73
N TYR C 222 4.94 -25.32 -28.15
CA TYR C 222 4.12 -24.13 -28.35
C TYR C 222 3.87 -23.35 -27.07
N MET C 223 3.56 -24.06 -25.99
CA MET C 223 3.29 -23.39 -24.72
C MET C 223 4.58 -22.74 -24.20
N LEU C 224 5.70 -23.40 -24.44
CA LEU C 224 7.00 -22.85 -24.02
C LEU C 224 7.23 -21.55 -24.79
N ARG C 225 6.88 -21.55 -26.07
CA ARG C 225 7.05 -20.38 -26.93
C ARG C 225 6.16 -19.22 -26.45
N LEU C 226 4.99 -19.54 -25.92
CA LEU C 226 4.07 -18.51 -25.44
C LEU C 226 4.44 -17.92 -24.09
N GLY C 227 5.45 -18.47 -23.44
CA GLY C 227 5.86 -17.93 -22.15
C GLY C 227 5.71 -18.77 -20.89
N ALA C 228 5.30 -20.02 -21.01
CA ALA C 228 5.15 -20.87 -19.82
C ALA C 228 6.53 -21.41 -19.44
N PRO C 229 7.00 -21.09 -18.23
CA PRO C 229 8.31 -21.59 -17.79
C PRO C 229 8.33 -23.11 -17.74
N ALA C 230 9.39 -23.71 -18.27
CA ALA C 230 9.52 -25.16 -18.26
C ALA C 230 9.40 -25.74 -16.86
N SER C 231 9.90 -24.98 -15.88
CA SER C 231 9.87 -25.40 -14.48
C SER C 231 8.45 -25.43 -13.91
N LYS C 232 7.49 -24.87 -14.63
CA LYS C 232 6.10 -24.85 -14.20
C LYS C 232 5.18 -25.67 -15.09
N LEU C 233 5.75 -26.30 -16.11
CA LEU C 233 4.94 -27.08 -17.04
C LEU C 233 4.99 -28.57 -16.73
N VAL C 234 3.81 -29.15 -16.54
CA VAL C 234 3.68 -30.58 -16.26
C VAL C 234 2.96 -31.17 -17.47
N MET C 235 3.56 -32.21 -18.05
CA MET C 235 3.03 -32.83 -19.26
C MET C 235 2.05 -33.97 -19.02
N GLY C 236 0.85 -33.83 -19.59
CA GLY C 236 -0.16 -34.84 -19.42
C GLY C 236 0.05 -36.11 -20.19
N ILE C 237 -0.16 -37.24 -19.52
CA ILE C 237 -0.03 -38.55 -20.12
C ILE C 237 -1.29 -39.32 -19.72
N PRO C 238 -2.00 -39.87 -20.71
CA PRO C 238 -3.24 -40.63 -20.47
C PRO C 238 -3.05 -42.08 -20.10
N THR C 239 -3.90 -42.58 -19.22
CA THR C 239 -3.87 -44.00 -18.85
C THR C 239 -5.10 -44.65 -19.46
N PHE C 240 -5.67 -43.98 -20.45
CA PHE C 240 -6.84 -44.51 -21.16
C PHE C 240 -6.59 -44.37 -22.66
N GLY C 241 -7.32 -45.13 -23.46
CA GLY C 241 -7.15 -45.04 -24.90
C GLY C 241 -8.44 -44.55 -25.55
N ARG C 242 -8.33 -44.10 -26.81
CA ARG C 242 -9.49 -43.67 -27.57
C ARG C 242 -9.67 -44.74 -28.64
N SER C 243 -10.88 -45.28 -28.70
CA SER C 243 -11.22 -46.38 -29.61
C SER C 243 -12.14 -46.01 -30.75
N PHE C 244 -12.11 -46.83 -31.80
CA PHE C 244 -12.92 -46.62 -32.98
C PHE C 244 -13.42 -47.97 -33.48
N THR C 245 -14.53 -47.94 -34.21
CA THR C 245 -15.04 -49.17 -34.82
C THR C 245 -14.61 -49.06 -36.29
N LEU C 246 -13.82 -50.02 -36.76
CA LEU C 246 -13.32 -50.03 -38.15
C LEU C 246 -14.44 -50.29 -39.16
N ALA C 247 -14.33 -49.68 -40.34
CA ALA C 247 -15.33 -49.86 -41.38
C ALA C 247 -14.89 -50.78 -42.53
N SER C 248 -13.65 -51.27 -42.48
CA SER C 248 -13.14 -52.14 -43.52
C SER C 248 -12.02 -53.02 -43.01
N SER C 249 -11.31 -53.65 -43.93
CA SER C 249 -10.21 -54.54 -43.56
C SER C 249 -8.95 -53.75 -43.18
N GLU C 250 -8.94 -52.46 -43.50
CA GLU C 250 -7.80 -51.60 -43.20
C GLU C 250 -7.73 -51.33 -41.69
N THR C 251 -6.54 -51.54 -41.12
CA THR C 251 -6.31 -51.38 -39.70
C THR C 251 -5.19 -50.42 -39.32
N GLY C 252 -4.64 -49.71 -40.31
CA GLY C 252 -3.55 -48.78 -40.02
C GLY C 252 -4.02 -47.41 -39.57
N VAL C 253 -3.07 -46.51 -39.36
CA VAL C 253 -3.38 -45.14 -38.97
C VAL C 253 -4.10 -44.50 -40.16
N GLY C 254 -5.23 -43.85 -39.91
CA GLY C 254 -5.96 -43.22 -41.00
C GLY C 254 -6.96 -44.12 -41.71
N ALA C 255 -7.19 -45.31 -41.14
CA ALA C 255 -8.15 -46.25 -41.75
C ALA C 255 -9.58 -45.74 -41.55
N PRO C 256 -10.51 -46.16 -42.42
CA PRO C 256 -11.92 -45.77 -42.35
C PRO C 256 -12.58 -46.31 -41.08
N ILE C 257 -13.46 -45.54 -40.47
CA ILE C 257 -14.15 -45.96 -39.26
C ILE C 257 -15.63 -45.63 -39.40
N SER C 258 -16.47 -46.33 -38.65
CA SER C 258 -17.91 -46.09 -38.70
C SER C 258 -18.37 -45.30 -37.46
N GLY C 259 -17.47 -45.08 -36.53
CA GLY C 259 -17.80 -44.34 -35.32
C GLY C 259 -16.89 -44.72 -34.16
N PRO C 260 -17.26 -44.36 -32.92
CA PRO C 260 -16.42 -44.71 -31.78
C PRO C 260 -16.39 -46.21 -31.50
N GLY C 261 -15.42 -46.65 -30.71
CA GLY C 261 -15.33 -48.06 -30.39
C GLY C 261 -16.40 -48.54 -29.44
N ILE C 262 -16.53 -49.86 -29.32
CA ILE C 262 -17.51 -50.46 -28.44
C ILE C 262 -17.16 -50.12 -26.99
N PRO C 263 -18.14 -49.71 -26.18
CA PRO C 263 -17.93 -49.36 -24.77
C PRO C 263 -17.21 -50.43 -23.96
N GLY C 264 -16.34 -50.00 -23.04
CA GLY C 264 -15.63 -50.95 -22.21
C GLY C 264 -16.59 -51.56 -21.20
N ARG C 265 -16.28 -52.73 -20.68
CA ARG C 265 -17.15 -53.40 -19.71
C ARG C 265 -17.34 -52.60 -18.44
N PHE C 266 -16.28 -51.96 -17.96
CA PHE C 266 -16.35 -51.16 -16.74
C PHE C 266 -16.56 -49.67 -16.91
N THR C 267 -15.91 -49.06 -17.91
CA THR C 267 -16.07 -47.63 -18.10
C THR C 267 -17.36 -47.27 -18.84
N LYS C 268 -17.88 -48.22 -19.62
CA LYS C 268 -19.14 -48.03 -20.35
C LYS C 268 -19.29 -46.68 -21.06
N GLU C 269 -18.33 -46.32 -21.89
CA GLU C 269 -18.40 -45.07 -22.64
C GLU C 269 -17.79 -45.31 -24.01
N ALA C 270 -18.64 -45.30 -25.03
CA ALA C 270 -18.17 -45.51 -26.40
C ALA C 270 -17.00 -44.59 -26.73
N GLY C 271 -15.94 -45.14 -27.31
CA GLY C 271 -14.80 -44.32 -27.67
C GLY C 271 -13.72 -44.22 -26.59
N THR C 272 -13.96 -44.86 -25.45
CA THR C 272 -13.03 -44.84 -24.34
C THR C 272 -12.81 -46.24 -23.76
N LEU C 273 -11.57 -46.50 -23.36
CA LEU C 273 -11.22 -47.78 -22.72
C LEU C 273 -10.16 -47.45 -21.68
N ALA C 274 -10.36 -47.95 -20.47
CA ALA C 274 -9.37 -47.73 -19.41
C ALA C 274 -8.22 -48.67 -19.71
N TYR C 275 -7.03 -48.36 -19.21
CA TYR C 275 -5.89 -49.23 -19.48
C TYR C 275 -6.15 -50.68 -19.06
N TYR C 276 -6.81 -50.89 -17.92
CA TYR C 276 -7.06 -52.25 -17.50
C TYR C 276 -7.99 -52.96 -18.47
N GLU C 277 -8.90 -52.21 -19.08
CA GLU C 277 -9.80 -52.79 -20.07
C GLU C 277 -9.02 -53.10 -21.36
N ILE C 278 -8.03 -52.27 -21.66
CA ILE C 278 -7.20 -52.47 -22.84
C ILE C 278 -6.39 -53.76 -22.68
N CYS C 279 -5.89 -54.00 -21.46
CA CYS C 279 -5.11 -55.20 -21.19
C CYS C 279 -5.92 -56.45 -21.51
N ASP C 280 -7.23 -56.38 -21.30
CA ASP C 280 -8.11 -57.51 -21.61
C ASP C 280 -8.19 -57.58 -23.13
N PHE C 281 -8.47 -56.43 -23.74
CA PHE C 281 -8.59 -56.28 -25.18
C PHE C 281 -7.37 -56.86 -25.88
N LEU C 282 -6.20 -56.61 -25.32
CA LEU C 282 -4.95 -57.09 -25.90
C LEU C 282 -4.88 -58.59 -26.10
N ARG C 283 -5.65 -59.34 -25.33
CA ARG C 283 -5.64 -60.78 -25.46
C ARG C 283 -6.22 -61.17 -26.82
N GLY C 284 -5.35 -61.64 -27.72
CA GLY C 284 -5.78 -62.03 -29.04
C GLY C 284 -5.77 -60.87 -30.01
N ALA C 285 -5.20 -59.74 -29.59
CA ALA C 285 -5.13 -58.56 -30.44
C ALA C 285 -3.74 -58.36 -30.99
N THR C 286 -3.63 -57.51 -32.02
CA THR C 286 -2.35 -57.21 -32.61
C THR C 286 -1.96 -55.78 -32.20
N VAL C 287 -0.76 -55.63 -31.67
CA VAL C 287 -0.27 -54.33 -31.24
C VAL C 287 0.79 -53.81 -32.21
N HIS C 288 0.63 -52.55 -32.62
CA HIS C 288 1.56 -51.93 -33.55
C HIS C 288 2.17 -50.66 -32.96
N ARG C 289 3.47 -50.51 -33.15
CA ARG C 289 4.18 -49.34 -32.66
C ARG C 289 4.17 -48.35 -33.81
N ILE C 290 3.56 -47.18 -33.60
CA ILE C 290 3.54 -46.18 -34.65
C ILE C 290 4.90 -45.51 -34.69
N LEU C 291 5.67 -45.76 -35.75
CA LEU C 291 6.99 -45.15 -35.92
C LEU C 291 6.80 -43.66 -36.07
N GLY C 292 7.66 -42.88 -35.46
CA GLY C 292 7.49 -41.44 -35.59
C GLY C 292 6.65 -40.87 -34.48
N GLN C 293 5.56 -41.55 -34.12
CA GLN C 293 4.71 -41.04 -33.03
C GLN C 293 5.10 -41.64 -31.68
N GLN C 294 5.82 -42.76 -31.72
CA GLN C 294 6.31 -43.42 -30.51
C GLN C 294 5.22 -43.98 -29.59
N VAL C 295 4.05 -44.29 -30.13
CA VAL C 295 2.97 -44.82 -29.30
C VAL C 295 2.31 -46.00 -29.98
N PRO C 296 1.64 -46.86 -29.21
CA PRO C 296 0.97 -48.03 -29.80
C PRO C 296 -0.53 -47.92 -30.00
N TYR C 297 -1.02 -48.76 -30.88
CA TYR C 297 -2.45 -48.87 -31.10
C TYR C 297 -2.62 -50.38 -31.16
N ALA C 298 -3.81 -50.86 -30.80
CA ALA C 298 -4.06 -52.29 -30.83
C ALA C 298 -5.34 -52.44 -31.64
N THR C 299 -5.42 -53.53 -32.39
CA THR C 299 -6.60 -53.75 -33.19
C THR C 299 -6.99 -55.23 -33.14
N LYS C 300 -8.29 -55.49 -33.15
CA LYS C 300 -8.79 -56.86 -33.10
C LYS C 300 -10.19 -56.78 -33.66
N GLY C 301 -10.49 -57.59 -34.67
CA GLY C 301 -11.81 -57.55 -35.25
C GLY C 301 -12.06 -56.14 -35.77
N ASN C 302 -13.29 -55.65 -35.61
CA ASN C 302 -13.62 -54.31 -36.08
C ASN C 302 -13.33 -53.23 -35.04
N GLN C 303 -12.42 -53.51 -34.11
CA GLN C 303 -12.06 -52.55 -33.06
C GLN C 303 -10.62 -52.08 -33.19
N TRP C 304 -10.39 -50.83 -32.82
CA TRP C 304 -9.07 -50.21 -32.92
C TRP C 304 -8.96 -49.20 -31.77
N VAL C 305 -7.85 -49.23 -31.06
CA VAL C 305 -7.66 -48.28 -29.96
C VAL C 305 -6.22 -47.80 -29.83
N GLY C 306 -6.06 -46.48 -29.72
CA GLY C 306 -4.75 -45.89 -29.54
C GLY C 306 -4.60 -45.60 -28.06
N TYR C 307 -3.48 -46.01 -27.49
CA TYR C 307 -3.25 -45.80 -26.06
C TYR C 307 -1.77 -45.72 -25.73
N ASP C 308 -1.47 -45.68 -24.43
CA ASP C 308 -0.10 -45.61 -23.93
C ASP C 308 0.22 -46.82 -23.06
N ASP C 309 1.42 -47.37 -23.20
CA ASP C 309 1.83 -48.49 -22.35
C ASP C 309 3.15 -48.18 -21.68
N GLN C 310 3.66 -49.13 -20.90
CA GLN C 310 4.92 -48.92 -20.19
C GLN C 310 6.01 -48.34 -21.07
N GLU C 311 6.16 -48.93 -22.25
CA GLU C 311 7.20 -48.48 -23.17
C GLU C 311 6.99 -47.05 -23.65
N SER C 312 5.76 -46.69 -24.03
CA SER C 312 5.54 -45.34 -24.51
C SER C 312 5.60 -44.28 -23.40
N VAL C 313 5.11 -44.57 -22.20
CA VAL C 313 5.18 -43.55 -21.14
C VAL C 313 6.63 -43.28 -20.79
N LYS C 314 7.47 -44.31 -20.92
CA LYS C 314 8.89 -44.18 -20.64
C LYS C 314 9.50 -43.16 -21.62
N SER C 315 9.16 -43.32 -22.90
CA SER C 315 9.66 -42.40 -23.94
C SER C 315 9.16 -40.99 -23.66
N LYS C 316 7.88 -40.86 -23.29
CA LYS C 316 7.32 -39.54 -23.01
C LYS C 316 8.03 -38.89 -21.83
N VAL C 317 8.37 -39.68 -20.81
CA VAL C 317 9.08 -39.12 -19.67
C VAL C 317 10.47 -38.69 -20.13
N GLN C 318 11.10 -39.50 -20.97
CA GLN C 318 12.43 -39.17 -21.47
C GLN C 318 12.35 -37.80 -22.16
N TYR C 319 11.27 -37.61 -22.90
CA TYR C 319 11.03 -36.37 -23.62
C TYR C 319 10.87 -35.16 -22.69
N LEU C 320 10.05 -35.30 -21.65
CA LEU C 320 9.83 -34.18 -20.75
C LEU C 320 11.10 -33.86 -19.97
N LYS C 321 11.88 -34.88 -19.64
CA LYS C 321 13.13 -34.62 -18.91
C LYS C 321 14.11 -33.88 -19.82
N ASP C 322 14.18 -34.28 -21.09
CA ASP C 322 15.07 -33.61 -22.04
C ASP C 322 14.66 -32.16 -22.21
N ARG C 323 13.37 -31.88 -22.00
CA ARG C 323 12.84 -30.52 -22.12
C ARG C 323 12.89 -29.78 -20.79
N GLN C 324 13.37 -30.46 -19.75
CA GLN C 324 13.45 -29.86 -18.43
C GLN C 324 12.10 -29.33 -17.93
N LEU C 325 11.05 -30.12 -18.11
CA LEU C 325 9.71 -29.74 -17.65
C LEU C 325 9.59 -30.10 -16.17
N ALA C 326 8.57 -29.55 -15.51
CA ALA C 326 8.37 -29.79 -14.08
C ALA C 326 8.06 -31.25 -13.75
N GLY C 327 7.56 -31.97 -14.74
CA GLY C 327 7.21 -33.36 -14.51
C GLY C 327 6.06 -33.81 -15.40
N ALA C 328 5.34 -34.84 -14.93
CA ALA C 328 4.22 -35.39 -15.68
C ALA C 328 2.92 -35.38 -14.90
N MET C 329 1.82 -35.32 -15.65
CA MET C 329 0.48 -35.35 -15.07
C MET C 329 -0.18 -36.59 -15.65
N VAL C 330 -0.96 -37.27 -14.81
CA VAL C 330 -1.62 -38.49 -15.21
C VAL C 330 -3.12 -38.43 -15.07
N TRP C 331 -3.81 -38.75 -16.14
CA TRP C 331 -5.27 -38.81 -16.13
C TRP C 331 -5.63 -40.20 -16.65
N ALA C 332 -6.09 -41.09 -15.77
CA ALA C 332 -6.26 -40.82 -14.35
C ALA C 332 -5.91 -42.07 -13.55
N LEU C 333 -5.65 -41.92 -12.25
CA LEU C 333 -5.29 -43.06 -11.42
C LEU C 333 -6.25 -44.22 -11.54
N ASP C 334 -7.55 -43.91 -11.58
CA ASP C 334 -8.57 -44.95 -11.66
C ASP C 334 -8.73 -45.60 -13.03
N LEU C 335 -7.97 -45.14 -14.03
CA LEU C 335 -8.06 -45.74 -15.36
C LEU C 335 -6.85 -46.64 -15.61
N ASP C 336 -5.85 -46.51 -14.73
CA ASP C 336 -4.66 -47.34 -14.79
C ASP C 336 -5.15 -48.65 -14.16
N ASP C 337 -4.33 -49.71 -14.19
CA ASP C 337 -4.73 -50.98 -13.57
C ASP C 337 -4.45 -50.86 -12.07
N PHE C 338 -5.32 -50.15 -11.35
CA PHE C 338 -5.12 -49.97 -9.91
C PHE C 338 -5.26 -51.27 -9.12
N GLN C 339 -6.07 -52.21 -9.63
CA GLN C 339 -6.24 -53.50 -8.98
C GLN C 339 -4.97 -54.31 -9.17
N GLY C 340 -4.34 -54.14 -10.33
CA GLY C 340 -3.12 -54.86 -10.63
C GLY C 340 -3.38 -56.28 -11.09
N SER C 341 -4.64 -56.61 -11.34
CA SER C 341 -5.00 -57.95 -11.74
C SER C 341 -5.38 -58.14 -13.21
N PHE C 342 -5.56 -57.04 -13.94
CA PHE C 342 -5.93 -57.15 -15.35
C PHE C 342 -4.78 -57.33 -16.31
N CYS C 343 -3.68 -56.64 -16.07
CA CYS C 343 -2.53 -56.72 -16.96
C CYS C 343 -1.51 -57.75 -16.52
N GLY C 344 -1.90 -58.61 -15.57
CA GLY C 344 -0.99 -59.62 -15.07
C GLY C 344 0.12 -58.93 -14.30
N GLN C 345 1.17 -59.69 -13.98
CA GLN C 345 2.32 -59.16 -13.25
C GLN C 345 1.94 -58.79 -11.82
N ASP C 346 0.63 -58.75 -11.56
CA ASP C 346 0.13 -58.42 -10.23
C ASP C 346 0.57 -57.03 -9.76
N LEU C 347 1.27 -56.31 -10.62
CA LEU C 347 1.74 -54.98 -10.29
C LEU C 347 0.61 -53.97 -10.37
N ARG C 348 0.42 -53.20 -9.29
CA ARG C 348 -0.63 -52.18 -9.25
C ARG C 348 -0.15 -50.89 -9.91
N PHE C 349 -1.07 -50.20 -10.58
CA PHE C 349 -0.76 -48.94 -11.26
C PHE C 349 0.48 -49.09 -12.14
N PRO C 350 0.48 -50.09 -13.04
CA PRO C 350 1.63 -50.31 -13.92
C PRO C 350 2.08 -49.11 -14.75
N LEU C 351 1.15 -48.38 -15.34
CA LEU C 351 1.55 -47.22 -16.14
C LEU C 351 2.08 -46.09 -15.30
N THR C 352 1.42 -45.82 -14.18
CA THR C 352 1.86 -44.72 -13.32
C THR C 352 3.21 -45.03 -12.65
N ASN C 353 3.44 -46.30 -12.31
CA ASN C 353 4.72 -46.68 -11.69
C ASN C 353 5.81 -46.61 -12.75
N ALA C 354 5.46 -46.97 -13.99
CA ALA C 354 6.43 -46.91 -15.08
C ALA C 354 6.89 -45.47 -15.22
N ILE C 355 5.95 -44.54 -15.10
CA ILE C 355 6.25 -43.10 -15.18
C ILE C 355 7.11 -42.63 -14.01
N LYS C 356 6.78 -43.11 -12.82
CA LYS C 356 7.51 -42.76 -11.61
C LYS C 356 8.95 -43.24 -11.72
N ASP C 357 9.13 -44.52 -12.06
CA ASP C 357 10.46 -45.10 -12.19
C ASP C 357 11.28 -44.37 -13.25
N ALA C 358 10.64 -43.98 -14.34
CA ALA C 358 11.33 -43.27 -15.41
C ALA C 358 11.79 -41.88 -14.96
N LEU C 359 10.97 -41.23 -14.15
CA LEU C 359 11.30 -39.90 -13.65
C LEU C 359 12.50 -39.93 -12.72
N ALA C 360 12.64 -41.02 -11.98
CA ALA C 360 13.75 -41.18 -11.03
C ALA C 360 15.00 -41.77 -11.70
N ALA C 361 14.81 -42.42 -12.83
CA ALA C 361 15.91 -43.04 -13.56
C ALA C 361 17.00 -42.07 -14.02
N THR C 362 18.13 -42.63 -14.46
CA THR C 362 19.28 -41.88 -14.94
C THR C 362 19.97 -41.12 -13.81
N TYR D 1 4.09 -35.19 31.15
CA TYR D 1 2.93 -34.43 31.68
C TYR D 1 2.47 -33.34 30.72
N LYS D 2 1.22 -32.91 30.86
CA LYS D 2 0.69 -31.85 30.03
C LYS D 2 0.95 -30.52 30.73
N LEU D 3 1.31 -29.50 29.96
CA LEU D 3 1.52 -28.17 30.50
C LEU D 3 0.64 -27.29 29.63
N VAL D 4 -0.61 -27.12 30.06
CA VAL D 4 -1.61 -26.33 29.34
C VAL D 4 -1.55 -24.87 29.75
N CYS D 5 -1.26 -24.00 28.78
CA CYS D 5 -1.14 -22.58 29.05
C CYS D 5 -2.10 -21.69 28.25
N TYR D 6 -2.76 -20.78 28.95
CA TYR D 6 -3.70 -19.86 28.32
C TYR D 6 -3.04 -18.57 27.86
N TYR D 7 -3.57 -18.02 26.77
CA TYR D 7 -3.11 -16.74 26.24
C TYR D 7 -4.41 -15.97 26.04
N THR D 8 -4.45 -14.73 26.52
CA THR D 8 -5.66 -13.93 26.40
C THR D 8 -5.51 -12.90 25.28
N SER D 9 -6.55 -12.79 24.45
CA SER D 9 -6.55 -11.87 23.31
C SER D 9 -6.58 -10.41 23.70
N TRP D 10 -6.89 -10.09 24.96
CA TRP D 10 -6.94 -8.70 25.36
C TRP D 10 -5.64 -8.17 25.94
N SER D 11 -4.68 -9.06 26.16
CA SER D 11 -3.40 -8.63 26.71
C SER D 11 -2.64 -7.76 25.71
N GLN D 12 -3.05 -7.84 24.45
CA GLN D 12 -2.41 -7.07 23.38
C GLN D 12 -2.58 -5.57 23.58
N TYR D 13 -3.70 -5.17 24.18
CA TYR D 13 -4.01 -3.76 24.39
C TYR D 13 -3.32 -3.08 25.57
N ARG D 14 -2.58 -3.84 26.38
CA ARG D 14 -1.92 -3.26 27.54
C ARG D 14 -0.78 -2.32 27.16
N GLU D 15 -0.67 -1.21 27.89
CA GLU D 15 0.36 -0.22 27.64
C GLU D 15 1.77 -0.75 27.75
N GLY D 16 2.69 -0.06 27.05
CA GLY D 16 4.09 -0.42 27.07
C GLY D 16 4.45 -1.89 27.04
N ASP D 17 5.38 -2.27 27.92
CA ASP D 17 5.85 -3.65 28.00
C ASP D 17 4.76 -4.62 28.42
N GLY D 18 3.59 -4.10 28.75
CA GLY D 18 2.49 -4.95 29.15
C GLY D 18 1.84 -5.63 27.96
N SER D 19 1.93 -5.00 26.79
CA SER D 19 1.33 -5.54 25.58
C SER D 19 1.95 -6.88 25.23
N CYS D 20 1.10 -7.89 25.05
CA CYS D 20 1.58 -9.22 24.72
C CYS D 20 0.87 -9.79 23.50
N PHE D 21 1.65 -10.19 22.50
CA PHE D 21 1.11 -10.79 21.28
C PHE D 21 1.64 -12.22 21.22
N PRO D 22 0.91 -13.12 20.55
CA PRO D 22 1.29 -14.53 20.42
C PRO D 22 2.74 -14.79 20.02
N ASP D 23 3.30 -13.93 19.17
CA ASP D 23 4.68 -14.10 18.72
C ASP D 23 5.70 -13.91 19.84
N ALA D 24 5.26 -13.36 20.96
CA ALA D 24 6.16 -13.15 22.10
C ALA D 24 6.22 -14.40 22.98
N LEU D 25 5.47 -15.44 22.60
CA LEU D 25 5.44 -16.69 23.36
C LEU D 25 6.52 -17.68 22.97
N ASP D 26 7.02 -18.43 23.95
CA ASP D 26 8.06 -19.44 23.72
C ASP D 26 7.40 -20.73 23.26
N ARG D 27 7.61 -21.07 21.98
CA ARG D 27 7.00 -22.26 21.39
C ARG D 27 7.33 -23.58 22.06
N PHE D 28 8.40 -23.61 22.86
CA PHE D 28 8.81 -24.84 23.54
C PHE D 28 8.43 -24.88 25.02
N LEU D 29 7.83 -23.80 25.51
CA LEU D 29 7.42 -23.70 26.92
C LEU D 29 6.33 -24.67 27.36
N CYS D 30 5.19 -24.66 26.66
CA CYS D 30 4.05 -25.51 27.00
C CYS D 30 3.82 -26.65 26.00
N THR D 31 2.96 -27.60 26.37
CA THR D 31 2.62 -28.70 25.47
C THR D 31 1.32 -28.33 24.76
N HIS D 32 0.55 -27.43 25.37
CA HIS D 32 -0.72 -26.96 24.82
C HIS D 32 -0.90 -25.47 25.10
N ILE D 33 -1.27 -24.70 24.08
CA ILE D 33 -1.53 -23.28 24.30
C ILE D 33 -2.98 -23.07 23.90
N ILE D 34 -3.74 -22.44 24.78
CA ILE D 34 -5.15 -22.20 24.51
C ILE D 34 -5.42 -20.71 24.33
N TYR D 35 -6.06 -20.39 23.21
CA TYR D 35 -6.38 -19.00 22.88
C TYR D 35 -7.74 -18.64 23.52
N SER D 36 -7.77 -17.54 24.25
CA SER D 36 -8.97 -17.08 24.95
C SER D 36 -9.33 -15.64 24.56
N PHE D 37 -10.58 -15.38 24.14
CA PHE D 37 -11.63 -16.39 24.03
C PHE D 37 -12.34 -16.20 22.69
N ALA D 38 -13.07 -17.22 22.25
CA ALA D 38 -13.84 -17.13 21.02
C ALA D 38 -15.26 -16.77 21.46
N ASN D 39 -16.03 -16.16 20.58
CA ASN D 39 -17.39 -15.78 20.91
C ASN D 39 -18.37 -16.73 20.23
N ILE D 40 -19.66 -16.51 20.46
CA ILE D 40 -20.69 -17.32 19.83
C ILE D 40 -21.77 -16.38 19.32
N SER D 41 -21.89 -16.26 18.01
CA SER D 41 -22.88 -15.40 17.37
C SER D 41 -23.77 -16.19 16.42
N ASN D 42 -25.08 -15.96 16.53
CA ASN D 42 -26.05 -16.65 15.69
C ASN D 42 -25.86 -18.15 15.85
N ASP D 43 -25.50 -18.56 17.06
CA ASP D 43 -25.29 -19.95 17.38
C ASP D 43 -24.08 -20.56 16.66
N HIS D 44 -23.19 -19.69 16.19
CA HIS D 44 -21.97 -20.12 15.51
C HIS D 44 -20.76 -19.65 16.32
N ILE D 45 -19.71 -20.46 16.37
CA ILE D 45 -18.50 -20.04 17.06
C ILE D 45 -17.95 -18.96 16.14
N ASP D 46 -17.38 -17.90 16.71
CA ASP D 46 -16.87 -16.81 15.89
C ASP D 46 -15.78 -16.04 16.61
N THR D 47 -15.07 -15.18 15.87
CA THR D 47 -13.99 -14.40 16.46
C THR D 47 -14.56 -13.39 17.45
N TRP D 48 -13.70 -12.86 18.30
CA TRP D 48 -14.09 -11.90 19.31
C TRP D 48 -13.45 -10.56 19.04
N GLU D 49 -12.13 -10.57 18.94
CA GLU D 49 -11.35 -9.38 18.68
C GLU D 49 -11.31 -9.11 17.17
N TRP D 50 -11.17 -7.85 16.80
CA TRP D 50 -11.12 -7.46 15.39
C TRP D 50 -9.99 -8.14 14.63
N ASN D 51 -8.86 -8.37 15.30
CA ASN D 51 -7.70 -8.99 14.67
C ASN D 51 -7.41 -10.44 15.06
N ASP D 52 -8.41 -11.15 15.59
CA ASP D 52 -8.19 -12.54 16.00
C ASP D 52 -7.61 -13.42 14.89
N VAL D 53 -8.13 -13.31 13.68
CA VAL D 53 -7.63 -14.14 12.58
C VAL D 53 -6.12 -14.00 12.49
N THR D 54 -5.62 -12.76 12.61
CA THR D 54 -4.19 -12.51 12.56
C THR D 54 -3.50 -13.14 13.75
N LEU D 55 -4.01 -12.89 14.95
CA LEU D 55 -3.40 -13.46 16.16
C LEU D 55 -3.47 -14.99 16.17
N TYR D 56 -4.55 -15.55 15.61
CA TYR D 56 -4.69 -17.01 15.52
C TYR D 56 -3.48 -17.53 14.76
N GLY D 57 -3.19 -16.89 13.63
CA GLY D 57 -2.07 -17.29 12.80
C GLY D 57 -0.75 -17.10 13.52
N MET D 58 -0.64 -16.01 14.25
CA MET D 58 0.57 -15.71 15.00
C MET D 58 0.82 -16.82 16.03
N LEU D 59 -0.25 -17.30 16.66
CA LEU D 59 -0.12 -18.37 17.65
C LEU D 59 0.22 -19.70 16.98
N ASN D 60 -0.55 -20.04 15.95
CA ASN D 60 -0.33 -21.31 15.26
C ASN D 60 1.00 -21.42 14.51
N THR D 61 1.61 -20.28 14.20
CA THR D 61 2.90 -20.26 13.52
C THR D 61 3.94 -20.93 14.43
N LEU D 62 3.74 -20.80 15.74
CA LEU D 62 4.65 -21.38 16.72
C LEU D 62 4.82 -22.89 16.53
N LYS D 63 3.83 -23.53 15.91
CA LYS D 63 3.91 -24.98 15.69
C LYS D 63 4.88 -25.40 14.58
N ASN D 64 5.32 -24.45 13.77
CA ASN D 64 6.24 -24.75 12.67
C ASN D 64 7.56 -25.33 13.13
N ARG D 65 8.14 -24.75 14.17
CA ARG D 65 9.41 -25.22 14.66
C ARG D 65 9.25 -26.19 15.84
N ASN D 66 8.01 -26.40 16.26
CA ASN D 66 7.72 -27.31 17.36
C ASN D 66 6.46 -28.10 17.02
N PRO D 67 6.59 -29.10 16.14
CA PRO D 67 5.49 -29.97 15.69
C PRO D 67 4.65 -30.62 16.79
N ASN D 68 5.23 -30.82 17.97
CA ASN D 68 4.51 -31.45 19.07
C ASN D 68 3.56 -30.51 19.81
N LEU D 69 3.75 -29.21 19.63
CA LEU D 69 2.90 -28.22 20.29
C LEU D 69 1.47 -28.30 19.80
N LYS D 70 0.53 -28.41 20.73
CA LYS D 70 -0.89 -28.46 20.37
C LYS D 70 -1.53 -27.12 20.72
N THR D 71 -2.55 -26.75 19.95
CA THR D 71 -3.23 -25.50 20.18
C THR D 71 -4.74 -25.70 20.26
N LEU D 72 -5.39 -24.91 21.10
CA LEU D 72 -6.85 -25.00 21.24
C LEU D 72 -7.44 -23.60 21.35
N LEU D 73 -8.72 -23.49 21.00
CA LEU D 73 -9.43 -22.24 21.06
C LEU D 73 -10.47 -22.37 22.16
N SER D 74 -10.43 -21.47 23.14
CA SER D 74 -11.39 -21.53 24.22
C SER D 74 -12.60 -20.65 23.97
N VAL D 75 -13.79 -21.19 24.21
CA VAL D 75 -15.00 -20.42 24.02
C VAL D 75 -15.66 -20.20 25.38
N GLY D 76 -16.00 -18.95 25.65
CA GLY D 76 -16.63 -18.61 26.92
C GLY D 76 -15.83 -17.59 27.70
N GLY D 77 -15.45 -17.94 28.93
CA GLY D 77 -14.70 -17.01 29.74
C GLY D 77 -15.62 -16.25 30.68
N TRP D 78 -15.06 -15.70 31.75
CA TRP D 78 -15.84 -14.96 32.73
C TRP D 78 -16.73 -13.85 32.17
N ASN D 79 -16.25 -13.11 31.17
CA ASN D 79 -17.03 -12.03 30.59
C ASN D 79 -17.95 -12.46 29.44
N PHE D 80 -18.25 -13.75 29.36
CA PHE D 80 -19.12 -14.22 28.29
C PHE D 80 -20.58 -14.15 28.71
N GLY D 81 -20.88 -14.60 29.92
CA GLY D 81 -22.24 -14.58 30.41
C GLY D 81 -22.91 -15.95 30.32
N SER D 82 -22.91 -16.66 31.44
CA SER D 82 -23.50 -18.00 31.50
C SER D 82 -24.88 -18.03 30.86
N GLN D 83 -25.60 -16.91 30.95
CA GLN D 83 -26.93 -16.80 30.39
C GLN D 83 -26.97 -17.13 28.90
N ARG D 84 -26.11 -16.48 28.13
CA ARG D 84 -26.05 -16.71 26.69
C ARG D 84 -25.69 -18.16 26.40
N PHE D 85 -24.66 -18.66 27.09
CA PHE D 85 -24.21 -20.04 26.91
C PHE D 85 -25.35 -21.02 27.20
N SER D 86 -26.15 -20.71 28.22
CA SER D 86 -27.27 -21.56 28.60
C SER D 86 -28.31 -21.68 27.48
N LYS D 87 -28.73 -20.54 26.94
CA LYS D 87 -29.72 -20.55 25.86
C LYS D 87 -29.29 -21.40 24.68
N ILE D 88 -28.01 -21.36 24.36
CA ILE D 88 -27.48 -22.13 23.25
C ILE D 88 -27.43 -23.63 23.54
N ALA D 89 -26.97 -23.99 24.73
CA ALA D 89 -26.86 -25.39 25.11
C ALA D 89 -28.18 -26.05 25.44
N SER D 90 -29.16 -25.27 25.90
CA SER D 90 -30.47 -25.84 26.25
C SER D 90 -31.35 -26.05 25.02
N ASN D 91 -31.20 -25.16 24.04
CA ASN D 91 -31.99 -25.24 22.81
C ASN D 91 -31.39 -26.29 21.87
N THR D 92 -32.16 -27.32 21.57
CA THR D 92 -31.72 -28.41 20.69
C THR D 92 -31.21 -27.96 19.32
N GLN D 93 -31.85 -26.96 18.72
CA GLN D 93 -31.43 -26.47 17.41
C GLN D 93 -30.14 -25.66 17.51
N SER D 94 -30.09 -24.74 18.46
CA SER D 94 -28.91 -23.90 18.67
C SER D 94 -27.69 -24.74 19.00
N ARG D 95 -27.88 -25.79 19.80
CA ARG D 95 -26.78 -26.66 20.19
C ARG D 95 -26.17 -27.33 18.96
N ARG D 96 -27.04 -27.79 18.06
CA ARG D 96 -26.59 -28.45 16.83
C ARG D 96 -25.81 -27.48 15.95
N THR D 97 -26.38 -26.30 15.73
CA THR D 97 -25.74 -25.28 14.90
C THR D 97 -24.34 -24.98 15.45
N PHE D 98 -24.27 -24.76 16.75
CA PHE D 98 -23.00 -24.45 17.40
C PHE D 98 -21.99 -25.57 17.19
N ILE D 99 -22.37 -26.79 17.56
CA ILE D 99 -21.50 -27.95 17.42
C ILE D 99 -21.01 -28.15 15.99
N LYS D 100 -21.92 -28.05 15.03
CA LYS D 100 -21.58 -28.23 13.63
C LYS D 100 -20.58 -27.18 13.15
N SER D 101 -20.71 -25.95 13.65
CA SER D 101 -19.84 -24.87 13.23
C SER D 101 -18.43 -24.92 13.81
N VAL D 102 -18.21 -25.72 14.85
CA VAL D 102 -16.88 -25.76 15.46
C VAL D 102 -15.75 -26.38 14.61
N PRO D 103 -15.91 -27.63 14.16
CA PRO D 103 -14.85 -28.26 13.37
C PRO D 103 -14.36 -27.43 12.18
N PRO D 104 -15.29 -26.92 11.33
CA PRO D 104 -14.85 -26.12 10.19
C PRO D 104 -14.02 -24.93 10.63
N PHE D 105 -14.50 -24.24 11.68
CA PHE D 105 -13.82 -23.07 12.20
C PHE D 105 -12.41 -23.35 12.69
N LEU D 106 -12.24 -24.44 13.46
CA LEU D 106 -10.94 -24.80 14.00
C LEU D 106 -9.96 -25.23 12.88
N ARG D 107 -10.44 -26.01 11.91
CA ARG D 107 -9.58 -26.45 10.81
C ARG D 107 -9.20 -25.24 9.97
N THR D 108 -10.15 -24.34 9.75
CA THR D 108 -9.91 -23.15 8.95
C THR D 108 -8.87 -22.24 9.55
N HIS D 109 -8.78 -22.21 10.89
CA HIS D 109 -7.80 -21.34 11.52
C HIS D 109 -6.60 -22.02 12.14
N GLY D 110 -6.45 -23.32 11.88
CA GLY D 110 -5.29 -24.04 12.38
C GLY D 110 -5.24 -24.50 13.83
N PHE D 111 -6.41 -24.68 14.45
CA PHE D 111 -6.47 -25.13 15.84
C PHE D 111 -6.59 -26.64 15.94
N ASP D 112 -6.05 -27.21 17.02
CA ASP D 112 -6.10 -28.66 17.25
C ASP D 112 -7.28 -29.11 18.12
N GLY D 113 -8.04 -28.16 18.65
CA GLY D 113 -9.18 -28.53 19.47
C GLY D 113 -9.91 -27.34 20.08
N LEU D 114 -10.94 -27.67 20.86
CA LEU D 114 -11.78 -26.68 21.53
C LEU D 114 -11.76 -26.82 23.05
N ASP D 115 -11.72 -25.69 23.74
CA ASP D 115 -11.76 -25.68 25.20
C ASP D 115 -13.05 -24.98 25.60
N LEU D 116 -13.89 -25.68 26.36
CA LEU D 116 -15.16 -25.11 26.80
C LEU D 116 -14.94 -24.42 28.14
N ALA D 117 -15.24 -23.12 28.18
CA ALA D 117 -15.08 -22.34 29.39
C ALA D 117 -16.42 -21.67 29.71
N TRP D 118 -17.41 -22.49 30.04
CA TRP D 118 -18.73 -21.99 30.39
C TRP D 118 -18.69 -21.74 31.90
N LEU D 119 -18.60 -20.48 32.30
CA LEU D 119 -18.54 -20.13 33.71
C LEU D 119 -19.78 -19.41 34.21
N TYR D 120 -20.76 -20.14 34.74
CA TYR D 120 -20.70 -21.60 34.84
C TYR D 120 -22.11 -22.13 34.67
N PRO D 121 -22.24 -23.42 34.33
CA PRO D 121 -23.58 -23.96 34.17
C PRO D 121 -24.32 -23.73 35.49
N GLY D 122 -25.64 -23.71 35.45
CA GLY D 122 -26.37 -23.51 36.69
C GLY D 122 -26.83 -24.88 37.16
N ARG D 123 -27.60 -24.92 38.24
CA ARG D 123 -28.12 -26.19 38.70
C ARG D 123 -29.03 -26.65 37.57
N ARG D 124 -29.61 -25.66 36.89
CA ARG D 124 -30.53 -25.89 35.79
C ARG D 124 -29.86 -26.33 34.48
N ASP D 125 -28.56 -26.11 34.35
CA ASP D 125 -27.86 -26.49 33.12
C ASP D 125 -26.93 -27.68 33.25
N LYS D 126 -26.88 -28.28 34.44
CA LYS D 126 -26.01 -29.41 34.68
C LYS D 126 -26.11 -30.49 33.59
N GLN D 127 -27.32 -30.92 33.28
CA GLN D 127 -27.51 -31.94 32.27
C GLN D 127 -27.19 -31.42 30.87
N HIS D 128 -27.58 -30.19 30.59
CA HIS D 128 -27.31 -29.59 29.29
C HIS D 128 -25.80 -29.54 29.05
N PHE D 129 -25.04 -29.23 30.09
CA PHE D 129 -23.59 -29.17 29.98
C PHE D 129 -23.08 -30.53 29.56
N THR D 130 -23.60 -31.57 30.20
CA THR D 130 -23.21 -32.95 29.89
C THR D 130 -23.52 -33.29 28.43
N THR D 131 -24.74 -32.95 28.00
CA THR D 131 -25.17 -33.22 26.63
C THR D 131 -24.30 -32.48 25.63
N LEU D 132 -24.03 -31.20 25.91
CA LEU D 132 -23.19 -30.40 25.04
C LEU D 132 -21.82 -31.06 24.82
N ILE D 133 -21.18 -31.44 25.92
CA ILE D 133 -19.88 -32.09 25.87
C ILE D 133 -19.94 -33.43 25.15
N LYS D 134 -20.98 -34.19 25.42
CA LYS D 134 -21.17 -35.50 24.81
C LYS D 134 -21.33 -35.41 23.29
N GLU D 135 -22.20 -34.51 22.85
CA GLU D 135 -22.46 -34.33 21.43
C GLU D 135 -21.34 -33.64 20.68
N MET D 136 -20.63 -32.73 21.34
CA MET D 136 -19.51 -32.04 20.70
C MET D 136 -18.42 -33.06 20.39
N LYS D 137 -18.17 -33.96 21.33
CA LYS D 137 -17.16 -35.00 21.16
C LYS D 137 -17.59 -35.92 20.02
N ALA D 138 -18.89 -36.18 19.93
CA ALA D 138 -19.42 -37.04 18.89
C ALA D 138 -19.06 -36.42 17.52
N GLU D 139 -19.36 -35.14 17.37
CA GLU D 139 -19.07 -34.41 16.14
C GLU D 139 -17.58 -34.49 15.81
N PHE D 140 -16.72 -34.28 16.80
CA PHE D 140 -15.28 -34.33 16.58
C PHE D 140 -14.84 -35.71 16.07
N ILE D 141 -15.41 -36.76 16.64
CA ILE D 141 -15.08 -38.12 16.24
C ILE D 141 -15.51 -38.35 14.79
N LYS D 142 -16.71 -37.86 14.48
CA LYS D 142 -17.27 -37.98 13.13
C LYS D 142 -16.39 -37.25 12.13
N GLU D 143 -16.10 -35.99 12.40
CA GLU D 143 -15.28 -35.16 11.51
C GLU D 143 -13.92 -35.79 11.19
N ALA D 144 -13.41 -36.61 12.09
CA ALA D 144 -12.11 -37.25 11.86
C ALA D 144 -12.22 -38.70 11.45
N GLN D 145 -13.45 -39.23 11.43
CA GLN D 145 -13.69 -40.63 11.06
C GLN D 145 -12.90 -41.09 9.83
N PRO D 146 -12.85 -40.27 8.77
CA PRO D 146 -12.11 -40.67 7.57
C PRO D 146 -10.63 -41.00 7.82
N GLY D 147 -10.03 -40.38 8.83
CA GLY D 147 -8.63 -40.64 9.14
C GLY D 147 -7.82 -39.42 9.57
N LYS D 148 -8.50 -38.35 9.96
CA LYS D 148 -7.81 -37.14 10.38
C LYS D 148 -7.33 -37.26 11.82
N LYS D 149 -6.52 -36.29 12.24
CA LYS D 149 -6.03 -36.24 13.61
C LYS D 149 -7.22 -35.62 14.35
N GLN D 150 -7.92 -36.44 15.12
CA GLN D 150 -9.11 -35.99 15.83
C GLN D 150 -8.92 -34.73 16.66
N LEU D 151 -9.91 -33.83 16.58
CA LEU D 151 -9.85 -32.58 17.31
C LEU D 151 -9.94 -32.88 18.81
N LEU D 152 -9.25 -32.08 19.62
CA LEU D 152 -9.26 -32.27 21.06
C LEU D 152 -10.38 -31.48 21.72
N LEU D 153 -10.92 -32.03 22.81
CA LEU D 153 -11.98 -31.36 23.55
C LEU D 153 -11.64 -31.31 25.04
N SER D 154 -11.54 -30.11 25.59
CA SER D 154 -11.24 -29.92 26.99
C SER D 154 -12.28 -28.99 27.62
N ALA D 155 -12.15 -28.77 28.92
CA ALA D 155 -13.05 -27.90 29.64
C ALA D 155 -12.35 -27.32 30.87
N ALA D 156 -12.57 -26.03 31.10
CA ALA D 156 -12.00 -25.36 32.25
C ALA D 156 -13.14 -25.39 33.28
N LEU D 157 -12.92 -26.05 34.40
CA LEU D 157 -13.97 -26.16 35.41
C LEU D 157 -13.66 -25.42 36.70
N SER D 158 -14.72 -24.97 37.37
CA SER D 158 -14.58 -24.26 38.64
C SER D 158 -13.99 -25.19 39.68
N ALA D 159 -13.22 -24.65 40.61
CA ALA D 159 -12.64 -25.44 41.68
C ALA D 159 -13.47 -25.26 42.97
N GLY D 160 -14.55 -24.49 42.87
CA GLY D 160 -15.41 -24.24 44.02
C GLY D 160 -16.40 -25.36 44.25
N LYS D 161 -16.40 -25.90 45.46
CA LYS D 161 -17.31 -27.01 45.80
C LYS D 161 -18.78 -26.73 45.46
N VAL D 162 -19.27 -25.56 45.82
CA VAL D 162 -20.65 -25.21 45.56
C VAL D 162 -20.97 -25.30 44.07
N THR D 163 -20.11 -24.69 43.25
CA THR D 163 -20.32 -24.70 41.81
C THR D 163 -20.21 -26.12 41.24
N ILE D 164 -19.20 -26.85 41.71
CA ILE D 164 -19.00 -28.22 41.25
C ILE D 164 -20.23 -29.08 41.54
N ASP D 165 -20.75 -29.00 42.76
CA ASP D 165 -21.94 -29.79 43.13
C ASP D 165 -23.20 -29.44 42.34
N SER D 166 -23.39 -28.15 42.02
CA SER D 166 -24.59 -27.77 41.29
C SER D 166 -24.47 -27.75 39.76
N SER D 167 -23.26 -27.59 39.24
CA SER D 167 -23.07 -27.50 37.79
C SER D 167 -22.54 -28.70 37.01
N TYR D 168 -21.67 -29.49 37.62
CA TYR D 168 -21.08 -30.59 36.90
C TYR D 168 -21.41 -32.02 37.29
N ASP D 169 -21.44 -32.89 36.28
CA ASP D 169 -21.66 -34.32 36.49
C ASP D 169 -20.30 -34.87 36.10
N ILE D 170 -19.34 -34.68 37.00
CA ILE D 170 -17.96 -35.08 36.79
C ILE D 170 -17.75 -36.44 36.15
N ALA D 171 -18.36 -37.46 36.73
CA ALA D 171 -18.23 -38.82 36.21
C ALA D 171 -18.60 -38.94 34.75
N LYS D 172 -19.73 -38.36 34.37
CA LYS D 172 -20.22 -38.42 33.00
C LYS D 172 -19.37 -37.66 31.98
N ILE D 173 -19.08 -36.38 32.25
CA ILE D 173 -18.31 -35.58 31.31
C ILE D 173 -16.83 -35.98 31.20
N SER D 174 -16.29 -36.59 32.25
CA SER D 174 -14.90 -37.02 32.25
C SER D 174 -14.61 -38.04 31.16
N GLN D 175 -15.63 -38.82 30.80
CA GLN D 175 -15.48 -39.83 29.76
C GLN D 175 -15.29 -39.23 28.39
N HIS D 176 -16.01 -38.14 28.11
CA HIS D 176 -15.94 -37.49 26.80
C HIS D 176 -14.83 -36.46 26.61
N LEU D 177 -14.34 -35.87 27.68
CA LEU D 177 -13.28 -34.87 27.60
C LEU D 177 -11.89 -35.49 27.49
N ASP D 178 -11.02 -34.86 26.72
CA ASP D 178 -9.66 -35.36 26.58
C ASP D 178 -8.89 -34.93 27.83
N PHE D 179 -9.33 -33.84 28.46
CA PHE D 179 -8.72 -33.40 29.71
C PHE D 179 -9.51 -32.27 30.34
N ILE D 180 -9.41 -32.20 31.66
CA ILE D 180 -10.12 -31.19 32.44
C ILE D 180 -9.13 -30.28 33.14
N SER D 181 -9.33 -28.98 33.01
CA SER D 181 -8.46 -28.03 33.70
C SER D 181 -9.27 -27.53 34.90
N ILE D 182 -8.83 -27.85 36.11
CA ILE D 182 -9.54 -27.38 37.29
C ILE D 182 -8.92 -26.06 37.71
N MET D 183 -9.75 -25.02 37.78
CA MET D 183 -9.29 -23.68 38.13
C MET D 183 -9.06 -23.47 39.64
N THR D 184 -8.01 -24.08 40.15
CA THR D 184 -7.65 -24.01 41.56
C THR D 184 -6.98 -22.70 41.99
N TYR D 185 -7.77 -21.62 41.94
CA TYR D 185 -7.34 -20.29 42.32
C TYR D 185 -8.63 -19.47 42.47
N ASP D 186 -8.53 -18.17 42.74
CA ASP D 186 -9.72 -17.33 42.98
C ASP D 186 -10.54 -17.90 44.17
N PHE D 187 -9.86 -18.51 45.13
CA PHE D 187 -10.52 -19.09 46.31
C PHE D 187 -10.88 -18.06 47.37
N HIS D 188 -10.28 -16.89 47.25
CA HIS D 188 -10.50 -15.83 48.19
C HIS D 188 -10.41 -14.57 47.36
N GLY D 189 -10.92 -13.48 47.92
CA GLY D 189 -10.91 -12.20 47.23
C GLY D 189 -11.51 -11.19 48.19
N ALA D 190 -11.47 -9.92 47.81
CA ALA D 190 -11.99 -8.87 48.67
C ALA D 190 -13.44 -9.10 49.07
N TRP D 191 -14.20 -9.79 48.23
CA TRP D 191 -15.60 -10.03 48.54
C TRP D 191 -15.82 -10.73 49.89
N ARG D 192 -14.74 -11.13 50.57
CA ARG D 192 -14.84 -11.81 51.85
C ARG D 192 -14.51 -10.97 53.10
N GLY D 193 -14.18 -9.69 52.89
CA GLY D 193 -13.90 -8.77 54.00
C GLY D 193 -12.61 -8.88 54.79
N THR D 194 -11.79 -9.88 54.47
CA THR D 194 -10.51 -10.09 55.15
C THR D 194 -9.45 -10.50 54.15
N THR D 195 -8.19 -10.43 54.54
CA THR D 195 -7.12 -10.86 53.64
C THR D 195 -7.13 -12.38 53.61
N GLY D 196 -6.80 -12.94 52.46
CA GLY D 196 -6.76 -14.38 52.31
C GLY D 196 -6.07 -14.70 51.01
N HIS D 197 -5.32 -15.80 50.97
CA HIS D 197 -4.61 -16.16 49.76
C HIS D 197 -5.61 -16.83 48.82
N HIS D 198 -5.65 -16.38 47.57
CA HIS D 198 -6.62 -16.93 46.62
C HIS D 198 -6.25 -18.28 46.01
N SER D 199 -5.06 -18.77 46.28
CA SER D 199 -4.67 -20.07 45.71
C SER D 199 -3.75 -20.88 46.65
N PRO D 200 -4.22 -21.15 47.88
CA PRO D 200 -3.37 -21.93 48.80
C PRO D 200 -3.35 -23.38 48.34
N LEU D 201 -2.25 -24.08 48.61
CA LEU D 201 -2.16 -25.49 48.22
C LEU D 201 -2.97 -26.35 49.19
N PHE D 202 -2.83 -26.10 50.49
CA PHE D 202 -3.57 -26.84 51.51
C PHE D 202 -4.36 -25.84 52.36
N ARG D 203 -5.28 -26.35 53.16
CA ARG D 203 -6.10 -25.49 54.01
C ARG D 203 -5.26 -24.69 55.02
N GLY D 204 -4.26 -25.33 55.61
CA GLY D 204 -3.44 -24.61 56.57
C GLY D 204 -4.09 -24.47 57.95
N GLN D 205 -3.64 -23.50 58.74
CA GLN D 205 -4.16 -23.28 60.08
C GLN D 205 -5.67 -23.44 60.12
N GLU D 206 -6.11 -24.50 60.77
CA GLU D 206 -7.52 -24.87 60.90
C GLU D 206 -8.37 -23.73 61.48
N ASP D 207 -7.73 -22.96 62.36
CA ASP D 207 -8.33 -21.82 63.04
C ASP D 207 -8.63 -20.61 62.16
N ALA D 208 -7.75 -20.35 61.20
CA ALA D 208 -7.85 -19.18 60.33
C ALA D 208 -8.60 -19.33 59.01
N SER D 209 -9.43 -20.35 58.88
CA SER D 209 -10.14 -20.57 57.64
C SER D 209 -11.63 -20.79 57.85
N PRO D 210 -12.46 -20.22 56.98
CA PRO D 210 -13.90 -20.39 57.09
C PRO D 210 -14.26 -21.80 56.62
N ASP D 211 -13.89 -22.10 55.38
CA ASP D 211 -14.18 -23.41 54.78
C ASP D 211 -13.00 -24.35 54.85
N ARG D 212 -13.30 -25.60 54.53
CA ARG D 212 -12.28 -26.63 54.48
C ARG D 212 -12.04 -26.80 52.98
N PHE D 213 -12.98 -26.25 52.21
CA PHE D 213 -12.98 -26.36 50.75
C PHE D 213 -12.15 -25.40 49.91
N SER D 214 -11.94 -24.17 50.38
CA SER D 214 -11.23 -23.16 49.60
C SER D 214 -9.71 -23.29 49.46
N ASN D 215 -9.27 -24.42 48.92
CA ASN D 215 -7.84 -24.65 48.74
C ASN D 215 -7.63 -25.68 47.62
N THR D 216 -6.46 -25.63 47.00
CA THR D 216 -6.16 -26.53 45.91
C THR D 216 -6.35 -28.02 46.27
N ASP D 217 -5.71 -28.45 47.36
CA ASP D 217 -5.80 -29.85 47.78
C ASP D 217 -7.22 -30.36 47.89
N TYR D 218 -8.11 -29.61 48.54
CA TYR D 218 -9.48 -30.08 48.65
C TYR D 218 -10.16 -30.27 47.30
N ALA D 219 -10.03 -29.28 46.43
CA ALA D 219 -10.63 -29.33 45.10
C ALA D 219 -10.17 -30.53 44.27
N VAL D 220 -8.86 -30.77 44.24
CA VAL D 220 -8.32 -31.89 43.48
C VAL D 220 -8.90 -33.20 44.02
N GLY D 221 -8.75 -33.41 45.32
CA GLY D 221 -9.27 -34.63 45.92
C GLY D 221 -10.75 -34.81 45.66
N TYR D 222 -11.53 -33.76 45.86
CA TYR D 222 -12.95 -33.85 45.62
C TYR D 222 -13.30 -34.29 44.19
N MET D 223 -12.65 -33.69 43.19
CA MET D 223 -12.97 -34.04 41.81
C MET D 223 -12.54 -35.46 41.44
N LEU D 224 -11.46 -35.93 42.05
CA LEU D 224 -10.99 -37.29 41.81
C LEU D 224 -12.05 -38.25 42.34
N ARG D 225 -12.52 -37.96 43.57
CA ARG D 225 -13.53 -38.77 44.24
C ARG D 225 -14.83 -38.76 43.43
N LEU D 226 -15.13 -37.62 42.81
CA LEU D 226 -16.33 -37.51 41.99
C LEU D 226 -16.23 -38.36 40.71
N GLY D 227 -15.03 -38.87 40.42
CA GLY D 227 -14.87 -39.71 39.25
C GLY D 227 -14.02 -39.17 38.10
N ALA D 228 -13.31 -38.07 38.33
CA ALA D 228 -12.46 -37.54 37.27
C ALA D 228 -11.14 -38.32 37.35
N PRO D 229 -10.78 -39.04 36.27
CA PRO D 229 -9.53 -39.80 36.26
C PRO D 229 -8.33 -38.88 36.43
N ALA D 230 -7.40 -39.27 37.31
CA ALA D 230 -6.21 -38.48 37.55
C ALA D 230 -5.46 -38.21 36.26
N SER D 231 -5.50 -39.16 35.33
CA SER D 231 -4.80 -39.04 34.07
C SER D 231 -5.43 -37.97 33.16
N LYS D 232 -6.61 -37.50 33.52
CA LYS D 232 -7.30 -36.48 32.74
C LYS D 232 -7.42 -35.16 33.48
N LEU D 233 -6.91 -35.10 34.70
CA LEU D 233 -7.02 -33.88 35.49
C LEU D 233 -5.77 -33.03 35.44
N VAL D 234 -5.93 -31.77 35.04
CA VAL D 234 -4.84 -30.82 34.95
C VAL D 234 -5.10 -29.75 36.01
N MET D 235 -4.13 -29.52 36.88
CA MET D 235 -4.28 -28.59 37.98
C MET D 235 -3.91 -27.15 37.66
N GLY D 236 -4.86 -26.25 37.88
CA GLY D 236 -4.62 -24.84 37.60
C GLY D 236 -3.71 -24.15 38.59
N ILE D 237 -2.79 -23.34 38.05
CA ILE D 237 -1.85 -22.58 38.87
C ILE D 237 -1.87 -21.18 38.28
N PRO D 238 -2.11 -20.15 39.11
CA PRO D 238 -2.18 -18.77 38.68
C PRO D 238 -0.84 -18.04 38.60
N THR D 239 -0.69 -17.16 37.61
CA THR D 239 0.51 -16.35 37.47
C THR D 239 0.13 -14.92 37.84
N PHE D 240 -0.98 -14.78 38.56
CA PHE D 240 -1.44 -13.48 39.01
C PHE D 240 -1.83 -13.58 40.48
N GLY D 241 -1.87 -12.44 41.15
CA GLY D 241 -2.24 -12.45 42.56
C GLY D 241 -3.53 -11.71 42.78
N ARG D 242 -4.14 -11.91 43.95
CA ARG D 242 -5.38 -11.20 44.32
C ARG D 242 -4.95 -10.27 45.46
N SER D 243 -5.21 -8.99 45.28
CA SER D 243 -4.81 -7.95 46.22
C SER D 243 -5.95 -7.32 47.02
N PHE D 244 -5.57 -6.74 48.15
CA PHE D 244 -6.52 -6.10 49.05
C PHE D 244 -5.89 -4.83 49.58
N THR D 245 -6.74 -3.89 50.00
CA THR D 245 -6.28 -2.65 50.63
C THR D 245 -6.51 -2.89 52.12
N LEU D 246 -5.44 -2.84 52.92
CA LEU D 246 -5.53 -3.06 54.36
C LEU D 246 -6.24 -1.92 55.09
N ALA D 247 -6.98 -2.26 56.15
CA ALA D 247 -7.70 -1.25 56.91
C ALA D 247 -7.05 -0.90 58.25
N SER D 248 -5.96 -1.57 58.61
CA SER D 248 -5.27 -1.32 59.86
C SER D 248 -3.80 -1.69 59.78
N SER D 249 -3.15 -1.75 60.94
CA SER D 249 -1.74 -2.10 61.00
C SER D 249 -1.54 -3.60 60.85
N GLU D 250 -2.63 -4.38 60.96
CA GLU D 250 -2.55 -5.83 60.84
C GLU D 250 -2.29 -6.23 59.39
N THR D 251 -1.30 -7.09 59.19
CA THR D 251 -0.91 -7.52 57.85
C THR D 251 -0.89 -9.04 57.64
N GLY D 252 -1.41 -9.79 58.61
CA GLY D 252 -1.42 -11.25 58.47
C GLY D 252 -2.63 -11.79 57.74
N VAL D 253 -2.72 -13.10 57.64
CA VAL D 253 -3.85 -13.75 57.00
C VAL D 253 -5.08 -13.45 57.85
N GLY D 254 -6.16 -12.99 57.22
CA GLY D 254 -7.36 -12.71 57.98
C GLY D 254 -7.43 -11.29 58.53
N ALA D 255 -6.51 -10.43 58.10
CA ALA D 255 -6.49 -9.04 58.57
C ALA D 255 -7.64 -8.24 57.93
N PRO D 256 -8.08 -7.16 58.61
CA PRO D 256 -9.16 -6.31 58.11
C PRO D 256 -8.78 -5.61 56.81
N ILE D 257 -9.72 -5.49 55.89
CA ILE D 257 -9.47 -4.82 54.62
C ILE D 257 -10.61 -3.85 54.34
N SER D 258 -10.35 -2.87 53.49
CA SER D 258 -11.38 -1.89 53.13
C SER D 258 -11.91 -2.16 51.73
N GLY D 259 -11.30 -3.12 51.03
CA GLY D 259 -11.73 -3.45 49.69
C GLY D 259 -10.60 -4.04 48.86
N PRO D 260 -10.76 -4.15 47.53
CA PRO D 260 -9.69 -4.71 46.70
C PRO D 260 -8.45 -3.82 46.67
N GLY D 261 -7.33 -4.38 46.21
CA GLY D 261 -6.10 -3.62 46.14
C GLY D 261 -6.09 -2.59 45.04
N ILE D 262 -5.11 -1.70 45.08
CA ILE D 262 -4.95 -0.64 44.08
C ILE D 262 -4.60 -1.30 42.75
N PRO D 263 -5.27 -0.90 41.65
CA PRO D 263 -5.04 -1.45 40.31
C PRO D 263 -3.58 -1.44 39.87
N GLY D 264 -3.17 -2.48 39.16
CA GLY D 264 -1.79 -2.54 38.69
C GLY D 264 -1.60 -1.53 37.57
N ARG D 265 -0.36 -1.10 37.34
CA ARG D 265 -0.08 -0.12 36.29
C ARG D 265 -0.47 -0.61 34.90
N PHE D 266 -0.24 -1.89 34.62
CA PHE D 266 -0.55 -2.46 33.31
C PHE D 266 -1.87 -3.22 33.21
N THR D 267 -2.24 -3.98 34.24
CA THR D 267 -3.49 -4.72 34.16
C THR D 267 -4.70 -3.85 34.49
N LYS D 268 -4.47 -2.78 35.24
CA LYS D 268 -5.54 -1.83 35.58
C LYS D 268 -6.87 -2.46 36.01
N GLU D 269 -6.83 -3.33 37.01
CA GLU D 269 -8.04 -3.97 37.51
C GLU D 269 -7.89 -4.15 39.02
N ALA D 270 -8.64 -3.36 39.79
CA ALA D 270 -8.59 -3.44 41.23
C ALA D 270 -8.74 -4.88 41.72
N GLY D 271 -7.86 -5.30 42.62
CA GLY D 271 -7.94 -6.66 43.14
C GLY D 271 -7.08 -7.67 42.39
N THR D 272 -6.44 -7.22 41.31
CA THR D 272 -5.60 -8.08 40.49
C THR D 272 -4.23 -7.47 40.21
N LEU D 273 -3.21 -8.31 40.19
CA LEU D 273 -1.86 -7.87 39.86
C LEU D 273 -1.21 -9.01 39.10
N ALA D 274 -0.60 -8.70 37.95
CA ALA D 274 0.08 -9.73 37.17
C ALA D 274 1.36 -10.02 37.90
N TYR D 275 1.97 -11.18 37.65
CA TYR D 275 3.21 -11.50 38.33
C TYR D 275 4.28 -10.44 38.07
N TYR D 276 4.37 -9.93 36.84
CA TYR D 276 5.41 -8.93 36.58
C TYR D 276 5.14 -7.66 37.37
N GLU D 277 3.87 -7.35 37.62
CA GLU D 277 3.54 -6.17 38.43
C GLU D 277 3.88 -6.45 39.90
N ILE D 278 3.74 -7.71 40.31
CA ILE D 278 4.03 -8.09 41.68
C ILE D 278 5.54 -7.95 41.93
N CYS D 279 6.35 -8.33 40.94
CA CYS D 279 7.79 -8.23 41.07
C CYS D 279 8.20 -6.77 41.34
N ASP D 280 7.45 -5.83 40.79
CA ASP D 280 7.74 -4.41 41.02
C ASP D 280 7.34 -4.12 42.46
N PHE D 281 6.12 -4.55 42.81
CA PHE D 281 5.55 -4.38 44.14
C PHE D 281 6.49 -4.90 45.21
N LEU D 282 7.13 -6.03 44.92
CA LEU D 282 8.04 -6.64 45.87
C LEU D 282 9.20 -5.75 46.31
N ARG D 283 9.55 -4.78 45.48
CA ARG D 283 10.64 -3.87 45.83
C ARG D 283 10.23 -3.03 47.03
N GLY D 284 10.85 -3.31 48.17
CA GLY D 284 10.53 -2.58 49.38
C GLY D 284 9.38 -3.20 50.15
N ALA D 285 8.95 -4.38 49.72
CA ALA D 285 7.85 -5.07 50.38
C ALA D 285 8.34 -6.22 51.24
N THR D 286 7.47 -6.72 52.10
CA THR D 286 7.82 -7.84 52.96
C THR D 286 7.04 -9.06 52.47
N VAL D 287 7.76 -10.16 52.26
CA VAL D 287 7.15 -11.39 51.78
C VAL D 287 7.09 -12.42 52.90
N HIS D 288 5.92 -13.03 53.05
CA HIS D 288 5.71 -14.02 54.09
C HIS D 288 5.24 -15.35 53.50
N ARG D 289 5.82 -16.43 53.98
CA ARG D 289 5.45 -17.76 53.53
C ARG D 289 4.36 -18.25 54.48
N ILE D 290 3.18 -18.51 53.95
CA ILE D 290 2.10 -18.98 54.79
C ILE D 290 2.33 -20.46 55.08
N LEU D 291 2.67 -20.77 56.33
CA LEU D 291 2.92 -22.15 56.74
C LEU D 291 1.62 -22.92 56.62
N GLY D 292 1.67 -24.13 56.13
CA GLY D 292 0.44 -24.88 56.01
C GLY D 292 -0.19 -24.72 54.65
N GLN D 293 -0.17 -23.50 54.10
CA GLN D 293 -0.76 -23.27 52.79
C GLN D 293 0.30 -23.35 51.68
N GLN D 294 1.57 -23.22 52.08
CA GLN D 294 2.70 -23.31 51.15
C GLN D 294 2.75 -22.23 50.07
N VAL D 295 2.18 -21.06 50.33
CA VAL D 295 2.20 -20.00 49.33
C VAL D 295 2.53 -18.67 49.99
N PRO D 296 3.03 -17.70 49.20
CA PRO D 296 3.38 -16.41 49.78
C PRO D 296 2.39 -15.28 49.57
N TYR D 297 2.50 -14.28 50.43
CA TYR D 297 1.71 -13.08 50.27
C TYR D 297 2.77 -12.00 50.51
N ALA D 298 2.56 -10.84 49.93
CA ALA D 298 3.50 -9.74 50.11
C ALA D 298 2.67 -8.58 50.58
N THR D 299 3.26 -7.74 51.42
CA THR D 299 2.54 -6.59 51.91
C THR D 299 3.47 -5.39 51.98
N LYS D 300 2.94 -4.21 51.70
CA LYS D 300 3.71 -2.97 51.72
C LYS D 300 2.71 -1.86 51.88
N GLY D 301 2.89 -1.02 52.90
CA GLY D 301 1.93 0.05 53.12
C GLY D 301 0.55 -0.56 53.33
N ASN D 302 -0.48 0.06 52.77
CA ASN D 302 -1.84 -0.47 52.94
C ASN D 302 -2.24 -1.47 51.86
N GLN D 303 -1.24 -2.12 51.26
CA GLN D 303 -1.48 -3.11 50.21
C GLN D 303 -1.05 -4.50 50.63
N TRP D 304 -1.78 -5.50 50.16
CA TRP D 304 -1.53 -6.89 50.50
C TRP D 304 -1.94 -7.72 49.29
N VAL D 305 -1.09 -8.66 48.88
CA VAL D 305 -1.41 -9.50 47.74
C VAL D 305 -0.93 -10.95 47.91
N GLY D 306 -1.83 -11.89 47.66
CA GLY D 306 -1.52 -13.30 47.75
C GLY D 306 -1.25 -13.78 46.33
N TYR D 307 -0.11 -14.44 46.12
CA TYR D 307 0.27 -14.91 44.79
C TYR D 307 1.15 -16.16 44.85
N ASP D 308 1.63 -16.57 43.67
CA ASP D 308 2.51 -17.74 43.53
C ASP D 308 3.87 -17.32 42.97
N ASP D 309 4.95 -17.91 43.48
CA ASP D 309 6.28 -17.61 42.95
C ASP D 309 6.98 -18.91 42.59
N GLN D 310 8.22 -18.83 42.13
CA GLN D 310 8.96 -20.02 41.73
C GLN D 310 8.90 -21.11 42.78
N GLU D 311 9.12 -20.74 44.03
CA GLU D 311 9.11 -21.73 45.10
C GLU D 311 7.75 -22.39 45.30
N SER D 312 6.68 -21.61 45.30
CA SER D 312 5.36 -22.21 45.50
C SER D 312 4.89 -23.05 44.31
N VAL D 313 5.15 -22.63 43.08
CA VAL D 313 4.71 -23.43 41.93
C VAL D 313 5.43 -24.77 41.92
N LYS D 314 6.66 -24.77 42.42
CA LYS D 314 7.46 -25.99 42.49
C LYS D 314 6.75 -26.97 43.44
N SER D 315 6.34 -26.47 44.60
CA SER D 315 5.62 -27.30 45.58
C SER D 315 4.32 -27.82 44.98
N LYS D 316 3.60 -26.94 44.29
CA LYS D 316 2.33 -27.35 43.68
C LYS D 316 2.55 -28.44 42.63
N VAL D 317 3.62 -28.34 41.86
CA VAL D 317 3.91 -29.36 40.87
C VAL D 317 4.25 -30.67 41.59
N GLN D 318 5.02 -30.56 42.67
CA GLN D 318 5.39 -31.75 43.44
C GLN D 318 4.12 -32.45 43.88
N TYR D 319 3.13 -31.65 44.28
CA TYR D 319 1.85 -32.15 44.74
C TYR D 319 1.07 -32.87 43.64
N LEU D 320 0.99 -32.26 42.45
CA LEU D 320 0.25 -32.88 41.36
C LEU D 320 0.93 -34.15 40.88
N LYS D 321 2.26 -34.18 40.92
CA LYS D 321 2.97 -35.38 40.51
C LYS D 321 2.70 -36.50 41.52
N ASP D 322 2.71 -36.15 42.81
CA ASP D 322 2.45 -37.15 43.85
C ASP D 322 1.04 -37.71 43.70
N ARG D 323 0.15 -36.91 43.10
CA ARG D 323 -1.23 -37.31 42.89
C ARG D 323 -1.41 -37.96 41.50
N GLN D 324 -0.33 -38.03 40.75
CA GLN D 324 -0.39 -38.62 39.43
C GLN D 324 -1.43 -37.95 38.51
N LEU D 325 -1.46 -36.63 38.53
CA LEU D 325 -2.40 -35.89 37.71
C LEU D 325 -1.78 -35.74 36.31
N ALA D 326 -2.60 -35.35 35.33
CA ALA D 326 -2.13 -35.21 33.95
C ALA D 326 -1.11 -34.09 33.77
N GLY D 327 -1.11 -33.15 34.71
CA GLY D 327 -0.18 -32.05 34.61
C GLY D 327 -0.74 -30.77 35.22
N ALA D 328 -0.23 -29.65 34.75
CA ALA D 328 -0.64 -28.33 35.25
C ALA D 328 -1.20 -27.42 34.17
N MET D 329 -2.07 -26.51 34.59
CA MET D 329 -2.65 -25.52 33.70
C MET D 329 -2.21 -24.18 34.25
N VAL D 330 -1.90 -23.24 33.36
CA VAL D 330 -1.45 -21.93 33.75
C VAL D 330 -2.33 -20.80 33.22
N TRP D 331 -2.77 -19.94 34.14
CA TRP D 331 -3.55 -18.78 33.75
C TRP D 331 -2.83 -17.60 34.36
N ALA D 332 -2.16 -16.79 33.53
CA ALA D 332 -2.08 -17.00 32.09
C ALA D 332 -0.70 -16.57 31.60
N LEU D 333 -0.32 -17.00 30.41
CA LEU D 333 1.00 -16.67 29.87
C LEU D 333 1.31 -15.19 29.91
N ASP D 334 0.33 -14.37 29.57
CA ASP D 334 0.51 -12.91 29.54
C ASP D 334 0.53 -12.24 30.91
N LEU D 335 0.37 -13.02 31.98
CA LEU D 335 0.38 -12.43 33.32
C LEU D 335 1.71 -12.79 34.00
N ASP D 336 2.42 -13.73 33.39
CA ASP D 336 3.73 -14.15 33.88
C ASP D 336 4.65 -13.02 33.35
N ASP D 337 5.91 -12.99 33.76
CA ASP D 337 6.83 -11.97 33.24
C ASP D 337 7.31 -12.44 31.86
N PHE D 338 6.49 -12.27 30.85
CA PHE D 338 6.83 -12.71 29.51
C PHE D 338 7.99 -11.89 28.90
N GLN D 339 8.11 -10.63 29.32
CA GLN D 339 9.18 -9.77 28.84
C GLN D 339 10.49 -10.24 29.48
N GLY D 340 10.40 -10.72 30.71
CA GLY D 340 11.57 -11.18 31.43
C GLY D 340 12.39 -10.05 32.01
N SER D 341 11.86 -8.84 31.97
CA SER D 341 12.58 -7.68 32.46
C SER D 341 12.11 -7.11 33.80
N PHE D 342 10.95 -7.55 34.28
CA PHE D 342 10.43 -7.03 35.54
C PHE D 342 10.98 -7.71 36.80
N CYS D 343 11.14 -9.02 36.74
CA CYS D 343 11.61 -9.77 37.89
C CYS D 343 13.12 -9.98 37.89
N GLY D 344 13.80 -9.25 37.01
CA GLY D 344 15.24 -9.38 36.91
C GLY D 344 15.58 -10.76 36.36
N GLN D 345 16.84 -11.14 36.46
CA GLN D 345 17.29 -12.45 35.97
C GLN D 345 17.18 -12.54 34.45
N ASP D 346 16.48 -11.58 33.85
CA ASP D 346 16.29 -11.55 32.41
C ASP D 346 15.60 -12.80 31.87
N LEU D 347 15.21 -13.69 32.76
CA LEU D 347 14.53 -14.92 32.37
C LEU D 347 13.08 -14.65 32.01
N ARG D 348 12.67 -15.09 30.81
CA ARG D 348 11.31 -14.90 30.37
C ARG D 348 10.41 -16.01 30.92
N PHE D 349 9.15 -15.65 31.21
CA PHE D 349 8.18 -16.59 31.76
C PHE D 349 8.77 -17.38 32.94
N PRO D 350 9.28 -16.65 33.95
CA PRO D 350 9.88 -17.29 35.13
C PRO D 350 8.99 -18.30 35.86
N LEU D 351 7.73 -17.95 36.07
CA LEU D 351 6.84 -18.88 36.76
C LEU D 351 6.50 -20.10 35.93
N THR D 352 6.21 -19.90 34.65
CA THR D 352 5.85 -21.01 33.79
C THR D 352 7.05 -21.94 33.54
N ASN D 353 8.25 -21.39 33.46
CA ASN D 353 9.45 -22.20 33.25
C ASN D 353 9.74 -22.99 34.53
N ALA D 354 9.47 -22.35 35.67
CA ALA D 354 9.68 -23.01 36.96
C ALA D 354 8.80 -24.25 36.99
N ILE D 355 7.56 -24.11 36.50
CA ILE D 355 6.61 -25.21 36.45
C ILE D 355 7.06 -26.30 35.48
N LYS D 356 7.58 -25.89 34.33
CA LYS D 356 8.04 -26.81 33.31
C LYS D 356 9.22 -27.61 33.85
N ASP D 357 10.21 -26.93 34.40
CA ASP D 357 11.39 -27.59 34.96
C ASP D 357 11.00 -28.57 36.07
N ALA D 358 10.03 -28.19 36.90
CA ALA D 358 9.60 -29.04 37.99
C ALA D 358 8.89 -30.29 37.47
N LEU D 359 8.14 -30.15 36.39
CA LEU D 359 7.44 -31.29 35.80
C LEU D 359 8.41 -32.31 35.21
N ALA D 360 9.54 -31.84 34.71
CA ALA D 360 10.55 -32.71 34.12
C ALA D 360 11.53 -33.24 35.16
N ALA D 361 11.63 -32.56 36.30
CA ALA D 361 12.54 -32.95 37.36
C ALA D 361 12.29 -34.35 37.94
N THR D 362 13.25 -34.81 38.72
CA THR D 362 13.19 -36.13 39.38
C THR D 362 13.32 -37.27 38.37
C1 NAG E . 45.98 21.68 -6.30
C2 NAG E . 45.82 20.86 -5.01
C3 NAG E . 47.16 20.79 -4.29
C4 NAG E . 48.26 20.27 -5.23
C5 NAG E . 48.27 21.03 -6.55
C6 NAG E . 49.18 20.37 -7.57
C7 NAG E . 43.94 20.77 -3.53
C8 NAG E . 43.55 21.20 -2.13
N2 NAG E . 44.84 21.50 -4.16
O3 NAG E . 47.04 19.91 -3.17
O4 NAG E . 49.54 20.42 -4.59
O5 NAG E . 46.95 21.06 -7.14
O6 NAG E . 49.89 21.34 -8.33
O7 NAG E . 43.42 19.76 -4.03
C1 NAG E . 50.24 19.25 -4.33
C2 NAG E . 51.74 19.55 -4.34
C3 NAG E . 52.53 18.30 -3.91
C4 NAG E . 51.98 17.72 -2.61
C5 NAG E . 50.46 17.53 -2.69
C6 NAG E . 49.85 17.08 -1.38
C7 NAG E . 52.83 21.07 -5.86
C8 NAG E . 54.34 21.01 -5.70
N2 NAG E . 52.15 19.95 -5.67
O3 NAG E . 53.90 18.64 -3.75
O4 NAG E . 52.61 16.46 -2.35
O5 NAG E . 49.82 18.77 -3.05
O6 NAG E . 49.59 18.18 -0.53
O7 NAG E . 52.29 22.15 -6.15
C1 NAG F . 46.13 45.03 0.96
C2 NAG F . 45.21 45.05 -0.24
C3 NAG F . 44.10 43.98 -0.13
C4 NAG F . 44.66 42.60 0.30
C5 NAG F . 45.68 42.74 1.45
C6 NAG F . 46.40 41.44 1.75
C7 NAG F . 44.61 47.01 -1.51
C8 NAG F . 43.78 48.28 -1.61
N2 NAG F . 44.59 46.36 -0.35
O1 NAG F . 47.18 45.92 0.75
O3 NAG F . 43.45 43.85 -1.39
O4 NAG F . 43.57 41.76 0.73
O5 NAG F . 46.69 43.71 1.13
O6 NAG F . 47.46 41.62 2.67
O7 NAG F . 45.26 46.63 -2.48
C1 NAG F . 43.13 40.76 -0.12
C2 NAG F . 42.40 39.69 0.69
C3 NAG F . 41.80 38.64 -0.25
C4 NAG F . 40.95 39.28 -1.37
C5 NAG F . 41.76 40.40 -2.05
C6 NAG F . 40.96 41.20 -3.09
C7 NAG F . 43.03 38.97 2.90
C8 NAG F . 43.39 37.67 3.60
N2 NAG F . 43.32 39.05 1.60
O3 NAG F . 41.00 37.75 0.51
O4 NAG F . 40.60 38.27 -2.34
O5 NAG F . 42.23 41.36 -1.08
O6 NAG F . 41.77 42.19 -3.71
O7 NAG F . 42.49 39.88 3.52
C1 NAG F . 39.29 38.16 -2.84
C2 NAG F . 39.04 36.70 -3.28
C3 NAG F . 39.00 35.71 -2.08
C4 NAG F . 39.00 36.52 -0.76
C5 NAG F . 37.92 37.59 -0.88
C6 NAG F . 37.59 38.30 0.43
C7 NAG F . 37.86 36.84 -5.37
C8 NAG F . 36.77 37.73 -5.96
N2 NAG F . 37.82 36.60 -4.06
O3 NAG F . 40.13 34.86 -2.13
O4 NAG F . 38.85 35.71 0.43
O5 NAG F . 38.33 38.61 -1.84
O6 NAG F . 38.65 39.13 0.85
O7 NAG F . 38.74 36.39 -6.11
C1 NDG F . 38.00 34.62 0.43
C2 NDG F . 37.49 34.33 1.86
C3 NDG F . 38.45 33.49 2.71
C4 NDG F . 38.99 32.31 1.90
C5 NDG F . 39.65 32.84 0.63
C6 NDG F . 40.25 31.71 -0.18
C7 NDG F . 35.95 36.00 2.66
C8 NDG F . 35.66 37.04 3.73
O5 NDG F . 38.65 33.48 -0.19
O3 NDG F . 37.75 32.99 3.85
O4 NDG F . 39.94 31.57 2.67
O6 NDG F . 40.85 32.16 -1.39
O7 NDG F . 35.05 35.59 1.93
N2 NDG F . 37.21 35.57 2.54
C1 NAG G . -23.81 4.67 5.89
C2 NAG G . -22.81 3.52 5.86
C3 NAG G . -23.57 2.19 5.76
C4 NAG G . -24.56 2.07 6.94
C5 NAG G . -25.44 3.33 7.05
C6 NAG G . -26.23 3.31 8.35
C7 NAG G . -20.61 3.47 4.91
C8 NAG G . -19.85 2.80 3.76
N2 NAG G . -21.91 3.67 4.73
O3 NAG G . -22.64 1.12 5.80
O4 NAG G . -25.42 0.93 6.71
O5 NAG G . -24.63 4.53 7.06
O6 NAG G . -26.25 4.59 8.97
O7 NAG G . -20.00 3.80 5.93
C1 NAG G . -25.51 0.01 7.74
C2 NAG G . -26.90 -0.65 7.71
C3 NAG G . -26.98 -1.83 8.69
C4 NAG G . -25.82 -2.79 8.43
C5 NAG G . -24.50 -2.04 8.52
C6 NAG G . -23.30 -2.92 8.27
C7 NAG G . -28.89 0.63 7.22
C8 NAG G . -30.27 0.08 7.54
N2 NAG G . -27.90 0.34 8.06
O3 NAG G . -28.21 -2.50 8.54
O4 NAG G . -25.86 -3.85 9.39
O5 NAG G . -24.48 -0.98 7.53
O6 NAG G . -23.24 -3.35 6.92
O7 NAG G . -28.73 1.32 6.20
C1 NDG H . -33.31 8.33 -16.45
C2 NDG H . -32.70 9.72 -16.22
C3 NDG H . -31.19 9.64 -15.97
C4 NDG H . -30.85 8.59 -14.89
C5 NDG H . -31.52 7.25 -15.25
C6 NDG H . -31.30 6.18 -14.20
C7 NDG H . -33.69 11.68 -17.21
C8 NDG H . -33.48 12.78 -18.24
O5 NDG H . -32.95 7.43 -15.38
O3 NDG H . -30.71 10.92 -15.55
O4 NDG H . -29.43 8.42 -14.79
O6 NDG H . -32.11 5.05 -14.45
O7 NDG H . -34.50 11.84 -16.30
N2 NDG H . -32.97 10.56 -17.35
O1 NDG H . -32.84 7.80 -17.64
C1 NAG H . -28.81 8.85 -13.61
C2 NAG H . -27.47 8.12 -13.44
C3 NAG H . -26.74 8.66 -12.20
C4 NAG H . -26.62 10.21 -12.25
C5 NAG H . -28.02 10.82 -12.51
C6 NAG H . -28.01 12.32 -12.67
C7 NAG H . -27.31 5.86 -14.24
C8 NAG H . -26.84 4.48 -13.80
N2 NAG H . -27.70 6.70 -13.28
O3 NAG H . -25.46 8.07 -12.11
O4 NAG H . -26.10 10.68 -10.98
O5 NAG H . -28.60 10.26 -13.71
O6 NAG H . -29.34 12.84 -12.63
O7 NAG H . -27.30 6.16 -15.44
C1 NAG H . -25.21 11.75 -10.91
C2 NAG H . -24.53 11.72 -9.50
C3 NAG H . -23.61 10.48 -9.35
C4 NAG H . -23.62 9.70 -10.67
C5 NAG H . -23.19 10.67 -11.77
C6 NAG H . -22.90 10.02 -13.12
C7 NAG H . -24.32 13.86 -8.41
C8 NAG H . -23.55 15.16 -8.21
N2 NAG H . -23.80 12.95 -9.24
O3 NAG H . -24.11 9.66 -8.30
O4 NAG H . -22.82 8.50 -10.64
O5 NAG H . -24.23 11.68 -11.97
O6 NAG H . -24.07 9.43 -13.69
O7 NAG H . -25.38 13.69 -7.81
C1 NDG H . -21.56 8.52 -10.06
C2 NDG H . -20.62 7.55 -10.82
C3 NDG H . -20.83 6.07 -10.44
C4 NDG H . -20.95 5.89 -8.93
C5 NDG H . -22.05 6.82 -8.40
C6 NDG H . -22.24 6.68 -6.90
C7 NDG H . -19.88 8.25 -13.00
C8 NDG H . -19.69 7.69 -14.40
O5 NDG H . -21.68 8.19 -8.66
O3 NDG H . -19.73 5.30 -10.92
O4 NDG H . -21.25 4.55 -8.60
O6 NDG H . -23.28 7.51 -6.43
O7 NDG H . -19.16 9.17 -12.59
N2 NDG H . -20.83 7.71 -12.24
C1 NAG I . -23.66 -27.81 -8.98
C2 NAG I . -24.71 -28.88 -8.74
C3 NAG I . -25.93 -28.64 -9.64
C4 NAG I . -26.43 -27.18 -9.54
C5 NAG I . -25.26 -26.21 -9.75
C6 NAG I . -25.62 -24.74 -9.62
C7 NAG I . -24.40 -31.21 -8.22
C8 NAG I . -24.68 -32.54 -8.89
N2 NAG I . -24.15 -30.18 -9.02
O3 NAG I . -26.99 -29.53 -9.28
O4 NAG I . -27.43 -26.95 -10.55
O5 NAG I . -24.21 -26.50 -8.79
O6 NAG I . -25.75 -24.34 -8.26
O7 NAG I . -24.43 -31.12 -6.99
C1 NAG I . -28.68 -26.59 -10.10
C2 NAG I . -29.34 -25.66 -11.15
C3 NAG I . -30.85 -25.45 -10.85
C4 NAG I . -31.55 -26.78 -10.57
C5 NAG I . -30.79 -27.54 -9.48
C6 NAG I . -31.42 -28.88 -9.15
C7 NAG I . -27.96 -23.97 -12.17
C8 NAG I . -28.29 -22.59 -12.73
N2 NAG I . -28.66 -24.38 -11.12
O3 NAG I . -31.46 -24.81 -11.96
O4 NAG I . -32.88 -26.55 -10.14
O5 NAG I . -29.44 -27.79 -9.93
O6 NAG I . -31.59 -29.66 -10.31
O7 NAG I . -27.08 -24.64 -12.69
C1 NAG J . -11.23 -31.60 -29.72
C2 NAG J . -10.17 -31.25 -28.66
C3 NAG J . -10.30 -32.17 -27.44
C4 NAG J . -11.77 -32.25 -26.93
C5 NAG J . -12.75 -32.46 -28.10
C6 NAG J . -14.21 -32.35 -27.67
C7 NAG J . -8.05 -30.34 -29.39
C8 NAG J . -6.64 -30.59 -29.90
N2 NAG J . -8.84 -31.40 -29.24
O1 NAG J . -11.14 -30.70 -30.78
O3 NAG J . -9.47 -31.70 -26.40
O4 NAG J . -11.89 -33.35 -26.01
O5 NAG J . -12.53 -31.49 -29.14
O6 NAG J . -14.89 -31.33 -28.38
O7 NAG J . -8.42 -29.18 -29.15
C1 NAG J . -12.03 -33.05 -24.66
C2 NAG J . -12.66 -34.25 -23.93
C3 NAG J . -12.66 -34.04 -22.42
C4 NAG J . -11.27 -33.63 -21.90
C5 NAG J . -10.74 -32.45 -22.73
C6 NAG J . -9.32 -32.05 -22.35
C7 NAG J . -14.32 -35.48 -25.19
C8 NAG J . -15.02 -35.16 -26.50
N2 NAG J . -14.02 -34.45 -24.39
O3 NAG J . -13.09 -35.23 -21.78
O4 NAG J . -11.38 -33.28 -20.50
O5 NAG J . -10.72 -32.78 -24.13
O6 NAG J . -8.82 -31.05 -23.24
O7 NAG J . -14.05 -36.64 -24.90
C1 NAG J . -10.30 -33.45 -19.63
C2 NAG J . -10.79 -33.49 -18.18
C3 NAG J . -11.63 -34.73 -17.89
C4 NAG J . -11.73 -35.67 -19.12
C5 NAG J . -10.36 -35.89 -19.82
C6 NAG J . -10.47 -36.47 -21.22
C7 NAG J . -9.32 -32.28 -16.70
C8 NAG J . -8.25 -32.33 -15.63
N2 NAG J . -9.67 -33.43 -17.27
O3 NAG J . -12.94 -34.31 -17.50
O4 NAG J . -12.27 -36.97 -18.76
O5 NAG J . -9.59 -34.67 -19.94
O6 NAG J . -11.36 -37.58 -21.27
O7 NAG J . -9.83 -31.20 -17.00
C1 NDG J . -13.46 -37.12 -18.04
C2 NDG J . -13.97 -38.57 -18.23
C3 NDG J . -15.48 -38.62 -18.37
C4 NDG J . -16.12 -37.62 -17.41
C5 NDG J . -15.69 -36.19 -17.76
C6 NDG J . -15.47 -35.33 -16.53
C7 NDG J . -12.41 -40.12 -19.21
C8 NDG J . -12.00 -40.92 -20.44
O5 NDG J . -14.45 -36.19 -18.53
O3 NDG J . -15.94 -39.94 -18.10
O4 NDG J . -17.54 -37.74 -17.45
O6 NDG J . -16.09 -34.06 -16.67
O7 NDG J . -11.89 -40.36 -18.11
N2 NDG J . -13.34 -39.18 -19.38
C1 NAG K . -20.54 -11.99 20.55
C2 NAG K . -20.10 -10.53 20.38
C3 NAG K . -21.21 -9.59 20.86
C4 NAG K . -22.56 -9.94 20.21
C5 NAG K . -22.85 -11.43 20.40
C6 NAG K . -24.12 -11.89 19.70
C7 NAG K . -18.01 -9.39 20.73
C8 NAG K . -17.50 -8.40 21.77
N2 NAG K . -18.89 -10.30 21.14
O3 NAG K . -20.86 -8.24 20.57
O4 NAG K . -23.61 -9.16 20.79
O5 NAG K . -21.78 -12.22 19.87
O6 NAG K . -24.10 -13.30 19.47
O7 NAG K . -17.60 -9.33 19.57
C1 NAG K . -24.21 -8.23 19.96
C2 NAG K . -25.71 -8.17 20.24
C3 NAG K . -26.36 -7.13 19.32
C4 NAG K . -25.68 -5.78 19.54
C5 NAG K . -24.15 -5.89 19.37
C6 NAG K . -23.46 -4.60 19.79
C7 NAG K . -27.24 -9.91 20.89
C8 NAG K . -28.65 -10.03 20.36
N2 NAG K . -26.30 -9.47 20.05
O3 NAG K . -27.75 -7.03 19.62
O4 NAG K . -26.20 -4.84 18.59
O5 NAG K . -23.63 -6.94 20.22
O6 NAG K . -23.51 -4.43 21.20
O7 NAG K . -26.99 -10.19 22.07
C1 NAG L . -16.45 -16.92 44.11
C2 NAG L . -15.66 -18.06 43.45
C3 NAG L . -14.63 -17.49 42.46
C4 NAG L . -15.26 -16.46 41.50
C5 NAG L . -16.12 -15.43 42.28
C6 NAG L . -16.90 -14.49 41.39
C7 NAG L . -15.03 -20.18 44.42
C8 NAG L . -14.20 -20.95 45.45
N2 NAG L . -14.99 -18.85 44.47
O1 NAG L . -17.46 -17.47 44.91
O3 NAG L . -14.07 -18.55 41.71
O4 NAG L . -14.22 -15.76 40.79
O5 NAG L . -17.08 -16.12 43.10
O6 NAG L . -17.26 -13.31 42.09
O7 NAG L . -15.73 -20.80 43.62
C1 NAG L . -14.08 -16.05 39.44
C2 NAG L . -13.38 -14.88 38.73
C3 NAG L . -13.08 -15.23 37.27
C4 NAG L . -12.38 -16.60 37.11
C5 NAG L . -13.13 -17.67 37.94
C6 NAG L . -12.40 -19.01 37.98
C7 NAG L . -13.77 -12.56 39.28
C8 NAG L . -14.65 -11.33 39.13
N2 NAG L . -14.24 -13.71 38.78
O3 NAG L . -12.27 -14.20 36.70
O4 NAG L . -12.42 -16.96 35.71
O5 NAG L . -13.29 -17.23 39.32
O6 NAG L . -13.18 -20.00 38.65
O7 NAG L . -12.68 -12.47 39.83
C1 NAG L . -11.32 -17.58 35.08
C2 NAG L . -11.44 -17.36 33.55
C3 NAG L . -11.24 -15.87 33.17
C4 NAG L . -10.91 -15.07 34.44
C5 NAG L . -9.70 -15.74 35.10
C6 NAG L . -9.07 -14.94 36.24
C7 NAG L . -10.96 -19.35 32.29
C8 NAG L . -9.92 -20.34 31.78
N2 NAG L . -10.52 -18.20 32.82
O3 NAG L . -12.41 -15.37 32.55
O4 NAG L . -10.68 -13.65 34.21
O5 NAG L . -10.07 -17.06 35.62
O6 NAG L . -9.75 -15.18 37.46
O7 NAG L . -12.16 -19.63 32.20
C1 NDG L . -9.99 -13.26 33.09
C2 NDG L . -9.22 -11.93 33.34
C3 NDG L . -10.10 -10.67 33.20
C4 NDG L . -10.96 -10.77 31.93
C5 NDG L . -11.79 -12.05 32.00
C6 NDG L . -12.74 -12.19 30.84
C7 NDG L . -7.34 -12.12 34.83
C8 NDG L . -6.69 -11.45 36.02
O5 NDG L . -10.89 -13.18 31.96
O3 NDG L . -9.27 -9.52 33.11
O4 NDG L . -11.81 -9.63 31.80
O6 NDG L . -13.39 -13.46 30.85
O7 NDG L . -6.64 -12.77 34.04
N2 NDG L . -8.65 -11.96 34.68
#